data_6HAP
# 
_entry.id   6HAP 
# 
_audit_conform.dict_name       mmcif_pdbx.dic 
_audit_conform.dict_version    5.383 
_audit_conform.dict_location   http://mmcif.pdb.org/dictionaries/ascii/mmcif_pdbx.dic 
# 
loop_
_database_2.database_id 
_database_2.database_code 
_database_2.pdbx_database_accession 
_database_2.pdbx_DOI 
PDB   6HAP         pdb_00006hap 10.2210/pdb6hap/pdb 
WWPDB D_1200011366 ?            ?                   
# 
loop_
_pdbx_audit_revision_history.ordinal 
_pdbx_audit_revision_history.data_content_type 
_pdbx_audit_revision_history.major_revision 
_pdbx_audit_revision_history.minor_revision 
_pdbx_audit_revision_history.revision_date 
1 'Structure model' 1 0 2019-08-28 
2 'Structure model' 1 1 2024-01-17 
# 
_pdbx_audit_revision_details.ordinal             1 
_pdbx_audit_revision_details.revision_ordinal    1 
_pdbx_audit_revision_details.data_content_type   'Structure model' 
_pdbx_audit_revision_details.provider            repository 
_pdbx_audit_revision_details.type                'Initial release' 
_pdbx_audit_revision_details.description         ? 
_pdbx_audit_revision_details.details             ? 
# 
loop_
_pdbx_audit_revision_group.ordinal 
_pdbx_audit_revision_group.revision_ordinal 
_pdbx_audit_revision_group.data_content_type 
_pdbx_audit_revision_group.group 
1 2 'Structure model' 'Data collection'        
2 2 'Structure model' 'Database references'    
3 2 'Structure model' 'Refinement description' 
# 
loop_
_pdbx_audit_revision_category.ordinal 
_pdbx_audit_revision_category.revision_ordinal 
_pdbx_audit_revision_category.data_content_type 
_pdbx_audit_revision_category.category 
1 2 'Structure model' chem_comp_atom                
2 2 'Structure model' chem_comp_bond                
3 2 'Structure model' database_2                    
4 2 'Structure model' pdbx_initial_refinement_model 
# 
loop_
_pdbx_audit_revision_item.ordinal 
_pdbx_audit_revision_item.revision_ordinal 
_pdbx_audit_revision_item.data_content_type 
_pdbx_audit_revision_item.item 
1 2 'Structure model' '_database_2.pdbx_DOI'                
2 2 'Structure model' '_database_2.pdbx_database_accession' 
# 
_pdbx_database_status.status_code                     REL 
_pdbx_database_status.status_code_sf                  REL 
_pdbx_database_status.status_code_mr                  ? 
_pdbx_database_status.entry_id                        6HAP 
_pdbx_database_status.recvd_initial_deposition_date   2018-08-08 
_pdbx_database_status.SG_entry                        N 
_pdbx_database_status.deposit_site                    PDBE 
_pdbx_database_status.process_site                    PDBE 
_pdbx_database_status.status_code_cs                  ? 
_pdbx_database_status.methods_development_category    ? 
_pdbx_database_status.pdb_format_compatible           Y 
_pdbx_database_status.status_code_nmr_data            ? 
# 
_pdbx_database_related.db_name        PDB 
_pdbx_database_related.details        . 
_pdbx_database_related.db_id          6HMA 
_pdbx_database_related.content_type   unspecified 
# 
loop_
_audit_author.name 
_audit_author.pdbx_ordinal 
_audit_author.identifier_ORCID 
'Kantaev, R.'     1 ? 
'Inbal, R.'       2 ? 
'Goldenzweig, A.' 3 ? 
'Barak, Y.'       4 ? 
'Dym, O.'         5 ? 
'Peleg, Y.'       6 ? 
'Albek, S.'       7 ? 
'Fleishman, S.J.' 8 ? 
'Haran, G.'       9 ? 
# 
_citation.abstract                  ? 
_citation.abstract_id_CAS           ? 
_citation.book_id_ISBN              ? 
_citation.book_publisher            ? 
_citation.book_publisher_city       ? 
_citation.book_title                ? 
_citation.coordinate_linkage        ? 
_citation.country                   US 
_citation.database_id_Medline       ? 
_citation.details                   ? 
_citation.id                        primary 
_citation.journal_abbrev            J.Phys.Chem.B 
_citation.journal_id_ASTM           JPCBFK 
_citation.journal_id_CSD            1278 
_citation.journal_id_ISSN           1089-5647 
_citation.journal_full              ? 
_citation.journal_issue             ? 
_citation.journal_volume            122 
_citation.language                  ? 
_citation.page_first                11030 
_citation.page_last                 11038 
_citation.title                     'Manipulating the Folding Landscape of a Multidomain Protein.' 
_citation.year                      2018 
_citation.database_id_CSD           ? 
_citation.pdbx_database_id_DOI      10.1021/acs.jpcb.8b04834 
_citation.pdbx_database_id_PubMed   30088929 
_citation.unpublished_flag          ? 
# 
loop_
_citation_author.citation_id 
_citation_author.name 
_citation_author.ordinal 
_citation_author.identifier_ORCID 
primary 'Kantaev, R.'     1 ?                   
primary 'Riven, I.'       2 ?                   
primary 'Goldenzweig, A.' 3 ?                   
primary 'Barak, Y.'       4 ?                   
primary 'Dym, O.'         5 ?                   
primary 'Peleg, Y.'       6 ?                   
primary 'Albeck, S.'      7 ?                   
primary 'Fleishman, S.J.' 8 0000-0003-3177-7560 
primary 'Haran, G.'       9 0000-0003-1837-9779 
# 
loop_
_entity.id 
_entity.type 
_entity.src_method 
_entity.pdbx_description 
_entity.formula_weight 
_entity.pdbx_number_of_molecules 
_entity.pdbx_ec 
_entity.pdbx_mutation 
_entity.pdbx_fragment 
_entity.details 
1 polymer     man 'Adenylate kinase'                 23696.107 1 2.7.4.3 ? ? ? 
2 non-polymer syn "BIS(ADENOSINE)-5'-PENTAPHOSPHATE" 916.367   1 ?       ? ? ? 
# 
_entity_name_com.entity_id   1 
_entity_name_com.name        'AK,ATP-AMP transphosphorylase,ATP:AMP phosphotransferase,Adenylate monophosphate kinase' 
# 
_entity_poly.entity_id                      1 
_entity_poly.type                           'polypeptide(L)' 
_entity_poly.nstd_linkage                   no 
_entity_poly.nstd_monomer                   no 
_entity_poly.pdbx_seq_one_letter_code       
;MRIILLGAPGAGKGTQAQFIMEKYGIPQISTGDMLRAAVKSGSELGKQAKDIMDAGKLVTDELVIALVRERICQEDSRNG
FLLDGFPRTIPQADAMKEAGINVDYVLEFDVPDELIVDRIVGRRVHAPSGRVYHVKFNPPKVEGKDDVTGEELTTRKDDQ
EETVRKRLVEYHQMTAPLIGYYSKEAEAGNTKYAKVDGTKPVCEVRADLEKILG
;
_entity_poly.pdbx_seq_one_letter_code_can   
;MRIILLGAPGAGKGTQAQFIMEKYGIPQISTGDMLRAAVKSGSELGKQAKDIMDAGKLVTDELVIALVRERICQEDSRNG
FLLDGFPRTIPQADAMKEAGINVDYVLEFDVPDELIVDRIVGRRVHAPSGRVYHVKFNPPKVEGKDDVTGEELTTRKDDQ
EETVRKRLVEYHQMTAPLIGYYSKEAEAGNTKYAKVDGTKPVCEVRADLEKILG
;
_entity_poly.pdbx_strand_id                 A 
_entity_poly.pdbx_target_identifier         ? 
# 
_pdbx_entity_nonpoly.entity_id   2 
_pdbx_entity_nonpoly.name        "BIS(ADENOSINE)-5'-PENTAPHOSPHATE" 
_pdbx_entity_nonpoly.comp_id     AP5 
# 
loop_
_entity_poly_seq.entity_id 
_entity_poly_seq.num 
_entity_poly_seq.mon_id 
_entity_poly_seq.hetero 
1 1   MET n 
1 2   ARG n 
1 3   ILE n 
1 4   ILE n 
1 5   LEU n 
1 6   LEU n 
1 7   GLY n 
1 8   ALA n 
1 9   PRO n 
1 10  GLY n 
1 11  ALA n 
1 12  GLY n 
1 13  LYS n 
1 14  GLY n 
1 15  THR n 
1 16  GLN n 
1 17  ALA n 
1 18  GLN n 
1 19  PHE n 
1 20  ILE n 
1 21  MET n 
1 22  GLU n 
1 23  LYS n 
1 24  TYR n 
1 25  GLY n 
1 26  ILE n 
1 27  PRO n 
1 28  GLN n 
1 29  ILE n 
1 30  SER n 
1 31  THR n 
1 32  GLY n 
1 33  ASP n 
1 34  MET n 
1 35  LEU n 
1 36  ARG n 
1 37  ALA n 
1 38  ALA n 
1 39  VAL n 
1 40  LYS n 
1 41  SER n 
1 42  GLY n 
1 43  SER n 
1 44  GLU n 
1 45  LEU n 
1 46  GLY n 
1 47  LYS n 
1 48  GLN n 
1 49  ALA n 
1 50  LYS n 
1 51  ASP n 
1 52  ILE n 
1 53  MET n 
1 54  ASP n 
1 55  ALA n 
1 56  GLY n 
1 57  LYS n 
1 58  LEU n 
1 59  VAL n 
1 60  THR n 
1 61  ASP n 
1 62  GLU n 
1 63  LEU n 
1 64  VAL n 
1 65  ILE n 
1 66  ALA n 
1 67  LEU n 
1 68  VAL n 
1 69  ARG n 
1 70  GLU n 
1 71  ARG n 
1 72  ILE n 
1 73  CYS n 
1 74  GLN n 
1 75  GLU n 
1 76  ASP n 
1 77  SER n 
1 78  ARG n 
1 79  ASN n 
1 80  GLY n 
1 81  PHE n 
1 82  LEU n 
1 83  LEU n 
1 84  ASP n 
1 85  GLY n 
1 86  PHE n 
1 87  PRO n 
1 88  ARG n 
1 89  THR n 
1 90  ILE n 
1 91  PRO n 
1 92  GLN n 
1 93  ALA n 
1 94  ASP n 
1 95  ALA n 
1 96  MET n 
1 97  LYS n 
1 98  GLU n 
1 99  ALA n 
1 100 GLY n 
1 101 ILE n 
1 102 ASN n 
1 103 VAL n 
1 104 ASP n 
1 105 TYR n 
1 106 VAL n 
1 107 LEU n 
1 108 GLU n 
1 109 PHE n 
1 110 ASP n 
1 111 VAL n 
1 112 PRO n 
1 113 ASP n 
1 114 GLU n 
1 115 LEU n 
1 116 ILE n 
1 117 VAL n 
1 118 ASP n 
1 119 ARG n 
1 120 ILE n 
1 121 VAL n 
1 122 GLY n 
1 123 ARG n 
1 124 ARG n 
1 125 VAL n 
1 126 HIS n 
1 127 ALA n 
1 128 PRO n 
1 129 SER n 
1 130 GLY n 
1 131 ARG n 
1 132 VAL n 
1 133 TYR n 
1 134 HIS n 
1 135 VAL n 
1 136 LYS n 
1 137 PHE n 
1 138 ASN n 
1 139 PRO n 
1 140 PRO n 
1 141 LYS n 
1 142 VAL n 
1 143 GLU n 
1 144 GLY n 
1 145 LYS n 
1 146 ASP n 
1 147 ASP n 
1 148 VAL n 
1 149 THR n 
1 150 GLY n 
1 151 GLU n 
1 152 GLU n 
1 153 LEU n 
1 154 THR n 
1 155 THR n 
1 156 ARG n 
1 157 LYS n 
1 158 ASP n 
1 159 ASP n 
1 160 GLN n 
1 161 GLU n 
1 162 GLU n 
1 163 THR n 
1 164 VAL n 
1 165 ARG n 
1 166 LYS n 
1 167 ARG n 
1 168 LEU n 
1 169 VAL n 
1 170 GLU n 
1 171 TYR n 
1 172 HIS n 
1 173 GLN n 
1 174 MET n 
1 175 THR n 
1 176 ALA n 
1 177 PRO n 
1 178 LEU n 
1 179 ILE n 
1 180 GLY n 
1 181 TYR n 
1 182 TYR n 
1 183 SER n 
1 184 LYS n 
1 185 GLU n 
1 186 ALA n 
1 187 GLU n 
1 188 ALA n 
1 189 GLY n 
1 190 ASN n 
1 191 THR n 
1 192 LYS n 
1 193 TYR n 
1 194 ALA n 
1 195 LYS n 
1 196 VAL n 
1 197 ASP n 
1 198 GLY n 
1 199 THR n 
1 200 LYS n 
1 201 PRO n 
1 202 VAL n 
1 203 CYS n 
1 204 GLU n 
1 205 VAL n 
1 206 ARG n 
1 207 ALA n 
1 208 ASP n 
1 209 LEU n 
1 210 GLU n 
1 211 LYS n 
1 212 ILE n 
1 213 LEU n 
1 214 GLY n 
# 
_entity_src_gen.entity_id                          1 
_entity_src_gen.pdbx_src_id                        1 
_entity_src_gen.pdbx_alt_source_flag               sample 
_entity_src_gen.pdbx_seq_type                      'Biological sequence' 
_entity_src_gen.pdbx_beg_seq_num                   1 
_entity_src_gen.pdbx_end_seq_num                   214 
_entity_src_gen.gene_src_common_name               ? 
_entity_src_gen.gene_src_genus                     ? 
_entity_src_gen.pdbx_gene_src_gene                 'adk, EcE24377A_0513' 
_entity_src_gen.gene_src_species                   ? 
_entity_src_gen.gene_src_strain                    'E24377A / ETEC' 
_entity_src_gen.gene_src_tissue                    ? 
_entity_src_gen.gene_src_tissue_fraction           ? 
_entity_src_gen.gene_src_details                   ? 
_entity_src_gen.pdbx_gene_src_fragment             ? 
_entity_src_gen.pdbx_gene_src_scientific_name      'Escherichia coli O139:H28 (strain E24377A / ETEC)' 
_entity_src_gen.pdbx_gene_src_ncbi_taxonomy_id     331111 
_entity_src_gen.pdbx_gene_src_variant              ? 
_entity_src_gen.pdbx_gene_src_cell_line            ? 
_entity_src_gen.pdbx_gene_src_atcc                 ? 
_entity_src_gen.pdbx_gene_src_organ                ? 
_entity_src_gen.pdbx_gene_src_organelle            ? 
_entity_src_gen.pdbx_gene_src_cell                 ? 
_entity_src_gen.pdbx_gene_src_cellular_location    ? 
_entity_src_gen.host_org_common_name               ? 
_entity_src_gen.pdbx_host_org_scientific_name      'Escherichia coli-Pichia pastoris shuttle vector pPpARG4' 
_entity_src_gen.pdbx_host_org_ncbi_taxonomy_id     1182032 
_entity_src_gen.host_org_genus                     ? 
_entity_src_gen.pdbx_host_org_gene                 ? 
_entity_src_gen.pdbx_host_org_organ                ? 
_entity_src_gen.host_org_species                   ? 
_entity_src_gen.pdbx_host_org_tissue               ? 
_entity_src_gen.pdbx_host_org_tissue_fraction      ? 
_entity_src_gen.pdbx_host_org_strain               ? 
_entity_src_gen.pdbx_host_org_variant              ? 
_entity_src_gen.pdbx_host_org_cell_line            ? 
_entity_src_gen.pdbx_host_org_atcc                 ? 
_entity_src_gen.pdbx_host_org_culture_collection   ? 
_entity_src_gen.pdbx_host_org_cell                 ? 
_entity_src_gen.pdbx_host_org_organelle            ? 
_entity_src_gen.pdbx_host_org_cellular_location    ? 
_entity_src_gen.pdbx_host_org_vector_type          ? 
_entity_src_gen.pdbx_host_org_vector               ? 
_entity_src_gen.host_org_details                   ? 
_entity_src_gen.expression_system_id               ? 
_entity_src_gen.plasmid_name                       ? 
_entity_src_gen.plasmid_details                    ? 
_entity_src_gen.pdbx_description                   ? 
# 
loop_
_chem_comp.id 
_chem_comp.type 
_chem_comp.mon_nstd_flag 
_chem_comp.name 
_chem_comp.pdbx_synonyms 
_chem_comp.formula 
_chem_comp.formula_weight 
ALA 'L-peptide linking' y ALANINE                            ? 'C3 H7 N O2'         89.093  
AP5 non-polymer         . "BIS(ADENOSINE)-5'-PENTAPHOSPHATE" ? 'C20 H29 N10 O22 P5' 916.367 
ARG 'L-peptide linking' y ARGININE                           ? 'C6 H15 N4 O2 1'     175.209 
ASN 'L-peptide linking' y ASPARAGINE                         ? 'C4 H8 N2 O3'        132.118 
ASP 'L-peptide linking' y 'ASPARTIC ACID'                    ? 'C4 H7 N O4'         133.103 
CYS 'L-peptide linking' y CYSTEINE                           ? 'C3 H7 N O2 S'       121.158 
GLN 'L-peptide linking' y GLUTAMINE                          ? 'C5 H10 N2 O3'       146.144 
GLU 'L-peptide linking' y 'GLUTAMIC ACID'                    ? 'C5 H9 N O4'         147.129 
GLY 'peptide linking'   y GLYCINE                            ? 'C2 H5 N O2'         75.067  
HIS 'L-peptide linking' y HISTIDINE                          ? 'C6 H10 N3 O2 1'     156.162 
ILE 'L-peptide linking' y ISOLEUCINE                         ? 'C6 H13 N O2'        131.173 
LEU 'L-peptide linking' y LEUCINE                            ? 'C6 H13 N O2'        131.173 
LYS 'L-peptide linking' y LYSINE                             ? 'C6 H15 N2 O2 1'     147.195 
MET 'L-peptide linking' y METHIONINE                         ? 'C5 H11 N O2 S'      149.211 
PHE 'L-peptide linking' y PHENYLALANINE                      ? 'C9 H11 N O2'        165.189 
PRO 'L-peptide linking' y PROLINE                            ? 'C5 H9 N O2'         115.130 
SER 'L-peptide linking' y SERINE                             ? 'C3 H7 N O3'         105.093 
THR 'L-peptide linking' y THREONINE                          ? 'C4 H9 N O3'         119.119 
TYR 'L-peptide linking' y TYROSINE                           ? 'C9 H11 N O3'        181.189 
VAL 'L-peptide linking' y VALINE                             ? 'C5 H11 N O2'        117.146 
# 
loop_
_pdbx_poly_seq_scheme.asym_id 
_pdbx_poly_seq_scheme.entity_id 
_pdbx_poly_seq_scheme.seq_id 
_pdbx_poly_seq_scheme.mon_id 
_pdbx_poly_seq_scheme.ndb_seq_num 
_pdbx_poly_seq_scheme.pdb_seq_num 
_pdbx_poly_seq_scheme.auth_seq_num 
_pdbx_poly_seq_scheme.pdb_mon_id 
_pdbx_poly_seq_scheme.auth_mon_id 
_pdbx_poly_seq_scheme.pdb_strand_id 
_pdbx_poly_seq_scheme.pdb_ins_code 
_pdbx_poly_seq_scheme.hetero 
A 1 1   MET 1   1   1   MET MET A . n 
A 1 2   ARG 2   2   2   ARG ARG A . n 
A 1 3   ILE 3   3   3   ILE ILE A . n 
A 1 4   ILE 4   4   4   ILE ILE A . n 
A 1 5   LEU 5   5   5   LEU LEU A . n 
A 1 6   LEU 6   6   6   LEU LEU A . n 
A 1 7   GLY 7   7   7   GLY GLY A . n 
A 1 8   ALA 8   8   8   ALA ALA A . n 
A 1 9   PRO 9   9   9   PRO PRO A . n 
A 1 10  GLY 10  10  10  GLY GLY A . n 
A 1 11  ALA 11  11  11  ALA ALA A . n 
A 1 12  GLY 12  12  12  GLY GLY A . n 
A 1 13  LYS 13  13  13  LYS LYS A . n 
A 1 14  GLY 14  14  14  GLY GLY A . n 
A 1 15  THR 15  15  15  THR THR A . n 
A 1 16  GLN 16  16  16  GLN GLN A . n 
A 1 17  ALA 17  17  17  ALA ALA A . n 
A 1 18  GLN 18  18  18  GLN GLN A . n 
A 1 19  PHE 19  19  19  PHE PHE A . n 
A 1 20  ILE 20  20  20  ILE ILE A . n 
A 1 21  MET 21  21  21  MET MET A . n 
A 1 22  GLU 22  22  22  GLU GLU A . n 
A 1 23  LYS 23  23  23  LYS LYS A . n 
A 1 24  TYR 24  24  24  TYR TYR A . n 
A 1 25  GLY 25  25  25  GLY GLY A . n 
A 1 26  ILE 26  26  26  ILE ILE A . n 
A 1 27  PRO 27  27  27  PRO PRO A . n 
A 1 28  GLN 28  28  28  GLN GLN A . n 
A 1 29  ILE 29  29  29  ILE ILE A . n 
A 1 30  SER 30  30  30  SER SER A . n 
A 1 31  THR 31  31  31  THR THR A . n 
A 1 32  GLY 32  32  32  GLY GLY A . n 
A 1 33  ASP 33  33  33  ASP ASP A . n 
A 1 34  MET 34  34  34  MET MET A . n 
A 1 35  LEU 35  35  35  LEU LEU A . n 
A 1 36  ARG 36  36  36  ARG ARG A . n 
A 1 37  ALA 37  37  37  ALA ALA A . n 
A 1 38  ALA 38  38  38  ALA ALA A . n 
A 1 39  VAL 39  39  39  VAL VAL A . n 
A 1 40  LYS 40  40  40  LYS LYS A . n 
A 1 41  SER 41  41  41  SER SER A . n 
A 1 42  GLY 42  42  42  GLY GLY A . n 
A 1 43  SER 43  43  43  SER SER A . n 
A 1 44  GLU 44  44  44  GLU GLU A . n 
A 1 45  LEU 45  45  45  LEU LEU A . n 
A 1 46  GLY 46  46  46  GLY GLY A . n 
A 1 47  LYS 47  47  47  LYS LYS A . n 
A 1 48  GLN 48  48  48  GLN GLN A . n 
A 1 49  ALA 49  49  49  ALA ALA A . n 
A 1 50  LYS 50  50  50  LYS LYS A . n 
A 1 51  ASP 51  51  51  ASP ASP A . n 
A 1 52  ILE 52  52  52  ILE ILE A . n 
A 1 53  MET 53  53  53  MET MET A . n 
A 1 54  ASP 54  54  54  ASP ASP A . n 
A 1 55  ALA 55  55  55  ALA ALA A . n 
A 1 56  GLY 56  56  56  GLY GLY A . n 
A 1 57  LYS 57  57  57  LYS LYS A . n 
A 1 58  LEU 58  58  58  LEU LEU A . n 
A 1 59  VAL 59  59  59  VAL VAL A . n 
A 1 60  THR 60  60  60  THR THR A . n 
A 1 61  ASP 61  61  61  ASP ASP A . n 
A 1 62  GLU 62  62  62  GLU GLU A . n 
A 1 63  LEU 63  63  63  LEU LEU A . n 
A 1 64  VAL 64  64  64  VAL VAL A . n 
A 1 65  ILE 65  65  65  ILE ILE A . n 
A 1 66  ALA 66  66  66  ALA ALA A . n 
A 1 67  LEU 67  67  67  LEU LEU A . n 
A 1 68  VAL 68  68  68  VAL VAL A . n 
A 1 69  ARG 69  69  69  ARG ARG A . n 
A 1 70  GLU 70  70  70  GLU GLU A . n 
A 1 71  ARG 71  71  71  ARG ARG A . n 
A 1 72  ILE 72  72  72  ILE ILE A . n 
A 1 73  CYS 73  73  73  CYS CYS A . n 
A 1 74  GLN 74  74  74  GLN GLN A . n 
A 1 75  GLU 75  75  75  GLU GLU A . n 
A 1 76  ASP 76  76  76  ASP ASP A . n 
A 1 77  SER 77  77  77  SER SER A . n 
A 1 78  ARG 78  78  78  ARG ARG A . n 
A 1 79  ASN 79  79  79  ASN ASN A . n 
A 1 80  GLY 80  80  80  GLY GLY A . n 
A 1 81  PHE 81  81  81  PHE PHE A . n 
A 1 82  LEU 82  82  82  LEU LEU A . n 
A 1 83  LEU 83  83  83  LEU LEU A . n 
A 1 84  ASP 84  84  84  ASP ASP A . n 
A 1 85  GLY 85  85  85  GLY GLY A . n 
A 1 86  PHE 86  86  86  PHE PHE A . n 
A 1 87  PRO 87  87  87  PRO PRO A . n 
A 1 88  ARG 88  88  88  ARG ARG A . n 
A 1 89  THR 89  89  89  THR THR A . n 
A 1 90  ILE 90  90  90  ILE ILE A . n 
A 1 91  PRO 91  91  91  PRO PRO A . n 
A 1 92  GLN 92  92  92  GLN GLN A . n 
A 1 93  ALA 93  93  93  ALA ALA A . n 
A 1 94  ASP 94  94  94  ASP ASP A . n 
A 1 95  ALA 95  95  95  ALA ALA A . n 
A 1 96  MET 96  96  96  MET MET A . n 
A 1 97  LYS 97  97  97  LYS LYS A . n 
A 1 98  GLU 98  98  98  GLU GLU A . n 
A 1 99  ALA 99  99  99  ALA ALA A . n 
A 1 100 GLY 100 100 100 GLY GLY A . n 
A 1 101 ILE 101 101 101 ILE ILE A . n 
A 1 102 ASN 102 102 102 ASN ASN A . n 
A 1 103 VAL 103 103 103 VAL VAL A . n 
A 1 104 ASP 104 104 104 ASP ASP A . n 
A 1 105 TYR 105 105 105 TYR TYR A . n 
A 1 106 VAL 106 106 106 VAL VAL A . n 
A 1 107 LEU 107 107 107 LEU LEU A . n 
A 1 108 GLU 108 108 108 GLU GLU A . n 
A 1 109 PHE 109 109 109 PHE PHE A . n 
A 1 110 ASP 110 110 110 ASP ASP A . n 
A 1 111 VAL 111 111 111 VAL VAL A . n 
A 1 112 PRO 112 112 112 PRO PRO A . n 
A 1 113 ASP 113 113 113 ASP ASP A . n 
A 1 114 GLU 114 114 114 GLU GLU A . n 
A 1 115 LEU 115 115 115 LEU LEU A . n 
A 1 116 ILE 116 116 116 ILE ILE A . n 
A 1 117 VAL 117 117 117 VAL VAL A . n 
A 1 118 ASP 118 118 118 ASP ASP A . n 
A 1 119 ARG 119 119 119 ARG ARG A . n 
A 1 120 ILE 120 120 120 ILE ILE A . n 
A 1 121 VAL 121 121 121 VAL VAL A . n 
A 1 122 GLY 122 122 122 GLY GLY A . n 
A 1 123 ARG 123 123 123 ARG ARG A . n 
A 1 124 ARG 124 124 124 ARG ARG A . n 
A 1 125 VAL 125 125 125 VAL VAL A . n 
A 1 126 HIS 126 126 126 HIS HIS A . n 
A 1 127 ALA 127 127 127 ALA ALA A . n 
A 1 128 PRO 128 128 128 PRO PRO A . n 
A 1 129 SER 129 129 129 SER SER A . n 
A 1 130 GLY 130 130 130 GLY GLY A . n 
A 1 131 ARG 131 131 131 ARG ARG A . n 
A 1 132 VAL 132 132 132 VAL VAL A . n 
A 1 133 TYR 133 133 133 TYR TYR A . n 
A 1 134 HIS 134 134 134 HIS HIS A . n 
A 1 135 VAL 135 135 135 VAL VAL A . n 
A 1 136 LYS 136 136 136 LYS LYS A . n 
A 1 137 PHE 137 137 137 PHE PHE A . n 
A 1 138 ASN 138 138 138 ASN ASN A . n 
A 1 139 PRO 139 139 139 PRO PRO A . n 
A 1 140 PRO 140 140 140 PRO PRO A . n 
A 1 141 LYS 141 141 141 LYS LYS A . n 
A 1 142 VAL 142 142 142 VAL VAL A . n 
A 1 143 GLU 143 143 143 GLU GLU A . n 
A 1 144 GLY 144 144 144 GLY GLY A . n 
A 1 145 LYS 145 145 145 LYS LYS A . n 
A 1 146 ASP 146 146 146 ASP ASP A . n 
A 1 147 ASP 147 147 147 ASP ASP A . n 
A 1 148 VAL 148 148 148 VAL VAL A . n 
A 1 149 THR 149 149 149 THR THR A . n 
A 1 150 GLY 150 150 150 GLY GLY A . n 
A 1 151 GLU 151 151 151 GLU GLU A . n 
A 1 152 GLU 152 152 152 GLU GLU A . n 
A 1 153 LEU 153 153 153 LEU LEU A . n 
A 1 154 THR 154 154 154 THR THR A . n 
A 1 155 THR 155 155 155 THR THR A . n 
A 1 156 ARG 156 156 156 ARG ARG A . n 
A 1 157 LYS 157 157 157 LYS LYS A . n 
A 1 158 ASP 158 158 158 ASP ASP A . n 
A 1 159 ASP 159 159 159 ASP ASP A . n 
A 1 160 GLN 160 160 160 GLN GLN A . n 
A 1 161 GLU 161 161 161 GLU GLU A . n 
A 1 162 GLU 162 162 162 GLU GLU A . n 
A 1 163 THR 163 163 163 THR THR A . n 
A 1 164 VAL 164 164 164 VAL VAL A . n 
A 1 165 ARG 165 165 165 ARG ARG A . n 
A 1 166 LYS 166 166 166 LYS LYS A . n 
A 1 167 ARG 167 167 167 ARG ARG A . n 
A 1 168 LEU 168 168 168 LEU LEU A . n 
A 1 169 VAL 169 169 169 VAL VAL A . n 
A 1 170 GLU 170 170 170 GLU GLU A . n 
A 1 171 TYR 171 171 171 TYR TYR A . n 
A 1 172 HIS 172 172 172 HIS HIS A . n 
A 1 173 GLN 173 173 173 GLN GLN A . n 
A 1 174 MET 174 174 174 MET MET A . n 
A 1 175 THR 175 175 175 THR THR A . n 
A 1 176 ALA 176 176 176 ALA ALA A . n 
A 1 177 PRO 177 177 177 PRO PRO A . n 
A 1 178 LEU 178 178 178 LEU LEU A . n 
A 1 179 ILE 179 179 179 ILE ILE A . n 
A 1 180 GLY 180 180 180 GLY GLY A . n 
A 1 181 TYR 181 181 181 TYR TYR A . n 
A 1 182 TYR 182 182 182 TYR TYR A . n 
A 1 183 SER 183 183 183 SER SER A . n 
A 1 184 LYS 184 184 184 LYS LYS A . n 
A 1 185 GLU 185 185 185 GLU GLU A . n 
A 1 186 ALA 186 186 186 ALA ALA A . n 
A 1 187 GLU 187 187 187 GLU GLU A . n 
A 1 188 ALA 188 188 188 ALA ALA A . n 
A 1 189 GLY 189 189 189 GLY GLY A . n 
A 1 190 ASN 190 190 190 ASN ASN A . n 
A 1 191 THR 191 191 191 THR THR A . n 
A 1 192 LYS 192 192 192 LYS LYS A . n 
A 1 193 TYR 193 193 193 TYR TYR A . n 
A 1 194 ALA 194 194 194 ALA ALA A . n 
A 1 195 LYS 195 195 195 LYS LYS A . n 
A 1 196 VAL 196 196 196 VAL VAL A . n 
A 1 197 ASP 197 197 197 ASP ASP A . n 
A 1 198 GLY 198 198 198 GLY GLY A . n 
A 1 199 THR 199 199 199 THR THR A . n 
A 1 200 LYS 200 200 200 LYS LYS A . n 
A 1 201 PRO 201 201 201 PRO PRO A . n 
A 1 202 VAL 202 202 202 VAL VAL A . n 
A 1 203 CYS 203 203 203 CYS CYS A . n 
A 1 204 GLU 204 204 204 GLU GLU A . n 
A 1 205 VAL 205 205 205 VAL VAL A . n 
A 1 206 ARG 206 206 206 ARG ARG A . n 
A 1 207 ALA 207 207 207 ALA ALA A . n 
A 1 208 ASP 208 208 208 ASP ASP A . n 
A 1 209 LEU 209 209 209 LEU LEU A . n 
A 1 210 GLU 210 210 210 GLU GLU A . n 
A 1 211 LYS 211 211 211 LYS LYS A . n 
A 1 212 ILE 212 212 212 ILE ILE A . n 
A 1 213 LEU 213 213 213 LEU LEU A . n 
A 1 214 GLY 214 214 214 GLY GLY A . n 
# 
_pdbx_nonpoly_scheme.asym_id         B 
_pdbx_nonpoly_scheme.entity_id       2 
_pdbx_nonpoly_scheme.mon_id          AP5 
_pdbx_nonpoly_scheme.ndb_seq_num     1 
_pdbx_nonpoly_scheme.pdb_seq_num     301 
_pdbx_nonpoly_scheme.auth_seq_num    215 
_pdbx_nonpoly_scheme.pdb_mon_id      AP5 
_pdbx_nonpoly_scheme.auth_mon_id     AP5 
_pdbx_nonpoly_scheme.pdb_strand_id   A 
_pdbx_nonpoly_scheme.pdb_ins_code    . 
# 
loop_
_pdbx_unobs_or_zero_occ_atoms.id 
_pdbx_unobs_or_zero_occ_atoms.PDB_model_num 
_pdbx_unobs_or_zero_occ_atoms.polymer_flag 
_pdbx_unobs_or_zero_occ_atoms.occupancy_flag 
_pdbx_unobs_or_zero_occ_atoms.auth_asym_id 
_pdbx_unobs_or_zero_occ_atoms.auth_comp_id 
_pdbx_unobs_or_zero_occ_atoms.auth_seq_id 
_pdbx_unobs_or_zero_occ_atoms.PDB_ins_code 
_pdbx_unobs_or_zero_occ_atoms.auth_atom_id 
_pdbx_unobs_or_zero_occ_atoms.label_alt_id 
_pdbx_unobs_or_zero_occ_atoms.label_asym_id 
_pdbx_unobs_or_zero_occ_atoms.label_comp_id 
_pdbx_unobs_or_zero_occ_atoms.label_seq_id 
_pdbx_unobs_or_zero_occ_atoms.label_atom_id 
1  1 Y 1 A ARG 2   ? NE  ? A ARG 2   NE  
2  1 Y 1 A ARG 2   ? CZ  ? A ARG 2   CZ  
3  1 Y 1 A ARG 2   ? NH1 ? A ARG 2   NH1 
4  1 Y 1 A ARG 2   ? NH2 ? A ARG 2   NH2 
5  1 Y 1 A GLN 18  ? CG  ? A GLN 18  CG  
6  1 Y 1 A GLN 18  ? CD  ? A GLN 18  CD  
7  1 Y 1 A GLN 18  ? OE1 ? A GLN 18  OE1 
8  1 Y 1 A GLN 18  ? NE2 ? A GLN 18  NE2 
9  1 Y 1 A LYS 23  ? CG  ? A LYS 23  CG  
10 1 Y 1 A LYS 23  ? CD  ? A LYS 23  CD  
11 1 Y 1 A LYS 23  ? CE  ? A LYS 23  CE  
12 1 Y 1 A LYS 23  ? NZ  ? A LYS 23  NZ  
13 1 Y 1 A LYS 50  ? CG  ? A LYS 50  CG  
14 1 Y 1 A LYS 50  ? CD  ? A LYS 50  CD  
15 1 Y 1 A LYS 50  ? CE  ? A LYS 50  CE  
16 1 Y 1 A LYS 50  ? NZ  ? A LYS 50  NZ  
17 1 Y 1 A LYS 57  ? CG  ? A LYS 57  CG  
18 1 Y 1 A LYS 57  ? CD  ? A LYS 57  CD  
19 1 Y 1 A LYS 57  ? CE  ? A LYS 57  CE  
20 1 Y 1 A LYS 57  ? NZ  ? A LYS 57  NZ  
21 1 Y 1 A ASN 102 ? CG  ? A ASN 102 CG  
22 1 Y 1 A ASN 102 ? OD1 ? A ASN 102 OD1 
23 1 Y 1 A ASN 102 ? ND2 ? A ASN 102 ND2 
24 1 Y 1 A LYS 136 ? CE  ? A LYS 136 CE  
25 1 Y 1 A LYS 136 ? NZ  ? A LYS 136 NZ  
26 1 Y 1 A LYS 166 ? CD  ? A LYS 166 CD  
27 1 Y 1 A LYS 166 ? CE  ? A LYS 166 CE  
28 1 Y 1 A LYS 166 ? NZ  ? A LYS 166 NZ  
29 1 Y 1 A LYS 211 ? CG  ? A LYS 211 CG  
30 1 Y 1 A LYS 211 ? CD  ? A LYS 211 CD  
31 1 Y 1 A LYS 211 ? CE  ? A LYS 211 CE  
32 1 Y 1 A LYS 211 ? NZ  ? A LYS 211 NZ  
# 
loop_
_software.citation_id 
_software.classification 
_software.compiler_name 
_software.compiler_version 
_software.contact_author 
_software.contact_author_email 
_software.date 
_software.description 
_software.dependencies 
_software.hardware 
_software.language 
_software.location 
_software.mods 
_software.name 
_software.os 
_software.os_version 
_software.type 
_software.version 
_software.pdbx_ordinal 
? refinement       ? ? ? ? ? ? ? ? ? ? ? PHENIX    ? ? ? '(1.11.1-2575_1692: ???)' 1 
? 'data reduction' ? ? ? ? ? ? ? ? ? ? ? iMOSFLM   ? ? ? .                         2 
? 'data scaling'   ? ? ? ? ? ? ? ? ? ? ? SCALEPACK ? ? ? .                         3 
? phasing          ? ? ? ? ? ? ? ? ? ? ? PHASER    ? ? ? .                         4 
# 
_cell.angle_alpha                  90.00 
_cell.angle_alpha_esd              ? 
_cell.angle_beta                   90.00 
_cell.angle_beta_esd               ? 
_cell.angle_gamma                  90.00 
_cell.angle_gamma_esd              ? 
_cell.entry_id                     6HAP 
_cell.details                      ? 
_cell.formula_units_Z              ? 
_cell.length_a                     73.560 
_cell.length_a_esd                 ? 
_cell.length_b                     76.840 
_cell.length_b_esd                 ? 
_cell.length_c                     86.980 
_cell.length_c_esd                 ? 
_cell.volume                       ? 
_cell.volume_esd                   ? 
_cell.Z_PDB                        8 
_cell.reciprocal_angle_alpha       ? 
_cell.reciprocal_angle_beta        ? 
_cell.reciprocal_angle_gamma       ? 
_cell.reciprocal_angle_alpha_esd   ? 
_cell.reciprocal_angle_beta_esd    ? 
_cell.reciprocal_angle_gamma_esd   ? 
_cell.reciprocal_length_a          ? 
_cell.reciprocal_length_b          ? 
_cell.reciprocal_length_c          ? 
_cell.reciprocal_length_a_esd      ? 
_cell.reciprocal_length_b_esd      ? 
_cell.reciprocal_length_c_esd      ? 
_cell.pdbx_unique_axis             ? 
# 
_symmetry.entry_id                         6HAP 
_symmetry.cell_setting                     ? 
_symmetry.Int_Tables_number                23 
_symmetry.space_group_name_Hall            ? 
_symmetry.space_group_name_H-M             'I 2 2 2' 
_symmetry.pdbx_full_space_group_name_H-M   ? 
# 
_exptl.absorpt_coefficient_mu     ? 
_exptl.absorpt_correction_T_max   ? 
_exptl.absorpt_correction_T_min   ? 
_exptl.absorpt_correction_type    ? 
_exptl.absorpt_process_details    ? 
_exptl.entry_id                   6HAP 
_exptl.crystals_number            1 
_exptl.details                    ? 
_exptl.method                     'X-RAY DIFFRACTION' 
_exptl.method_details             ? 
# 
_exptl_crystal.colour                      ? 
_exptl_crystal.density_diffrn              ? 
_exptl_crystal.density_Matthews            2.50 
_exptl_crystal.density_method              ? 
_exptl_crystal.density_percent_sol         50.78 
_exptl_crystal.description                 ? 
_exptl_crystal.F_000                       ? 
_exptl_crystal.id                          1 
_exptl_crystal.preparation                 ? 
_exptl_crystal.size_max                    ? 
_exptl_crystal.size_mid                    ? 
_exptl_crystal.size_min                    ? 
_exptl_crystal.size_rad                    ? 
_exptl_crystal.colour_lustre               ? 
_exptl_crystal.colour_modifier             ? 
_exptl_crystal.colour_primary              ? 
_exptl_crystal.density_meas                ? 
_exptl_crystal.density_meas_esd            ? 
_exptl_crystal.density_meas_gt             ? 
_exptl_crystal.density_meas_lt             ? 
_exptl_crystal.density_meas_temp           ? 
_exptl_crystal.density_meas_temp_esd       ? 
_exptl_crystal.density_meas_temp_gt        ? 
_exptl_crystal.density_meas_temp_lt        ? 
_exptl_crystal.pdbx_crystal_image_url      ? 
_exptl_crystal.pdbx_crystal_image_format   ? 
_exptl_crystal.pdbx_mosaicity              ? 
_exptl_crystal.pdbx_mosaicity_esd          ? 
# 
_exptl_crystal_grow.apparatus       ? 
_exptl_crystal_grow.atmosphere      ? 
_exptl_crystal_grow.crystal_id      1 
_exptl_crystal_grow.details         ? 
_exptl_crystal_grow.method          'VAPOR DIFFUSION, HANGING DROP' 
_exptl_crystal_grow.method_ref      ? 
_exptl_crystal_grow.pH              5.5 
_exptl_crystal_grow.pressure        ? 
_exptl_crystal_grow.pressure_esd    ? 
_exptl_crystal_grow.seeding         ? 
_exptl_crystal_grow.seeding_ref     ? 
_exptl_crystal_grow.temp            298 
_exptl_crystal_grow.temp_details    ? 
_exptl_crystal_grow.temp_esd        ? 
_exptl_crystal_grow.time            ? 
_exptl_crystal_grow.pdbx_details    
;10% PEG 3350
0.05M Tris pH=5.5
;
_exptl_crystal_grow.pdbx_pH_range   ? 
# 
_diffrn.ambient_environment              ? 
_diffrn.ambient_temp                     100 
_diffrn.ambient_temp_details             ? 
_diffrn.ambient_temp_esd                 ? 
_diffrn.crystal_id                       1 
_diffrn.crystal_support                  ? 
_diffrn.crystal_treatment                ? 
_diffrn.details                          ? 
_diffrn.id                               1 
_diffrn.ambient_pressure                 ? 
_diffrn.ambient_pressure_esd             ? 
_diffrn.ambient_pressure_gt              ? 
_diffrn.ambient_pressure_lt              ? 
_diffrn.ambient_temp_gt                  ? 
_diffrn.ambient_temp_lt                  ? 
_diffrn.pdbx_serial_crystal_experiment   ? 
# 
_diffrn_detector.details                      ? 
_diffrn_detector.detector                     'IMAGE PLATE' 
_diffrn_detector.diffrn_id                    1 
_diffrn_detector.type                         'RIGAKU RAXIS IV++' 
_diffrn_detector.area_resol_mean              ? 
_diffrn_detector.dtime                        ? 
_diffrn_detector.pdbx_frames_total            ? 
_diffrn_detector.pdbx_collection_time_total   ? 
_diffrn_detector.pdbx_collection_date         2017-09-25 
_diffrn_detector.pdbx_frequency               ? 
# 
_diffrn_radiation.collimation                      ? 
_diffrn_radiation.diffrn_id                        1 
_diffrn_radiation.filter_edge                      ? 
_diffrn_radiation.inhomogeneity                    ? 
_diffrn_radiation.monochromator                    ? 
_diffrn_radiation.polarisn_norm                    ? 
_diffrn_radiation.polarisn_ratio                   ? 
_diffrn_radiation.probe                            ? 
_diffrn_radiation.type                             ? 
_diffrn_radiation.xray_symbol                      ? 
_diffrn_radiation.wavelength_id                    1 
_diffrn_radiation.pdbx_monochromatic_or_laue_m_l   M 
_diffrn_radiation.pdbx_wavelength_list             ? 
_diffrn_radiation.pdbx_wavelength                  ? 
_diffrn_radiation.pdbx_diffrn_protocol             'SINGLE WAVELENGTH' 
_diffrn_radiation.pdbx_analyzer                    ? 
_diffrn_radiation.pdbx_scattering_type             x-ray 
# 
_diffrn_radiation_wavelength.id           1 
_diffrn_radiation_wavelength.wavelength   1.5417 
_diffrn_radiation_wavelength.wt           1.0 
# 
_diffrn_source.current                     ? 
_diffrn_source.details                     ? 
_diffrn_source.diffrn_id                   1 
_diffrn_source.power                       ? 
_diffrn_source.size                        ? 
_diffrn_source.source                      'ROTATING ANODE' 
_diffrn_source.target                      ? 
_diffrn_source.type                        'RIGAKU RUH3R' 
_diffrn_source.voltage                     ? 
_diffrn_source.take-off_angle              ? 
_diffrn_source.pdbx_wavelength_list        1.5417 
_diffrn_source.pdbx_wavelength             ? 
_diffrn_source.pdbx_synchrotron_beamline   ? 
_diffrn_source.pdbx_synchrotron_site       ? 
# 
_reflns.B_iso_Wilson_estimate            ? 
_reflns.entry_id                         6HAP 
_reflns.data_reduction_details           ? 
_reflns.data_reduction_method            ? 
_reflns.d_resolution_high                2.7 
_reflns.d_resolution_low                 43.49 
_reflns.details                          ? 
_reflns.limit_h_max                      ? 
_reflns.limit_h_min                      ? 
_reflns.limit_k_max                      ? 
_reflns.limit_k_min                      ? 
_reflns.limit_l_max                      ? 
_reflns.limit_l_min                      ? 
_reflns.number_all                       ? 
_reflns.number_obs                       7058 
_reflns.observed_criterion               ? 
_reflns.observed_criterion_F_max         ? 
_reflns.observed_criterion_F_min         ? 
_reflns.observed_criterion_I_max         ? 
_reflns.observed_criterion_I_min         ? 
_reflns.observed_criterion_sigma_F       ? 
_reflns.observed_criterion_sigma_I       ? 
_reflns.percent_possible_obs             99.7 
_reflns.R_free_details                   ? 
_reflns.Rmerge_F_all                     ? 
_reflns.Rmerge_F_obs                     ? 
_reflns.Friedel_coverage                 ? 
_reflns.number_gt                        ? 
_reflns.threshold_expression             ? 
_reflns.pdbx_redundancy                  5.8 
_reflns.pdbx_Rmerge_I_obs                ? 
_reflns.pdbx_Rmerge_I_all                ? 
_reflns.pdbx_Rsym_value                  0.0356 
_reflns.pdbx_netI_over_av_sigmaI         ? 
_reflns.pdbx_netI_over_sigmaI            16.48 
_reflns.pdbx_res_netI_over_av_sigmaI_2   ? 
_reflns.pdbx_res_netI_over_sigmaI_2      ? 
_reflns.pdbx_chi_squared                 ? 
_reflns.pdbx_scaling_rejects             ? 
_reflns.pdbx_d_res_high_opt              ? 
_reflns.pdbx_d_res_low_opt               ? 
_reflns.pdbx_d_res_opt_method            ? 
_reflns.phase_calculation_details        ? 
_reflns.pdbx_Rrim_I_all                  ? 
_reflns.pdbx_Rpim_I_all                  ? 
_reflns.pdbx_d_opt                       ? 
_reflns.pdbx_number_measured_all         ? 
_reflns.pdbx_diffrn_id                   1 
_reflns.pdbx_ordinal                     1 
_reflns.pdbx_CC_half                     ? 
_reflns.pdbx_R_split                     ? 
# 
_reflns_shell.d_res_high                  2.7 
_reflns_shell.d_res_low                   2.8 
_reflns_shell.meanI_over_sigI_all         ? 
_reflns_shell.meanI_over_sigI_obs         ? 
_reflns_shell.number_measured_all         ? 
_reflns_shell.number_measured_obs         ? 
_reflns_shell.number_possible             ? 
_reflns_shell.number_unique_all           ? 
_reflns_shell.number_unique_obs           696 
_reflns_shell.percent_possible_all        99.7 
_reflns_shell.percent_possible_obs        ? 
_reflns_shell.Rmerge_F_all                ? 
_reflns_shell.Rmerge_F_obs                ? 
_reflns_shell.Rmerge_I_all                ? 
_reflns_shell.Rmerge_I_obs                ? 
_reflns_shell.meanI_over_sigI_gt          ? 
_reflns_shell.meanI_over_uI_all           ? 
_reflns_shell.meanI_over_uI_gt            ? 
_reflns_shell.number_measured_gt          ? 
_reflns_shell.number_unique_gt            ? 
_reflns_shell.percent_possible_gt         ? 
_reflns_shell.Rmerge_F_gt                 ? 
_reflns_shell.Rmerge_I_gt                 ? 
_reflns_shell.pdbx_redundancy             5.8 
_reflns_shell.pdbx_Rsym_value             0.3 
_reflns_shell.pdbx_chi_squared            ? 
_reflns_shell.pdbx_netI_over_sigmaI_all   ? 
_reflns_shell.pdbx_netI_over_sigmaI_obs   ? 
_reflns_shell.pdbx_Rrim_I_all             ? 
_reflns_shell.pdbx_Rpim_I_all             ? 
_reflns_shell.pdbx_rejects                ? 
_reflns_shell.pdbx_ordinal                1 
_reflns_shell.pdbx_diffrn_id              1 
_reflns_shell.pdbx_CC_half                ? 
_reflns_shell.pdbx_R_split                ? 
# 
_refine.aniso_B[1][1]                            ? 
_refine.aniso_B[1][2]                            ? 
_refine.aniso_B[1][3]                            ? 
_refine.aniso_B[2][2]                            ? 
_refine.aniso_B[2][3]                            ? 
_refine.aniso_B[3][3]                            ? 
_refine.B_iso_max                                ? 
_refine.B_iso_mean                               ? 
_refine.B_iso_min                                ? 
_refine.correlation_coeff_Fo_to_Fc               ? 
_refine.correlation_coeff_Fo_to_Fc_free          ? 
_refine.details                                  ? 
_refine.diff_density_max                         ? 
_refine.diff_density_max_esd                     ? 
_refine.diff_density_min                         ? 
_refine.diff_density_min_esd                     ? 
_refine.diff_density_rms                         ? 
_refine.diff_density_rms_esd                     ? 
_refine.entry_id                                 6HAP 
_refine.pdbx_refine_id                           'X-RAY DIFFRACTION' 
_refine.ls_abs_structure_details                 ? 
_refine.ls_abs_structure_Flack                   ? 
_refine.ls_abs_structure_Flack_esd               ? 
_refine.ls_abs_structure_Rogers                  ? 
_refine.ls_abs_structure_Rogers_esd              ? 
_refine.ls_d_res_high                            2.700 
_refine.ls_d_res_low                             43.490 
_refine.ls_extinction_coef                       ? 
_refine.ls_extinction_coef_esd                   ? 
_refine.ls_extinction_expression                 ? 
_refine.ls_extinction_method                     ? 
_refine.ls_goodness_of_fit_all                   ? 
_refine.ls_goodness_of_fit_all_esd               ? 
_refine.ls_goodness_of_fit_obs                   ? 
_refine.ls_goodness_of_fit_obs_esd               ? 
_refine.ls_hydrogen_treatment                    ? 
_refine.ls_matrix_type                           ? 
_refine.ls_number_constraints                    ? 
_refine.ls_number_parameters                     ? 
_refine.ls_number_reflns_all                     ? 
_refine.ls_number_reflns_obs                     7039 
_refine.ls_number_reflns_R_free                  334 
_refine.ls_number_reflns_R_work                  ? 
_refine.ls_number_restraints                     ? 
_refine.ls_percent_reflns_obs                    99.73 
_refine.ls_percent_reflns_R_free                 4.74 
_refine.ls_R_factor_all                          ? 
_refine.ls_R_factor_obs                          0.2263 
_refine.ls_R_factor_R_free                       0.2776 
_refine.ls_R_factor_R_free_error                 ? 
_refine.ls_R_factor_R_free_error_details         ? 
_refine.ls_R_factor_R_work                       0.2237 
_refine.ls_R_Fsqd_factor_obs                     ? 
_refine.ls_R_I_factor_obs                        ? 
_refine.ls_redundancy_reflns_all                 ? 
_refine.ls_redundancy_reflns_obs                 ? 
_refine.ls_restrained_S_all                      ? 
_refine.ls_restrained_S_obs                      ? 
_refine.ls_shift_over_esd_max                    ? 
_refine.ls_shift_over_esd_mean                   ? 
_refine.ls_structure_factor_coef                 ? 
_refine.ls_weighting_details                     ? 
_refine.ls_weighting_scheme                      ? 
_refine.ls_wR_factor_all                         ? 
_refine.ls_wR_factor_obs                         ? 
_refine.ls_wR_factor_R_free                      ? 
_refine.ls_wR_factor_R_work                      ? 
_refine.occupancy_max                            ? 
_refine.occupancy_min                            ? 
_refine.solvent_model_details                    ? 
_refine.solvent_model_param_bsol                 ? 
_refine.solvent_model_param_ksol                 ? 
_refine.ls_R_factor_gt                           ? 
_refine.ls_goodness_of_fit_gt                    ? 
_refine.ls_goodness_of_fit_ref                   ? 
_refine.ls_shift_over_su_max                     ? 
_refine.ls_shift_over_su_max_lt                  ? 
_refine.ls_shift_over_su_mean                    ? 
_refine.ls_shift_over_su_mean_lt                 ? 
_refine.pdbx_ls_sigma_I                          ? 
_refine.pdbx_ls_sigma_F                          1.35 
_refine.pdbx_ls_sigma_Fsqd                       ? 
_refine.pdbx_data_cutoff_high_absF               ? 
_refine.pdbx_data_cutoff_high_rms_absF           ? 
_refine.pdbx_data_cutoff_low_absF                ? 
_refine.pdbx_isotropic_thermal_model             ? 
_refine.pdbx_ls_cross_valid_method               'FREE R-VALUE' 
_refine.pdbx_method_to_determine_struct          'MOLECULAR REPLACEMENT' 
_refine.pdbx_starting_model                      4JZK 
_refine.pdbx_stereochemistry_target_values       ? 
_refine.pdbx_R_Free_selection_details            ? 
_refine.pdbx_stereochem_target_val_spec_case     ? 
_refine.pdbx_overall_ESU_R                       ? 
_refine.pdbx_overall_ESU_R_Free                  ? 
_refine.pdbx_solvent_vdw_probe_radii             1.11 
_refine.pdbx_solvent_ion_probe_radii             ? 
_refine.pdbx_solvent_shrinkage_radii             0.90 
_refine.pdbx_real_space_R                        ? 
_refine.pdbx_density_correlation                 ? 
_refine.pdbx_pd_number_of_powder_patterns        ? 
_refine.pdbx_pd_number_of_points                 ? 
_refine.pdbx_pd_meas_number_of_points            ? 
_refine.pdbx_pd_proc_ls_prof_R_factor            ? 
_refine.pdbx_pd_proc_ls_prof_wR_factor           ? 
_refine.pdbx_pd_Marquardt_correlation_coeff      ? 
_refine.pdbx_pd_Fsqrd_R_factor                   ? 
_refine.pdbx_pd_ls_matrix_band_width             ? 
_refine.pdbx_overall_phase_error                 33.17 
_refine.pdbx_overall_SU_R_free_Cruickshank_DPI   ? 
_refine.pdbx_overall_SU_R_free_Blow_DPI          ? 
_refine.pdbx_overall_SU_R_Blow_DPI               ? 
_refine.pdbx_TLS_residual_ADP_flag               ? 
_refine.pdbx_diffrn_id                           1 
_refine.overall_SU_B                             ? 
_refine.overall_SU_ML                            0.33 
_refine.overall_SU_R_Cruickshank_DPI             ? 
_refine.overall_SU_R_free                        ? 
_refine.overall_FOM_free_R_set                   ? 
_refine.overall_FOM_work_R_set                   ? 
_refine.pdbx_average_fsc_overall                 ? 
_refine.pdbx_average_fsc_work                    ? 
_refine.pdbx_average_fsc_free                    ? 
# 
_refine_hist.pdbx_refine_id                   'X-RAY DIFFRACTION' 
_refine_hist.cycle_id                         LAST 
_refine_hist.pdbx_number_atoms_protein        1685 
_refine_hist.pdbx_number_atoms_nucleic_acid   0 
_refine_hist.pdbx_number_atoms_ligand         0 
_refine_hist.number_atoms_solvent             0 
_refine_hist.number_atoms_total               1685 
_refine_hist.d_res_high                       2.700 
_refine_hist.d_res_low                        43.490 
# 
loop_
_refine_ls_restr.pdbx_refine_id 
_refine_ls_restr.criterion 
_refine_ls_restr.dev_ideal 
_refine_ls_restr.dev_ideal_target 
_refine_ls_restr.number 
_refine_ls_restr.rejects 
_refine_ls_restr.type 
_refine_ls_restr.weight 
_refine_ls_restr.pdbx_restraint_function 
'X-RAY DIFFRACTION' ? 0.006 ? 1714 ? f_bond_d           ? ? 
'X-RAY DIFFRACTION' ? 2.291 ? 2332 ? f_angle_d          ? ? 
'X-RAY DIFFRACTION' ? 5.530 ? 1040 ? f_dihedral_angle_d ? ? 
'X-RAY DIFFRACTION' ? 0.156 ? 267  ? f_chiral_restr     ? ? 
'X-RAY DIFFRACTION' ? 0.004 ? 299  ? f_plane_restr      ? ? 
# 
loop_
_refine_ls_shell.pdbx_refine_id 
_refine_ls_shell.d_res_high 
_refine_ls_shell.d_res_low 
_refine_ls_shell.number_reflns_all 
_refine_ls_shell.number_reflns_obs 
_refine_ls_shell.number_reflns_R_free 
_refine_ls_shell.number_reflns_R_work 
_refine_ls_shell.percent_reflns_obs 
_refine_ls_shell.percent_reflns_R_free 
_refine_ls_shell.R_factor_all 
_refine_ls_shell.R_factor_obs 
_refine_ls_shell.R_factor_R_free 
_refine_ls_shell.R_factor_R_free_error 
_refine_ls_shell.R_factor_R_work 
_refine_ls_shell.redundancy_reflns_all 
_refine_ls_shell.redundancy_reflns_obs 
_refine_ls_shell.wR_factor_all 
_refine_ls_shell.wR_factor_obs 
_refine_ls_shell.wR_factor_R_free 
_refine_ls_shell.wR_factor_R_work 
_refine_ls_shell.pdbx_total_number_of_bins_used 
_refine_ls_shell.pdbx_phase_error 
_refine_ls_shell.pdbx_fsc_work 
_refine_ls_shell.pdbx_fsc_free 
'X-RAY DIFFRACTION' 2.7001 3.4017  . . 163 3285 100.00 . . . 0.3272 . 0.2746 . . . . . . . . . . 
'X-RAY DIFFRACTION' 3.4017 43.4956 . . 171 3420 100.00 . . . 0.2575 . 0.2052 . . . . . . . . . . 
# 
_struct.entry_id                     6HAP 
_struct.title                        'Adenylate kinase' 
_struct.pdbx_model_details           ? 
_struct.pdbx_formula_weight          ? 
_struct.pdbx_formula_weight_method   ? 
_struct.pdbx_model_type_details      ? 
_struct.pdbx_CASP_flag               N 
# 
_struct_keywords.entry_id        6HAP 
_struct_keywords.text            'Adenylat kinase, TRANSFERASE' 
_struct_keywords.pdbx_keywords   TRANSFERASE 
# 
loop_
_struct_asym.id 
_struct_asym.pdbx_blank_PDB_chainid_flag 
_struct_asym.pdbx_modified 
_struct_asym.entity_id 
_struct_asym.details 
A N N 1 ? 
B N N 2 ? 
# 
_struct_ref.id                         1 
_struct_ref.db_name                    UNP 
_struct_ref.db_code                    KAD_ECO24 
_struct_ref.pdbx_db_accession          A7ZIN4 
_struct_ref.pdbx_db_isoform            ? 
_struct_ref.entity_id                  1 
_struct_ref.pdbx_seq_one_letter_code   
;MRIILLGAPGAGKGTQAQFIMEKYGIPQISTGDMLRAAVKSGSELGKQAKDIMDAGKLVTDELVIALVKERIAQEDCRNG
FLLDGFPRTIPQADAMKEAGINVDYVLEFDVPDELIVDRIVGRRVHAPSGRVYHVKFNPPKVEGKDDVTGEELTTRKDDQ
EETVRKRLVEYHQMTAPLIGYYSKEAEAGNTKYAKVDGTKPVAEVRADLEKILG
;
_struct_ref.pdbx_align_begin           1 
# 
_struct_ref_seq.align_id                      1 
_struct_ref_seq.ref_id                        1 
_struct_ref_seq.pdbx_PDB_id_code              6HAP 
_struct_ref_seq.pdbx_strand_id                A 
_struct_ref_seq.seq_align_beg                 1 
_struct_ref_seq.pdbx_seq_align_beg_ins_code   ? 
_struct_ref_seq.seq_align_end                 214 
_struct_ref_seq.pdbx_seq_align_end_ins_code   ? 
_struct_ref_seq.pdbx_db_accession             A7ZIN4 
_struct_ref_seq.db_align_beg                  1 
_struct_ref_seq.pdbx_db_align_beg_ins_code    ? 
_struct_ref_seq.db_align_end                  214 
_struct_ref_seq.pdbx_db_align_end_ins_code    ? 
_struct_ref_seq.pdbx_auth_seq_align_beg       1 
_struct_ref_seq.pdbx_auth_seq_align_end       214 
# 
loop_
_struct_ref_seq_dif.align_id 
_struct_ref_seq_dif.pdbx_pdb_id_code 
_struct_ref_seq_dif.mon_id 
_struct_ref_seq_dif.pdbx_pdb_strand_id 
_struct_ref_seq_dif.seq_num 
_struct_ref_seq_dif.pdbx_pdb_ins_code 
_struct_ref_seq_dif.pdbx_seq_db_name 
_struct_ref_seq_dif.pdbx_seq_db_accession_code 
_struct_ref_seq_dif.db_mon_id 
_struct_ref_seq_dif.pdbx_seq_db_seq_num 
_struct_ref_seq_dif.details 
_struct_ref_seq_dif.pdbx_auth_seq_num 
_struct_ref_seq_dif.pdbx_ordinal 
1 6HAP ARG A 69  ? UNP A7ZIN4 LYS 69  conflict 69  1 
1 6HAP CYS A 73  ? UNP A7ZIN4 ALA 73  conflict 73  2 
1 6HAP SER A 77  ? UNP A7ZIN4 CYS 77  conflict 77  3 
1 6HAP CYS A 203 ? UNP A7ZIN4 ALA 203 conflict 203 4 
# 
_pdbx_struct_assembly.id                   1 
_pdbx_struct_assembly.details              author_and_software_defined_assembly 
_pdbx_struct_assembly.method_details       PISA 
_pdbx_struct_assembly.oligomeric_details   monomeric 
_pdbx_struct_assembly.oligomeric_count     1 
# 
loop_
_pdbx_struct_assembly_prop.biol_id 
_pdbx_struct_assembly_prop.type 
_pdbx_struct_assembly_prop.value 
_pdbx_struct_assembly_prop.details 
1 'ABSA (A^2)' 1530  ? 
1 MORE         -4    ? 
1 'SSA (A^2)'  10540 ? 
# 
_pdbx_struct_assembly_gen.assembly_id       1 
_pdbx_struct_assembly_gen.oper_expression   1 
_pdbx_struct_assembly_gen.asym_id_list      A,B 
# 
_pdbx_struct_assembly_auth_evidence.id                     1 
_pdbx_struct_assembly_auth_evidence.assembly_id            1 
_pdbx_struct_assembly_auth_evidence.experimental_support   'gel filtration' 
_pdbx_struct_assembly_auth_evidence.details                ? 
# 
_pdbx_struct_oper_list.id                   1 
_pdbx_struct_oper_list.type                 'identity operation' 
_pdbx_struct_oper_list.name                 1_555 
_pdbx_struct_oper_list.symmetry_operation   x,y,z 
_pdbx_struct_oper_list.matrix[1][1]         1.0000000000 
_pdbx_struct_oper_list.matrix[1][2]         0.0000000000 
_pdbx_struct_oper_list.matrix[1][3]         0.0000000000 
_pdbx_struct_oper_list.vector[1]            0.0000000000 
_pdbx_struct_oper_list.matrix[2][1]         0.0000000000 
_pdbx_struct_oper_list.matrix[2][2]         1.0000000000 
_pdbx_struct_oper_list.matrix[2][3]         0.0000000000 
_pdbx_struct_oper_list.vector[2]            0.0000000000 
_pdbx_struct_oper_list.matrix[3][1]         0.0000000000 
_pdbx_struct_oper_list.matrix[3][2]         0.0000000000 
_pdbx_struct_oper_list.matrix[3][3]         1.0000000000 
_pdbx_struct_oper_list.vector[3]            0.0000000000 
# 
loop_
_struct_conf.conf_type_id 
_struct_conf.id 
_struct_conf.pdbx_PDB_helix_id 
_struct_conf.beg_label_comp_id 
_struct_conf.beg_label_asym_id 
_struct_conf.beg_label_seq_id 
_struct_conf.pdbx_beg_PDB_ins_code 
_struct_conf.end_label_comp_id 
_struct_conf.end_label_asym_id 
_struct_conf.end_label_seq_id 
_struct_conf.pdbx_end_PDB_ins_code 
_struct_conf.beg_auth_comp_id 
_struct_conf.beg_auth_asym_id 
_struct_conf.beg_auth_seq_id 
_struct_conf.end_auth_comp_id 
_struct_conf.end_auth_asym_id 
_struct_conf.end_auth_seq_id 
_struct_conf.pdbx_PDB_helix_class 
_struct_conf.details 
_struct_conf.pdbx_PDB_helix_length 
HELX_P HELX_P1  AA1 GLY A 12  ? GLY A 25  ? GLY A 12  GLY A 25  1 ? 14 
HELX_P HELX_P2  AA2 THR A 31  ? SER A 41  ? THR A 31  SER A 41  1 ? 11 
HELX_P HELX_P3  AA3 GLY A 46  ? GLN A 48  ? GLY A 46  GLN A 48  5 ? 3  
HELX_P HELX_P4  AA4 ALA A 49  ? GLY A 56  ? ALA A 49  GLY A 56  1 ? 8  
HELX_P HELX_P5  AA5 THR A 60  ? GLU A 75  ? THR A 60  GLU A 75  1 ? 16 
HELX_P HELX_P6  AA6 ASP A 76  ? GLY A 80  ? ASP A 76  GLY A 80  5 ? 5  
HELX_P HELX_P7  AA7 THR A 89  ? ALA A 99  ? THR A 89  ALA A 99  1 ? 11 
HELX_P HELX_P8  AA8 PRO A 112 ? GLY A 122 ? PRO A 112 GLY A 122 1 ? 11 
HELX_P HELX_P9  AA9 ARG A 156 ? ASP A 159 ? ARG A 156 ASP A 159 5 ? 4  
HELX_P HELX_P10 AB1 GLN A 160 ? THR A 175 ? GLN A 160 THR A 175 1 ? 16 
HELX_P HELX_P11 AB2 ALA A 176 ? ALA A 188 ? ALA A 176 ALA A 188 1 ? 13 
HELX_P HELX_P12 AB3 PRO A 201 ? GLY A 214 ? PRO A 201 GLY A 214 1 ? 14 
# 
_struct_conf_type.id          HELX_P 
_struct_conf_type.criteria    ? 
_struct_conf_type.reference   ? 
# 
_struct_mon_prot_cis.pdbx_id                1 
_struct_mon_prot_cis.label_comp_id          PHE 
_struct_mon_prot_cis.label_seq_id           86 
_struct_mon_prot_cis.label_asym_id          A 
_struct_mon_prot_cis.label_alt_id           . 
_struct_mon_prot_cis.pdbx_PDB_ins_code      ? 
_struct_mon_prot_cis.auth_comp_id           PHE 
_struct_mon_prot_cis.auth_seq_id            86 
_struct_mon_prot_cis.auth_asym_id           A 
_struct_mon_prot_cis.pdbx_label_comp_id_2   PRO 
_struct_mon_prot_cis.pdbx_label_seq_id_2    87 
_struct_mon_prot_cis.pdbx_label_asym_id_2   A 
_struct_mon_prot_cis.pdbx_PDB_ins_code_2    ? 
_struct_mon_prot_cis.pdbx_auth_comp_id_2    PRO 
_struct_mon_prot_cis.pdbx_auth_seq_id_2     87 
_struct_mon_prot_cis.pdbx_auth_asym_id_2    A 
_struct_mon_prot_cis.pdbx_PDB_model_num     1 
_struct_mon_prot_cis.pdbx_omega_angle       -1.64 
# 
loop_
_struct_sheet.id 
_struct_sheet.type 
_struct_sheet.number_strands 
_struct_sheet.details 
AA1 ? 5 ? 
AA2 ? 2 ? 
# 
loop_
_struct_sheet_order.sheet_id 
_struct_sheet_order.range_id_1 
_struct_sheet_order.range_id_2 
_struct_sheet_order.offset 
_struct_sheet_order.sense 
AA1 1 2 ? parallel      
AA1 2 3 ? parallel      
AA1 3 4 ? parallel      
AA1 4 5 ? parallel      
AA2 1 2 ? anti-parallel 
# 
loop_
_struct_sheet_range.sheet_id 
_struct_sheet_range.id 
_struct_sheet_range.beg_label_comp_id 
_struct_sheet_range.beg_label_asym_id 
_struct_sheet_range.beg_label_seq_id 
_struct_sheet_range.pdbx_beg_PDB_ins_code 
_struct_sheet_range.end_label_comp_id 
_struct_sheet_range.end_label_asym_id 
_struct_sheet_range.end_label_seq_id 
_struct_sheet_range.pdbx_end_PDB_ins_code 
_struct_sheet_range.beg_auth_comp_id 
_struct_sheet_range.beg_auth_asym_id 
_struct_sheet_range.beg_auth_seq_id 
_struct_sheet_range.end_auth_comp_id 
_struct_sheet_range.end_auth_asym_id 
_struct_sheet_range.end_auth_seq_id 
AA1 1 GLN A 28  ? SER A 30  ? GLN A 28  SER A 30  
AA1 2 PHE A 81  ? ASP A 84  ? PHE A 81  ASP A 84  
AA1 3 ARG A 2   ? GLY A 7   ? ARG A 2   GLY A 7   
AA1 4 TYR A 105 ? ASP A 110 ? TYR A 105 ASP A 110 
AA1 5 LYS A 192 ? ASP A 197 ? LYS A 192 ASP A 197 
AA2 1 ARG A 123 ? VAL A 125 ? ARG A 123 VAL A 125 
AA2 2 VAL A 132 ? HIS A 134 ? VAL A 132 HIS A 134 
# 
loop_
_pdbx_struct_sheet_hbond.sheet_id 
_pdbx_struct_sheet_hbond.range_id_1 
_pdbx_struct_sheet_hbond.range_id_2 
_pdbx_struct_sheet_hbond.range_1_label_atom_id 
_pdbx_struct_sheet_hbond.range_1_label_comp_id 
_pdbx_struct_sheet_hbond.range_1_label_asym_id 
_pdbx_struct_sheet_hbond.range_1_label_seq_id 
_pdbx_struct_sheet_hbond.range_1_PDB_ins_code 
_pdbx_struct_sheet_hbond.range_1_auth_atom_id 
_pdbx_struct_sheet_hbond.range_1_auth_comp_id 
_pdbx_struct_sheet_hbond.range_1_auth_asym_id 
_pdbx_struct_sheet_hbond.range_1_auth_seq_id 
_pdbx_struct_sheet_hbond.range_2_label_atom_id 
_pdbx_struct_sheet_hbond.range_2_label_comp_id 
_pdbx_struct_sheet_hbond.range_2_label_asym_id 
_pdbx_struct_sheet_hbond.range_2_label_seq_id 
_pdbx_struct_sheet_hbond.range_2_PDB_ins_code 
_pdbx_struct_sheet_hbond.range_2_auth_atom_id 
_pdbx_struct_sheet_hbond.range_2_auth_comp_id 
_pdbx_struct_sheet_hbond.range_2_auth_asym_id 
_pdbx_struct_sheet_hbond.range_2_auth_seq_id 
AA1 1 2 N ILE A 29  ? N ILE A 29  O ASP A 84  ? O ASP A 84  
AA1 2 3 O LEU A 83  ? O LEU A 83  N LEU A 5   ? N LEU A 5   
AA1 3 4 N ILE A 4   ? N ILE A 4   O LEU A 107 ? O LEU A 107 
AA1 4 5 N GLU A 108 ? N GLU A 108 O VAL A 196 ? O VAL A 196 
AA2 1 2 N ARG A 124 ? N ARG A 124 O TYR A 133 ? O TYR A 133 
# 
_struct_site.id                   AC1 
_struct_site.pdbx_evidence_code   Software 
_struct_site.pdbx_auth_asym_id    A 
_struct_site.pdbx_auth_comp_id    AP5 
_struct_site.pdbx_auth_seq_id     301 
_struct_site.pdbx_auth_ins_code   ? 
_struct_site.pdbx_num_residues    26 
_struct_site.details              'binding site for residue AP5 A 301' 
# 
loop_
_struct_site_gen.id 
_struct_site_gen.site_id 
_struct_site_gen.pdbx_num_res 
_struct_site_gen.label_comp_id 
_struct_site_gen.label_asym_id 
_struct_site_gen.label_seq_id 
_struct_site_gen.pdbx_auth_ins_code 
_struct_site_gen.auth_comp_id 
_struct_site_gen.auth_asym_id 
_struct_site_gen.auth_seq_id 
_struct_site_gen.label_atom_id 
_struct_site_gen.label_alt_id 
_struct_site_gen.symmetry 
_struct_site_gen.details 
1  AC1 26 PRO A 9   ? PRO A 9   . ? 1_555 ? 
2  AC1 26 GLY A 10  ? GLY A 10  . ? 1_555 ? 
3  AC1 26 ALA A 11  ? ALA A 11  . ? 1_555 ? 
4  AC1 26 GLY A 12  ? GLY A 12  . ? 1_555 ? 
5  AC1 26 LYS A 13  ? LYS A 13  . ? 1_555 ? 
6  AC1 26 GLY A 14  ? GLY A 14  . ? 1_555 ? 
7  AC1 26 THR A 15  ? THR A 15  . ? 1_555 ? 
8  AC1 26 THR A 31  ? THR A 31  . ? 1_555 ? 
9  AC1 26 GLY A 32  ? GLY A 32  . ? 1_555 ? 
10 AC1 26 ARG A 36  ? ARG A 36  . ? 1_555 ? 
11 AC1 26 MET A 53  ? MET A 53  . ? 1_555 ? 
12 AC1 26 LYS A 57  ? LYS A 57  . ? 1_555 ? 
13 AC1 26 VAL A 59  ? VAL A 59  . ? 1_555 ? 
14 AC1 26 VAL A 64  ? VAL A 64  . ? 1_555 ? 
15 AC1 26 GLY A 85  ? GLY A 85  . ? 1_555 ? 
16 AC1 26 ARG A 88  ? ARG A 88  . ? 1_555 ? 
17 AC1 26 GLN A 92  ? GLN A 92  . ? 1_555 ? 
18 AC1 26 ARG A 119 ? ARG A 119 . ? 1_555 ? 
19 AC1 26 ARG A 123 ? ARG A 123 . ? 1_555 ? 
20 AC1 26 TYR A 133 ? TYR A 133 . ? 1_555 ? 
21 AC1 26 HIS A 134 ? HIS A 134 . ? 1_555 ? 
22 AC1 26 PHE A 137 ? PHE A 137 . ? 1_555 ? 
23 AC1 26 ARG A 156 ? ARG A 156 . ? 1_555 ? 
24 AC1 26 ARG A 167 ? ARG A 167 . ? 1_555 ? 
25 AC1 26 LYS A 200 ? LYS A 200 . ? 1_555 ? 
26 AC1 26 VAL A 202 ? VAL A 202 . ? 1_555 ? 
# 
_pdbx_validate_symm_contact.id                1 
_pdbx_validate_symm_contact.PDB_model_num     1 
_pdbx_validate_symm_contact.auth_atom_id_1    OE2 
_pdbx_validate_symm_contact.auth_asym_id_1    A 
_pdbx_validate_symm_contact.auth_comp_id_1    GLU 
_pdbx_validate_symm_contact.auth_seq_id_1     62 
_pdbx_validate_symm_contact.PDB_ins_code_1    ? 
_pdbx_validate_symm_contact.label_alt_id_1    ? 
_pdbx_validate_symm_contact.site_symmetry_1   1_555 
_pdbx_validate_symm_contact.auth_atom_id_2    NH2 
_pdbx_validate_symm_contact.auth_asym_id_2    A 
_pdbx_validate_symm_contact.auth_comp_id_2    ARG 
_pdbx_validate_symm_contact.auth_seq_id_2     119 
_pdbx_validate_symm_contact.PDB_ins_code_2    ? 
_pdbx_validate_symm_contact.label_alt_id_2    ? 
_pdbx_validate_symm_contact.site_symmetry_2   8_455 
_pdbx_validate_symm_contact.dist              2.19 
# 
_pdbx_validate_torsion.id              1 
_pdbx_validate_torsion.PDB_model_num   1 
_pdbx_validate_torsion.auth_comp_id    ASN 
_pdbx_validate_torsion.auth_asym_id    A 
_pdbx_validate_torsion.auth_seq_id     138 
_pdbx_validate_torsion.PDB_ins_code    ? 
_pdbx_validate_torsion.label_alt_id    ? 
_pdbx_validate_torsion.phi             -155.94 
_pdbx_validate_torsion.psi             79.98 
# 
loop_
_chem_comp_atom.comp_id 
_chem_comp_atom.atom_id 
_chem_comp_atom.type_symbol 
_chem_comp_atom.pdbx_aromatic_flag 
_chem_comp_atom.pdbx_stereo_config 
_chem_comp_atom.pdbx_ordinal 
ALA N    N N N 1   
ALA CA   C N S 2   
ALA C    C N N 3   
ALA O    O N N 4   
ALA CB   C N N 5   
ALA OXT  O N N 6   
ALA H    H N N 7   
ALA H2   H N N 8   
ALA HA   H N N 9   
ALA HB1  H N N 10  
ALA HB2  H N N 11  
ALA HB3  H N N 12  
ALA HXT  H N N 13  
AP5 PA   P N S 14  
AP5 O1A  O N N 15  
AP5 O2A  O N N 16  
AP5 O3A  O N N 17  
AP5 PB   P N S 18  
AP5 O1B  O N N 19  
AP5 O2B  O N N 20  
AP5 O3B  O N N 21  
AP5 PG   P N N 22  
AP5 O1G  O N N 23  
AP5 O2G  O N N 24  
AP5 O3G  O N N 25  
AP5 PD   P N S 26  
AP5 O1D  O N N 27  
AP5 O2D  O N N 28  
AP5 O3D  O N N 29  
AP5 PE   P N S 30  
AP5 O1E  O N N 31  
AP5 O2E  O N N 32  
AP5 O5F  O N N 33  
AP5 C5F  C N N 34  
AP5 C4F  C N R 35  
AP5 O4F  O N N 36  
AP5 C3F  C N S 37  
AP5 O3F  O N N 38  
AP5 C2F  C N R 39  
AP5 O2F  O N N 40  
AP5 C1F  C N R 41  
AP5 N9A  N Y N 42  
AP5 C8A  C Y N 43  
AP5 N7A  N Y N 44  
AP5 C5A  C Y N 45  
AP5 C6A  C Y N 46  
AP5 N6A  N N N 47  
AP5 N1A  N Y N 48  
AP5 C2A  C Y N 49  
AP5 N3A  N Y N 50  
AP5 C4A  C Y N 51  
AP5 O5J  O N N 52  
AP5 C5J  C N N 53  
AP5 C4J  C N R 54  
AP5 O4J  O N N 55  
AP5 C3J  C N S 56  
AP5 O3J  O N N 57  
AP5 C2J  C N R 58  
AP5 O2J  O N N 59  
AP5 C1J  C N R 60  
AP5 N9B  N Y N 61  
AP5 C8B  C Y N 62  
AP5 N7B  N Y N 63  
AP5 C5B  C Y N 64  
AP5 C6B  C Y N 65  
AP5 N6B  N N N 66  
AP5 N1B  N Y N 67  
AP5 C2B  C Y N 68  
AP5 N3B  N Y N 69  
AP5 C4B  C Y N 70  
AP5 HOA2 H N N 71  
AP5 HOB2 H N N 72  
AP5 HOG2 H N N 73  
AP5 HOD2 H N N 74  
AP5 HOE2 H N N 75  
AP5 H51A H N N 76  
AP5 H52A H N N 77  
AP5 H4F  H N N 78  
AP5 H3F  H N N 79  
AP5 HO3A H N N 80  
AP5 H2F  H N N 81  
AP5 HO2A H N N 82  
AP5 H1F  H N N 83  
AP5 H8A  H N N 84  
AP5 H61A H N N 85  
AP5 H62A H N N 86  
AP5 H2A  H N N 87  
AP5 H51B H N N 88  
AP5 H52B H N N 89  
AP5 H4J  H N N 90  
AP5 H3J  H N N 91  
AP5 HO3B H N N 92  
AP5 H2J  H N N 93  
AP5 HO2B H N N 94  
AP5 H1J  H N N 95  
AP5 H8B  H N N 96  
AP5 H61B H N N 97  
AP5 H62B H N N 98  
AP5 H2B  H N N 99  
ARG N    N N N 100 
ARG CA   C N S 101 
ARG C    C N N 102 
ARG O    O N N 103 
ARG CB   C N N 104 
ARG CG   C N N 105 
ARG CD   C N N 106 
ARG NE   N N N 107 
ARG CZ   C N N 108 
ARG NH1  N N N 109 
ARG NH2  N N N 110 
ARG OXT  O N N 111 
ARG H    H N N 112 
ARG H2   H N N 113 
ARG HA   H N N 114 
ARG HB2  H N N 115 
ARG HB3  H N N 116 
ARG HG2  H N N 117 
ARG HG3  H N N 118 
ARG HD2  H N N 119 
ARG HD3  H N N 120 
ARG HE   H N N 121 
ARG HH11 H N N 122 
ARG HH12 H N N 123 
ARG HH21 H N N 124 
ARG HH22 H N N 125 
ARG HXT  H N N 126 
ASN N    N N N 127 
ASN CA   C N S 128 
ASN C    C N N 129 
ASN O    O N N 130 
ASN CB   C N N 131 
ASN CG   C N N 132 
ASN OD1  O N N 133 
ASN ND2  N N N 134 
ASN OXT  O N N 135 
ASN H    H N N 136 
ASN H2   H N N 137 
ASN HA   H N N 138 
ASN HB2  H N N 139 
ASN HB3  H N N 140 
ASN HD21 H N N 141 
ASN HD22 H N N 142 
ASN HXT  H N N 143 
ASP N    N N N 144 
ASP CA   C N S 145 
ASP C    C N N 146 
ASP O    O N N 147 
ASP CB   C N N 148 
ASP CG   C N N 149 
ASP OD1  O N N 150 
ASP OD2  O N N 151 
ASP OXT  O N N 152 
ASP H    H N N 153 
ASP H2   H N N 154 
ASP HA   H N N 155 
ASP HB2  H N N 156 
ASP HB3  H N N 157 
ASP HD2  H N N 158 
ASP HXT  H N N 159 
CYS N    N N N 160 
CYS CA   C N R 161 
CYS C    C N N 162 
CYS O    O N N 163 
CYS CB   C N N 164 
CYS SG   S N N 165 
CYS OXT  O N N 166 
CYS H    H N N 167 
CYS H2   H N N 168 
CYS HA   H N N 169 
CYS HB2  H N N 170 
CYS HB3  H N N 171 
CYS HG   H N N 172 
CYS HXT  H N N 173 
GLN N    N N N 174 
GLN CA   C N S 175 
GLN C    C N N 176 
GLN O    O N N 177 
GLN CB   C N N 178 
GLN CG   C N N 179 
GLN CD   C N N 180 
GLN OE1  O N N 181 
GLN NE2  N N N 182 
GLN OXT  O N N 183 
GLN H    H N N 184 
GLN H2   H N N 185 
GLN HA   H N N 186 
GLN HB2  H N N 187 
GLN HB3  H N N 188 
GLN HG2  H N N 189 
GLN HG3  H N N 190 
GLN HE21 H N N 191 
GLN HE22 H N N 192 
GLN HXT  H N N 193 
GLU N    N N N 194 
GLU CA   C N S 195 
GLU C    C N N 196 
GLU O    O N N 197 
GLU CB   C N N 198 
GLU CG   C N N 199 
GLU CD   C N N 200 
GLU OE1  O N N 201 
GLU OE2  O N N 202 
GLU OXT  O N N 203 
GLU H    H N N 204 
GLU H2   H N N 205 
GLU HA   H N N 206 
GLU HB2  H N N 207 
GLU HB3  H N N 208 
GLU HG2  H N N 209 
GLU HG3  H N N 210 
GLU HE2  H N N 211 
GLU HXT  H N N 212 
GLY N    N N N 213 
GLY CA   C N N 214 
GLY C    C N N 215 
GLY O    O N N 216 
GLY OXT  O N N 217 
GLY H    H N N 218 
GLY H2   H N N 219 
GLY HA2  H N N 220 
GLY HA3  H N N 221 
GLY HXT  H N N 222 
HIS N    N N N 223 
HIS CA   C N S 224 
HIS C    C N N 225 
HIS O    O N N 226 
HIS CB   C N N 227 
HIS CG   C Y N 228 
HIS ND1  N Y N 229 
HIS CD2  C Y N 230 
HIS CE1  C Y N 231 
HIS NE2  N Y N 232 
HIS OXT  O N N 233 
HIS H    H N N 234 
HIS H2   H N N 235 
HIS HA   H N N 236 
HIS HB2  H N N 237 
HIS HB3  H N N 238 
HIS HD1  H N N 239 
HIS HD2  H N N 240 
HIS HE1  H N N 241 
HIS HE2  H N N 242 
HIS HXT  H N N 243 
ILE N    N N N 244 
ILE CA   C N S 245 
ILE C    C N N 246 
ILE O    O N N 247 
ILE CB   C N S 248 
ILE CG1  C N N 249 
ILE CG2  C N N 250 
ILE CD1  C N N 251 
ILE OXT  O N N 252 
ILE H    H N N 253 
ILE H2   H N N 254 
ILE HA   H N N 255 
ILE HB   H N N 256 
ILE HG12 H N N 257 
ILE HG13 H N N 258 
ILE HG21 H N N 259 
ILE HG22 H N N 260 
ILE HG23 H N N 261 
ILE HD11 H N N 262 
ILE HD12 H N N 263 
ILE HD13 H N N 264 
ILE HXT  H N N 265 
LEU N    N N N 266 
LEU CA   C N S 267 
LEU C    C N N 268 
LEU O    O N N 269 
LEU CB   C N N 270 
LEU CG   C N N 271 
LEU CD1  C N N 272 
LEU CD2  C N N 273 
LEU OXT  O N N 274 
LEU H    H N N 275 
LEU H2   H N N 276 
LEU HA   H N N 277 
LEU HB2  H N N 278 
LEU HB3  H N N 279 
LEU HG   H N N 280 
LEU HD11 H N N 281 
LEU HD12 H N N 282 
LEU HD13 H N N 283 
LEU HD21 H N N 284 
LEU HD22 H N N 285 
LEU HD23 H N N 286 
LEU HXT  H N N 287 
LYS N    N N N 288 
LYS CA   C N S 289 
LYS C    C N N 290 
LYS O    O N N 291 
LYS CB   C N N 292 
LYS CG   C N N 293 
LYS CD   C N N 294 
LYS CE   C N N 295 
LYS NZ   N N N 296 
LYS OXT  O N N 297 
LYS H    H N N 298 
LYS H2   H N N 299 
LYS HA   H N N 300 
LYS HB2  H N N 301 
LYS HB3  H N N 302 
LYS HG2  H N N 303 
LYS HG3  H N N 304 
LYS HD2  H N N 305 
LYS HD3  H N N 306 
LYS HE2  H N N 307 
LYS HE3  H N N 308 
LYS HZ1  H N N 309 
LYS HZ2  H N N 310 
LYS HZ3  H N N 311 
LYS HXT  H N N 312 
MET N    N N N 313 
MET CA   C N S 314 
MET C    C N N 315 
MET O    O N N 316 
MET CB   C N N 317 
MET CG   C N N 318 
MET SD   S N N 319 
MET CE   C N N 320 
MET OXT  O N N 321 
MET H    H N N 322 
MET H2   H N N 323 
MET HA   H N N 324 
MET HB2  H N N 325 
MET HB3  H N N 326 
MET HG2  H N N 327 
MET HG3  H N N 328 
MET HE1  H N N 329 
MET HE2  H N N 330 
MET HE3  H N N 331 
MET HXT  H N N 332 
PHE N    N N N 333 
PHE CA   C N S 334 
PHE C    C N N 335 
PHE O    O N N 336 
PHE CB   C N N 337 
PHE CG   C Y N 338 
PHE CD1  C Y N 339 
PHE CD2  C Y N 340 
PHE CE1  C Y N 341 
PHE CE2  C Y N 342 
PHE CZ   C Y N 343 
PHE OXT  O N N 344 
PHE H    H N N 345 
PHE H2   H N N 346 
PHE HA   H N N 347 
PHE HB2  H N N 348 
PHE HB3  H N N 349 
PHE HD1  H N N 350 
PHE HD2  H N N 351 
PHE HE1  H N N 352 
PHE HE2  H N N 353 
PHE HZ   H N N 354 
PHE HXT  H N N 355 
PRO N    N N N 356 
PRO CA   C N S 357 
PRO C    C N N 358 
PRO O    O N N 359 
PRO CB   C N N 360 
PRO CG   C N N 361 
PRO CD   C N N 362 
PRO OXT  O N N 363 
PRO H    H N N 364 
PRO HA   H N N 365 
PRO HB2  H N N 366 
PRO HB3  H N N 367 
PRO HG2  H N N 368 
PRO HG3  H N N 369 
PRO HD2  H N N 370 
PRO HD3  H N N 371 
PRO HXT  H N N 372 
SER N    N N N 373 
SER CA   C N S 374 
SER C    C N N 375 
SER O    O N N 376 
SER CB   C N N 377 
SER OG   O N N 378 
SER OXT  O N N 379 
SER H    H N N 380 
SER H2   H N N 381 
SER HA   H N N 382 
SER HB2  H N N 383 
SER HB3  H N N 384 
SER HG   H N N 385 
SER HXT  H N N 386 
THR N    N N N 387 
THR CA   C N S 388 
THR C    C N N 389 
THR O    O N N 390 
THR CB   C N R 391 
THR OG1  O N N 392 
THR CG2  C N N 393 
THR OXT  O N N 394 
THR H    H N N 395 
THR H2   H N N 396 
THR HA   H N N 397 
THR HB   H N N 398 
THR HG1  H N N 399 
THR HG21 H N N 400 
THR HG22 H N N 401 
THR HG23 H N N 402 
THR HXT  H N N 403 
TYR N    N N N 404 
TYR CA   C N S 405 
TYR C    C N N 406 
TYR O    O N N 407 
TYR CB   C N N 408 
TYR CG   C Y N 409 
TYR CD1  C Y N 410 
TYR CD2  C Y N 411 
TYR CE1  C Y N 412 
TYR CE2  C Y N 413 
TYR CZ   C Y N 414 
TYR OH   O N N 415 
TYR OXT  O N N 416 
TYR H    H N N 417 
TYR H2   H N N 418 
TYR HA   H N N 419 
TYR HB2  H N N 420 
TYR HB3  H N N 421 
TYR HD1  H N N 422 
TYR HD2  H N N 423 
TYR HE1  H N N 424 
TYR HE2  H N N 425 
TYR HH   H N N 426 
TYR HXT  H N N 427 
VAL N    N N N 428 
VAL CA   C N S 429 
VAL C    C N N 430 
VAL O    O N N 431 
VAL CB   C N N 432 
VAL CG1  C N N 433 
VAL CG2  C N N 434 
VAL OXT  O N N 435 
VAL H    H N N 436 
VAL H2   H N N 437 
VAL HA   H N N 438 
VAL HB   H N N 439 
VAL HG11 H N N 440 
VAL HG12 H N N 441 
VAL HG13 H N N 442 
VAL HG21 H N N 443 
VAL HG22 H N N 444 
VAL HG23 H N N 445 
VAL HXT  H N N 446 
# 
loop_
_chem_comp_bond.comp_id 
_chem_comp_bond.atom_id_1 
_chem_comp_bond.atom_id_2 
_chem_comp_bond.value_order 
_chem_comp_bond.pdbx_aromatic_flag 
_chem_comp_bond.pdbx_stereo_config 
_chem_comp_bond.pdbx_ordinal 
ALA N   CA   sing N N 1   
ALA N   H    sing N N 2   
ALA N   H2   sing N N 3   
ALA CA  C    sing N N 4   
ALA CA  CB   sing N N 5   
ALA CA  HA   sing N N 6   
ALA C   O    doub N N 7   
ALA C   OXT  sing N N 8   
ALA CB  HB1  sing N N 9   
ALA CB  HB2  sing N N 10  
ALA CB  HB3  sing N N 11  
ALA OXT HXT  sing N N 12  
AP5 PA  O1A  doub N N 13  
AP5 PA  O2A  sing N N 14  
AP5 PA  O3A  sing N N 15  
AP5 PA  O5F  sing N N 16  
AP5 O2A HOA2 sing N N 17  
AP5 O3A PB   sing N N 18  
AP5 PB  O1B  doub N N 19  
AP5 PB  O2B  sing N N 20  
AP5 PB  O3B  sing N N 21  
AP5 O2B HOB2 sing N N 22  
AP5 O3B PG   sing N N 23  
AP5 PG  O1G  doub N N 24  
AP5 PG  O2G  sing N N 25  
AP5 PG  O3G  sing N N 26  
AP5 O2G HOG2 sing N N 27  
AP5 O3G PD   sing N N 28  
AP5 PD  O1D  doub N N 29  
AP5 PD  O2D  sing N N 30  
AP5 PD  O3D  sing N N 31  
AP5 O2D HOD2 sing N N 32  
AP5 O3D PE   sing N N 33  
AP5 PE  O1E  doub N N 34  
AP5 PE  O2E  sing N N 35  
AP5 PE  O5J  sing N N 36  
AP5 O2E HOE2 sing N N 37  
AP5 O5F C5F  sing N N 38  
AP5 C5F C4F  sing N N 39  
AP5 C5F H51A sing N N 40  
AP5 C5F H52A sing N N 41  
AP5 C4F O4F  sing N N 42  
AP5 C4F C3F  sing N N 43  
AP5 C4F H4F  sing N N 44  
AP5 O4F C1F  sing N N 45  
AP5 C3F O3F  sing N N 46  
AP5 C3F C2F  sing N N 47  
AP5 C3F H3F  sing N N 48  
AP5 O3F HO3A sing N N 49  
AP5 C2F O2F  sing N N 50  
AP5 C2F C1F  sing N N 51  
AP5 C2F H2F  sing N N 52  
AP5 O2F HO2A sing N N 53  
AP5 C1F N9A  sing N N 54  
AP5 C1F H1F  sing N N 55  
AP5 N9A C8A  sing Y N 56  
AP5 N9A C4A  sing Y N 57  
AP5 C8A N7A  doub Y N 58  
AP5 C8A H8A  sing N N 59  
AP5 N7A C5A  sing Y N 60  
AP5 C5A C6A  sing Y N 61  
AP5 C5A C4A  doub Y N 62  
AP5 C6A N6A  sing N N 63  
AP5 C6A N1A  doub Y N 64  
AP5 N6A H61A sing N N 65  
AP5 N6A H62A sing N N 66  
AP5 N1A C2A  sing Y N 67  
AP5 C2A N3A  doub Y N 68  
AP5 C2A H2A  sing N N 69  
AP5 N3A C4A  sing Y N 70  
AP5 O5J C5J  sing N N 71  
AP5 C5J C4J  sing N N 72  
AP5 C5J H51B sing N N 73  
AP5 C5J H52B sing N N 74  
AP5 C4J O4J  sing N N 75  
AP5 C4J C3J  sing N N 76  
AP5 C4J H4J  sing N N 77  
AP5 O4J C1J  sing N N 78  
AP5 C3J O3J  sing N N 79  
AP5 C3J C2J  sing N N 80  
AP5 C3J H3J  sing N N 81  
AP5 O3J HO3B sing N N 82  
AP5 C2J O2J  sing N N 83  
AP5 C2J C1J  sing N N 84  
AP5 C2J H2J  sing N N 85  
AP5 O2J HO2B sing N N 86  
AP5 C1J N9B  sing N N 87  
AP5 C1J H1J  sing N N 88  
AP5 N9B C8B  sing Y N 89  
AP5 N9B C4B  sing Y N 90  
AP5 C8B N7B  doub Y N 91  
AP5 C8B H8B  sing N N 92  
AP5 N7B C5B  sing Y N 93  
AP5 C5B C6B  sing Y N 94  
AP5 C5B C4B  doub Y N 95  
AP5 C6B N6B  sing N N 96  
AP5 C6B N1B  doub Y N 97  
AP5 N6B H61B sing N N 98  
AP5 N6B H62B sing N N 99  
AP5 N1B C2B  sing Y N 100 
AP5 C2B N3B  doub Y N 101 
AP5 C2B H2B  sing N N 102 
AP5 N3B C4B  sing Y N 103 
ARG N   CA   sing N N 104 
ARG N   H    sing N N 105 
ARG N   H2   sing N N 106 
ARG CA  C    sing N N 107 
ARG CA  CB   sing N N 108 
ARG CA  HA   sing N N 109 
ARG C   O    doub N N 110 
ARG C   OXT  sing N N 111 
ARG CB  CG   sing N N 112 
ARG CB  HB2  sing N N 113 
ARG CB  HB3  sing N N 114 
ARG CG  CD   sing N N 115 
ARG CG  HG2  sing N N 116 
ARG CG  HG3  sing N N 117 
ARG CD  NE   sing N N 118 
ARG CD  HD2  sing N N 119 
ARG CD  HD3  sing N N 120 
ARG NE  CZ   sing N N 121 
ARG NE  HE   sing N N 122 
ARG CZ  NH1  sing N N 123 
ARG CZ  NH2  doub N N 124 
ARG NH1 HH11 sing N N 125 
ARG NH1 HH12 sing N N 126 
ARG NH2 HH21 sing N N 127 
ARG NH2 HH22 sing N N 128 
ARG OXT HXT  sing N N 129 
ASN N   CA   sing N N 130 
ASN N   H    sing N N 131 
ASN N   H2   sing N N 132 
ASN CA  C    sing N N 133 
ASN CA  CB   sing N N 134 
ASN CA  HA   sing N N 135 
ASN C   O    doub N N 136 
ASN C   OXT  sing N N 137 
ASN CB  CG   sing N N 138 
ASN CB  HB2  sing N N 139 
ASN CB  HB3  sing N N 140 
ASN CG  OD1  doub N N 141 
ASN CG  ND2  sing N N 142 
ASN ND2 HD21 sing N N 143 
ASN ND2 HD22 sing N N 144 
ASN OXT HXT  sing N N 145 
ASP N   CA   sing N N 146 
ASP N   H    sing N N 147 
ASP N   H2   sing N N 148 
ASP CA  C    sing N N 149 
ASP CA  CB   sing N N 150 
ASP CA  HA   sing N N 151 
ASP C   O    doub N N 152 
ASP C   OXT  sing N N 153 
ASP CB  CG   sing N N 154 
ASP CB  HB2  sing N N 155 
ASP CB  HB3  sing N N 156 
ASP CG  OD1  doub N N 157 
ASP CG  OD2  sing N N 158 
ASP OD2 HD2  sing N N 159 
ASP OXT HXT  sing N N 160 
CYS N   CA   sing N N 161 
CYS N   H    sing N N 162 
CYS N   H2   sing N N 163 
CYS CA  C    sing N N 164 
CYS CA  CB   sing N N 165 
CYS CA  HA   sing N N 166 
CYS C   O    doub N N 167 
CYS C   OXT  sing N N 168 
CYS CB  SG   sing N N 169 
CYS CB  HB2  sing N N 170 
CYS CB  HB3  sing N N 171 
CYS SG  HG   sing N N 172 
CYS OXT HXT  sing N N 173 
GLN N   CA   sing N N 174 
GLN N   H    sing N N 175 
GLN N   H2   sing N N 176 
GLN CA  C    sing N N 177 
GLN CA  CB   sing N N 178 
GLN CA  HA   sing N N 179 
GLN C   O    doub N N 180 
GLN C   OXT  sing N N 181 
GLN CB  CG   sing N N 182 
GLN CB  HB2  sing N N 183 
GLN CB  HB3  sing N N 184 
GLN CG  CD   sing N N 185 
GLN CG  HG2  sing N N 186 
GLN CG  HG3  sing N N 187 
GLN CD  OE1  doub N N 188 
GLN CD  NE2  sing N N 189 
GLN NE2 HE21 sing N N 190 
GLN NE2 HE22 sing N N 191 
GLN OXT HXT  sing N N 192 
GLU N   CA   sing N N 193 
GLU N   H    sing N N 194 
GLU N   H2   sing N N 195 
GLU CA  C    sing N N 196 
GLU CA  CB   sing N N 197 
GLU CA  HA   sing N N 198 
GLU C   O    doub N N 199 
GLU C   OXT  sing N N 200 
GLU CB  CG   sing N N 201 
GLU CB  HB2  sing N N 202 
GLU CB  HB3  sing N N 203 
GLU CG  CD   sing N N 204 
GLU CG  HG2  sing N N 205 
GLU CG  HG3  sing N N 206 
GLU CD  OE1  doub N N 207 
GLU CD  OE2  sing N N 208 
GLU OE2 HE2  sing N N 209 
GLU OXT HXT  sing N N 210 
GLY N   CA   sing N N 211 
GLY N   H    sing N N 212 
GLY N   H2   sing N N 213 
GLY CA  C    sing N N 214 
GLY CA  HA2  sing N N 215 
GLY CA  HA3  sing N N 216 
GLY C   O    doub N N 217 
GLY C   OXT  sing N N 218 
GLY OXT HXT  sing N N 219 
HIS N   CA   sing N N 220 
HIS N   H    sing N N 221 
HIS N   H2   sing N N 222 
HIS CA  C    sing N N 223 
HIS CA  CB   sing N N 224 
HIS CA  HA   sing N N 225 
HIS C   O    doub N N 226 
HIS C   OXT  sing N N 227 
HIS CB  CG   sing N N 228 
HIS CB  HB2  sing N N 229 
HIS CB  HB3  sing N N 230 
HIS CG  ND1  sing Y N 231 
HIS CG  CD2  doub Y N 232 
HIS ND1 CE1  doub Y N 233 
HIS ND1 HD1  sing N N 234 
HIS CD2 NE2  sing Y N 235 
HIS CD2 HD2  sing N N 236 
HIS CE1 NE2  sing Y N 237 
HIS CE1 HE1  sing N N 238 
HIS NE2 HE2  sing N N 239 
HIS OXT HXT  sing N N 240 
ILE N   CA   sing N N 241 
ILE N   H    sing N N 242 
ILE N   H2   sing N N 243 
ILE CA  C    sing N N 244 
ILE CA  CB   sing N N 245 
ILE CA  HA   sing N N 246 
ILE C   O    doub N N 247 
ILE C   OXT  sing N N 248 
ILE CB  CG1  sing N N 249 
ILE CB  CG2  sing N N 250 
ILE CB  HB   sing N N 251 
ILE CG1 CD1  sing N N 252 
ILE CG1 HG12 sing N N 253 
ILE CG1 HG13 sing N N 254 
ILE CG2 HG21 sing N N 255 
ILE CG2 HG22 sing N N 256 
ILE CG2 HG23 sing N N 257 
ILE CD1 HD11 sing N N 258 
ILE CD1 HD12 sing N N 259 
ILE CD1 HD13 sing N N 260 
ILE OXT HXT  sing N N 261 
LEU N   CA   sing N N 262 
LEU N   H    sing N N 263 
LEU N   H2   sing N N 264 
LEU CA  C    sing N N 265 
LEU CA  CB   sing N N 266 
LEU CA  HA   sing N N 267 
LEU C   O    doub N N 268 
LEU C   OXT  sing N N 269 
LEU CB  CG   sing N N 270 
LEU CB  HB2  sing N N 271 
LEU CB  HB3  sing N N 272 
LEU CG  CD1  sing N N 273 
LEU CG  CD2  sing N N 274 
LEU CG  HG   sing N N 275 
LEU CD1 HD11 sing N N 276 
LEU CD1 HD12 sing N N 277 
LEU CD1 HD13 sing N N 278 
LEU CD2 HD21 sing N N 279 
LEU CD2 HD22 sing N N 280 
LEU CD2 HD23 sing N N 281 
LEU OXT HXT  sing N N 282 
LYS N   CA   sing N N 283 
LYS N   H    sing N N 284 
LYS N   H2   sing N N 285 
LYS CA  C    sing N N 286 
LYS CA  CB   sing N N 287 
LYS CA  HA   sing N N 288 
LYS C   O    doub N N 289 
LYS C   OXT  sing N N 290 
LYS CB  CG   sing N N 291 
LYS CB  HB2  sing N N 292 
LYS CB  HB3  sing N N 293 
LYS CG  CD   sing N N 294 
LYS CG  HG2  sing N N 295 
LYS CG  HG3  sing N N 296 
LYS CD  CE   sing N N 297 
LYS CD  HD2  sing N N 298 
LYS CD  HD3  sing N N 299 
LYS CE  NZ   sing N N 300 
LYS CE  HE2  sing N N 301 
LYS CE  HE3  sing N N 302 
LYS NZ  HZ1  sing N N 303 
LYS NZ  HZ2  sing N N 304 
LYS NZ  HZ3  sing N N 305 
LYS OXT HXT  sing N N 306 
MET N   CA   sing N N 307 
MET N   H    sing N N 308 
MET N   H2   sing N N 309 
MET CA  C    sing N N 310 
MET CA  CB   sing N N 311 
MET CA  HA   sing N N 312 
MET C   O    doub N N 313 
MET C   OXT  sing N N 314 
MET CB  CG   sing N N 315 
MET CB  HB2  sing N N 316 
MET CB  HB3  sing N N 317 
MET CG  SD   sing N N 318 
MET CG  HG2  sing N N 319 
MET CG  HG3  sing N N 320 
MET SD  CE   sing N N 321 
MET CE  HE1  sing N N 322 
MET CE  HE2  sing N N 323 
MET CE  HE3  sing N N 324 
MET OXT HXT  sing N N 325 
PHE N   CA   sing N N 326 
PHE N   H    sing N N 327 
PHE N   H2   sing N N 328 
PHE CA  C    sing N N 329 
PHE CA  CB   sing N N 330 
PHE CA  HA   sing N N 331 
PHE C   O    doub N N 332 
PHE C   OXT  sing N N 333 
PHE CB  CG   sing N N 334 
PHE CB  HB2  sing N N 335 
PHE CB  HB3  sing N N 336 
PHE CG  CD1  doub Y N 337 
PHE CG  CD2  sing Y N 338 
PHE CD1 CE1  sing Y N 339 
PHE CD1 HD1  sing N N 340 
PHE CD2 CE2  doub Y N 341 
PHE CD2 HD2  sing N N 342 
PHE CE1 CZ   doub Y N 343 
PHE CE1 HE1  sing N N 344 
PHE CE2 CZ   sing Y N 345 
PHE CE2 HE2  sing N N 346 
PHE CZ  HZ   sing N N 347 
PHE OXT HXT  sing N N 348 
PRO N   CA   sing N N 349 
PRO N   CD   sing N N 350 
PRO N   H    sing N N 351 
PRO CA  C    sing N N 352 
PRO CA  CB   sing N N 353 
PRO CA  HA   sing N N 354 
PRO C   O    doub N N 355 
PRO C   OXT  sing N N 356 
PRO CB  CG   sing N N 357 
PRO CB  HB2  sing N N 358 
PRO CB  HB3  sing N N 359 
PRO CG  CD   sing N N 360 
PRO CG  HG2  sing N N 361 
PRO CG  HG3  sing N N 362 
PRO CD  HD2  sing N N 363 
PRO CD  HD3  sing N N 364 
PRO OXT HXT  sing N N 365 
SER N   CA   sing N N 366 
SER N   H    sing N N 367 
SER N   H2   sing N N 368 
SER CA  C    sing N N 369 
SER CA  CB   sing N N 370 
SER CA  HA   sing N N 371 
SER C   O    doub N N 372 
SER C   OXT  sing N N 373 
SER CB  OG   sing N N 374 
SER CB  HB2  sing N N 375 
SER CB  HB3  sing N N 376 
SER OG  HG   sing N N 377 
SER OXT HXT  sing N N 378 
THR N   CA   sing N N 379 
THR N   H    sing N N 380 
THR N   H2   sing N N 381 
THR CA  C    sing N N 382 
THR CA  CB   sing N N 383 
THR CA  HA   sing N N 384 
THR C   O    doub N N 385 
THR C   OXT  sing N N 386 
THR CB  OG1  sing N N 387 
THR CB  CG2  sing N N 388 
THR CB  HB   sing N N 389 
THR OG1 HG1  sing N N 390 
THR CG2 HG21 sing N N 391 
THR CG2 HG22 sing N N 392 
THR CG2 HG23 sing N N 393 
THR OXT HXT  sing N N 394 
TYR N   CA   sing N N 395 
TYR N   H    sing N N 396 
TYR N   H2   sing N N 397 
TYR CA  C    sing N N 398 
TYR CA  CB   sing N N 399 
TYR CA  HA   sing N N 400 
TYR C   O    doub N N 401 
TYR C   OXT  sing N N 402 
TYR CB  CG   sing N N 403 
TYR CB  HB2  sing N N 404 
TYR CB  HB3  sing N N 405 
TYR CG  CD1  doub Y N 406 
TYR CG  CD2  sing Y N 407 
TYR CD1 CE1  sing Y N 408 
TYR CD1 HD1  sing N N 409 
TYR CD2 CE2  doub Y N 410 
TYR CD2 HD2  sing N N 411 
TYR CE1 CZ   doub Y N 412 
TYR CE1 HE1  sing N N 413 
TYR CE2 CZ   sing Y N 414 
TYR CE2 HE2  sing N N 415 
TYR CZ  OH   sing N N 416 
TYR OH  HH   sing N N 417 
TYR OXT HXT  sing N N 418 
VAL N   CA   sing N N 419 
VAL N   H    sing N N 420 
VAL N   H2   sing N N 421 
VAL CA  C    sing N N 422 
VAL CA  CB   sing N N 423 
VAL CA  HA   sing N N 424 
VAL C   O    doub N N 425 
VAL C   OXT  sing N N 426 
VAL CB  CG1  sing N N 427 
VAL CB  CG2  sing N N 428 
VAL CB  HB   sing N N 429 
VAL CG1 HG11 sing N N 430 
VAL CG1 HG12 sing N N 431 
VAL CG1 HG13 sing N N 432 
VAL CG2 HG21 sing N N 433 
VAL CG2 HG22 sing N N 434 
VAL CG2 HG23 sing N N 435 
VAL OXT HXT  sing N N 436 
# 
_pdbx_initial_refinement_model.id               1 
_pdbx_initial_refinement_model.entity_id_list   ? 
_pdbx_initial_refinement_model.type             'experimental model' 
_pdbx_initial_refinement_model.source_name      PDB 
_pdbx_initial_refinement_model.accession_code   4JZK 
_pdbx_initial_refinement_model.details          ? 
# 
_atom_sites.entry_id                    6HAP 
_atom_sites.fract_transf_matrix[1][1]   -0.00005448 
_atom_sites.fract_transf_matrix[1][2]   0.00513927 
_atom_sites.fract_transf_matrix[1][3]   -0.01258498 
_atom_sites.fract_transf_matrix[2][1]   -0.00726417 
_atom_sites.fract_transf_matrix[2][2]   -0.01000753 
_atom_sites.fract_transf_matrix[2][3]   -0.00405528 
_atom_sites.fract_transf_matrix[3][1]   -0.00953917 
_atom_sites.fract_transf_matrix[3][2]   0.00592672 
_atom_sites.fract_transf_matrix[3][3]   0.00246156 
_atom_sites.fract_transf_vector[1]      0.176858 
_atom_sites.fract_transf_vector[2]      0.189114 
_atom_sites.fract_transf_vector[3]      0.291557 
# 
loop_
_atom_type.symbol 
C 
N 
O 
P 
S 
# 
loop_
_atom_site.group_PDB 
_atom_site.id 
_atom_site.type_symbol 
_atom_site.label_atom_id 
_atom_site.label_alt_id 
_atom_site.label_comp_id 
_atom_site.label_asym_id 
_atom_site.label_entity_id 
_atom_site.label_seq_id 
_atom_site.pdbx_PDB_ins_code 
_atom_site.Cartn_x 
_atom_site.Cartn_y 
_atom_site.Cartn_z 
_atom_site.occupancy 
_atom_site.B_iso_or_equiv 
_atom_site.pdbx_formal_charge 
_atom_site.auth_seq_id 
_atom_site.auth_comp_id 
_atom_site.auth_asym_id 
_atom_site.auth_atom_id 
_atom_site.pdbx_PDB_model_num 
ATOM   1    N N   . MET A 1 1   ? -12.088 11.012  4.546   1.00 74.66 ? 1   MET A N   1 
ATOM   2    C CA  . MET A 1 1   ? -11.646 10.868  5.929   1.00 68.97 ? 1   MET A CA  1 
ATOM   3    C C   . MET A 1 1   ? -11.068 9.478   6.174   1.00 68.09 ? 1   MET A C   1 
ATOM   4    O O   . MET A 1 1   ? -9.921  9.341   6.590   1.00 72.09 ? 1   MET A O   1 
ATOM   5    C CB  . MET A 1 1   ? -12.801 11.137  6.895   1.00 63.60 ? 1   MET A CB  1 
ATOM   6    C CG  . MET A 1 1   ? -12.362 11.437  8.319   1.00 74.01 ? 1   MET A CG  1 
ATOM   7    S SD  . MET A 1 1   ? -12.153 13.203  8.623   1.00 81.52 ? 1   MET A SD  1 
ATOM   8    C CE  . MET A 1 1   ? -13.542 13.530  9.705   1.00 71.71 ? 1   MET A CE  1 
ATOM   9    N N   . ARG A 1 2   ? -11.869 8.446   5.913   1.00 69.43 ? 2   ARG A N   1 
ATOM   10   C CA  . ARG A 1 2   ? -11.462 7.053   6.071   1.00 70.57 ? 2   ARG A CA  1 
ATOM   11   C C   . ARG A 1 2   ? -11.625 6.357   4.727   1.00 70.37 ? 2   ARG A C   1 
ATOM   12   O O   . ARG A 1 2   ? -12.753 6.170   4.258   1.00 71.79 ? 2   ARG A O   1 
ATOM   13   C CB  . ARG A 1 2   ? -12.304 6.359   7.141   1.00 61.97 ? 2   ARG A CB  1 
ATOM   14   C CG  . ARG A 1 2   ? -12.599 7.207   8.354   1.00 65.44 ? 2   ARG A CG  1 
ATOM   15   C CD  . ARG A 1 2   ? -14.072 7.144   8.701   1.00 66.96 ? 2   ARG A CD  1 
ATOM   16   N N   . ILE A 1 3   ? -10.509 5.997   4.090   1.00 65.18 ? 3   ILE A N   1 
ATOM   17   C CA  . ILE A 1 3   ? -10.544 5.377   2.772   1.00 69.14 ? 3   ILE A CA  1 
ATOM   18   C C   . ILE A 1 3   ? -9.541  4.231   2.749   1.00 67.36 ? 3   ILE A C   1 
ATOM   19   O O   . ILE A 1 3   ? -8.583  4.199   3.529   1.00 69.15 ? 3   ILE A O   1 
ATOM   20   C CB  . ILE A 1 3   ? -10.288 6.432   1.644   1.00 67.45 ? 3   ILE A CB  1 
ATOM   21   C CG1 . ILE A 1 3   ? -8.818  6.888   1.516   1.00 60.12 ? 3   ILE A CG1 1 
ATOM   22   C CG2 . ILE A 1 3   ? -11.203 7.642   1.825   1.00 74.39 ? 3   ILE A CG2 1 
ATOM   23   C CD1 . ILE A 1 3   ? -8.001  6.183   0.468   1.00 68.58 ? 3   ILE A CD1 1 
ATOM   24   N N   . ILE A 1 4   ? -9.762  3.290   1.834   1.00 67.93 ? 4   ILE A N   1 
ATOM   25   C CA  . ILE A 1 4   ? -8.893  2.137   1.638   1.00 61.72 ? 4   ILE A CA  1 
ATOM   26   C C   . ILE A 1 4   ? -8.355  2.196   0.218   1.00 57.99 ? 4   ILE A C   1 
ATOM   27   O O   . ILE A 1 4   ? -9.109  2.459   -0.728  1.00 50.45 ? 4   ILE A O   1 
ATOM   28   C CB  . ILE A 1 4   ? -9.636  0.810   1.882   1.00 49.60 ? 4   ILE A CB  1 
ATOM   29   C CG1 . ILE A 1 4   ? -10.152 0.724   3.321   1.00 62.14 ? 4   ILE A CG1 1 
ATOM   30   C CG2 . ILE A 1 4   ? -8.727  -0.382  1.580   1.00 48.03 ? 4   ILE A CG2 1 
ATOM   31   C CD1 . ILE A 1 4   ? -10.976 -0.524  3.606   1.00 54.43 ? 4   ILE A CD1 1 
ATOM   32   N N   . LEU A 1 5   ? -7.057  1.955   0.069   1.00 52.91 ? 5   LEU A N   1 
ATOM   33   C CA  . LEU A 1 5   ? -6.412  1.884   -1.235  1.00 46.27 ? 5   LEU A CA  1 
ATOM   34   C C   . LEU A 1 5   ? -6.192  0.418   -1.590  1.00 51.50 ? 5   LEU A C   1 
ATOM   35   O O   . LEU A 1 5   ? -5.399  -0.274  -0.944  1.00 55.47 ? 5   LEU A O   1 
ATOM   36   C CB  . LEU A 1 5   ? -5.087  2.641   -1.236  1.00 53.01 ? 5   LEU A CB  1 
ATOM   37   C CG  . LEU A 1 5   ? -5.114  4.159   -1.057  1.00 53.98 ? 5   LEU A CG  1 
ATOM   38   C CD1 . LEU A 1 5   ? -3.712  4.732   -1.211  1.00 49.54 ? 5   LEU A CD1 1 
ATOM   39   C CD2 . LEU A 1 5   ? -6.063  4.803   -2.047  1.00 51.08 ? 5   LEU A CD2 1 
ATOM   40   N N   . LEU A 1 6   ? -6.890  -0.049  -2.619  1.00 49.70 ? 6   LEU A N   1 
ATOM   41   C CA  . LEU A 1 6   ? -6.703  -1.385  -3.160  1.00 48.00 ? 6   LEU A CA  1 
ATOM   42   C C   . LEU A 1 6   ? -5.902  -1.316  -4.455  1.00 51.56 ? 6   LEU A C   1 
ATOM   43   O O   . LEU A 1 6   ? -5.834  -0.276  -5.115  1.00 60.77 ? 6   LEU A O   1 
ATOM   44   C CB  . LEU A 1 6   ? -8.051  -2.064  -3.418  1.00 53.38 ? 6   LEU A CB  1 
ATOM   45   C CG  . LEU A 1 6   ? -8.911  -2.431  -2.207  1.00 56.57 ? 6   LEU A CG  1 
ATOM   46   C CD1 . LEU A 1 6   ? -10.172 -3.158  -2.650  1.00 52.84 ? 6   LEU A CD1 1 
ATOM   47   C CD2 . LEU A 1 6   ? -8.122  -3.275  -1.218  1.00 44.16 ? 6   LEU A CD2 1 
ATOM   48   N N   . GLY A 1 7   ? -5.296  -2.431  -4.810  1.00 49.33 ? 7   GLY A N   1 
ATOM   49   C CA  . GLY A 1 7   ? -4.562  -2.521  -6.058  1.00 53.43 ? 7   GLY A CA  1 
ATOM   50   C C   . GLY A 1 7   ? -3.442  -3.542  -6.006  1.00 50.28 ? 7   GLY A C   1 
ATOM   51   O O   . GLY A 1 7   ? -2.856  -3.824  -4.965  1.00 59.18 ? 7   GLY A O   1 
ATOM   52   N N   . ALA A 1 8   ? -3.137  -4.107  -7.174  1.00 56.74 ? 8   ALA A N   1 
ATOM   53   C CA  . ALA A 1 8   ? -2.066  -5.077  -7.367  1.00 48.86 ? 8   ALA A CA  1 
ATOM   54   C C   . ALA A 1 8   ? -0.733  -4.492  -6.919  1.00 54.12 ? 8   ALA A C   1 
ATOM   55   O O   . ALA A 1 8   ? -0.578  -3.265  -6.885  1.00 58.08 ? 8   ALA A O   1 
ATOM   56   C CB  . ALA A 1 8   ? -2.000  -5.505  -8.835  1.00 49.44 ? 8   ALA A CB  1 
ATOM   57   N N   . PRO A 1 9   ? 0.243   -5.324  -6.557  1.00 55.57 ? 9   PRO A N   1 
ATOM   58   C CA  . PRO A 1 9   ? 1.556   -4.788  -6.179  1.00 57.46 ? 9   PRO A CA  1 
ATOM   59   C C   . PRO A 1 9   ? 2.179   -4.011  -7.330  1.00 54.73 ? 9   PRO A C   1 
ATOM   60   O O   . PRO A 1 9   ? 2.246   -4.492  -8.462  1.00 56.83 ? 9   PRO A O   1 
ATOM   61   C CB  . PRO A 1 9   ? 2.368   -6.042  -5.830  1.00 54.80 ? 9   PRO A CB  1 
ATOM   62   C CG  . PRO A 1 9   ? 1.347   -7.082  -5.515  1.00 46.07 ? 9   PRO A CG  1 
ATOM   63   C CD  . PRO A 1 9   ? 0.185   -6.789  -6.412  1.00 54.37 ? 9   PRO A CD  1 
ATOM   64   N N   . GLY A 1 10  ? 2.625   -2.794  -7.033  1.00 53.25 ? 10  GLY A N   1 
ATOM   65   C CA  . GLY A 1 10  ? 3.187   -1.936  -8.051  1.00 55.99 ? 10  GLY A CA  1 
ATOM   66   C C   . GLY A 1 10  ? 2.181   -1.126  -8.834  1.00 54.60 ? 10  GLY A C   1 
ATOM   67   O O   . GLY A 1 10  ? 2.548   -0.533  -9.853  1.00 45.09 ? 10  GLY A O   1 
ATOM   68   N N   . ALA A 1 11  ? 0.921   -1.081  -8.397  1.00 51.46 ? 11  ALA A N   1 
ATOM   69   C CA  . ALA A 1 11  ? -0.076  -0.259  -9.071  1.00 47.28 ? 11  ALA A CA  1 
ATOM   70   C C   . ALA A 1 11  ? 0.104   1.227   -8.802  1.00 54.07 ? 11  ALA A C   1 
ATOM   71   O O   . ALA A 1 11  ? -0.506  2.041   -9.501  1.00 61.67 ? 11  ALA A O   1 
ATOM   72   C CB  . ALA A 1 11  ? -1.483  -0.691  -8.652  1.00 49.87 ? 11  ALA A CB  1 
ATOM   73   N N   . GLY A 1 12  ? 0.912   1.597   -7.823  1.00 52.46 ? 12  GLY A N   1 
ATOM   74   C CA  . GLY A 1 12  ? 1.135   2.982   -7.476  1.00 47.24 ? 12  GLY A CA  1 
ATOM   75   C C   . GLY A 1 12  ? 0.446   3.473   -6.212  1.00 49.41 ? 12  GLY A C   1 
ATOM   76   O O   . GLY A 1 12  ? 0.346   4.692   -6.025  1.00 50.41 ? 12  GLY A O   1 
ATOM   77   N N   . LYS A 1 13  ? -0.022  2.571   -5.344  1.00 61.11 ? 13  LYS A N   1 
ATOM   78   C CA  . LYS A 1 13  ? -0.771  2.994   -4.163  1.00 53.86 ? 13  LYS A CA  1 
ATOM   79   C C   . LYS A 1 13  ? 0.092   3.825   -3.219  1.00 52.27 ? 13  LYS A C   1 
ATOM   80   O O   . LYS A 1 13  ? -0.355  4.860   -2.709  1.00 53.65 ? 13  LYS A O   1 
ATOM   81   C CB  . LYS A 1 13  ? -1.333  1.776   -3.431  1.00 51.33 ? 13  LYS A CB  1 
ATOM   82   C CG  . LYS A 1 13  ? -2.268  0.915   -4.262  1.00 55.73 ? 13  LYS A CG  1 
ATOM   83   C CD  . LYS A 1 13  ? -2.760  -0.281  -3.461  1.00 54.22 ? 13  LYS A CD  1 
ATOM   84   C CE  . LYS A 1 13  ? -1.609  -1.181  -3.046  1.00 54.13 ? 13  LYS A CE  1 
ATOM   85   N NZ  . LYS A 1 13  ? -0.901  -1.742  -4.228  1.00 52.02 ? 13  LYS A NZ  1 
ATOM   86   N N   . GLY A 1 14  ? 1.329   3.389   -2.975  1.00 48.85 ? 14  GLY A N   1 
ATOM   87   C CA  . GLY A 1 14  ? 2.186   4.109   -2.046  1.00 52.64 ? 14  GLY A CA  1 
ATOM   88   C C   . GLY A 1 14  ? 2.577   5.487   -2.546  1.00 56.23 ? 14  GLY A C   1 
ATOM   89   O O   . GLY A 1 14  ? 2.715   6.424   -1.755  1.00 52.44 ? 14  GLY A O   1 
ATOM   90   N N   . THR A 1 15  ? 2.771   5.627   -3.859  1.00 60.98 ? 15  THR A N   1 
ATOM   91   C CA  . THR A 1 15  ? 3.080   6.938   -4.424  1.00 53.84 ? 15  THR A CA  1 
ATOM   92   C C   . THR A 1 15  ? 1.934   7.913   -4.189  1.00 57.74 ? 15  THR A C   1 
ATOM   93   O O   . THR A 1 15  ? 2.131   9.005   -3.646  1.00 61.69 ? 15  THR A O   1 
ATOM   94   C CB  . THR A 1 15  ? 3.379   6.813   -5.919  1.00 54.61 ? 15  THR A CB  1 
ATOM   95   O OG1 . THR A 1 15  ? 4.658   6.193   -6.104  1.00 56.12 ? 15  THR A OG1 1 
ATOM   96   C CG2 . THR A 1 15  ? 3.388   8.186   -6.579  1.00 53.03 ? 15  THR A CG2 1 
ATOM   97   N N   . GLN A 1 16  ? 0.720   7.525   -4.586  1.00 54.56 ? 16  GLN A N   1 
ATOM   98   C CA  . GLN A 1 16  ? -0.439  8.384   -4.383  1.00 56.20 ? 16  GLN A CA  1 
ATOM   99   C C   . GLN A 1 16  ? -0.825  8.496   -2.914  1.00 59.79 ? 16  GLN A C   1 
ATOM   100  O O   . GLN A 1 16  ? -1.572  9.412   -2.552  1.00 61.03 ? 16  GLN A O   1 
ATOM   101  C CB  . GLN A 1 16  ? -1.624  7.867   -5.198  1.00 56.02 ? 16  GLN A CB  1 
ATOM   102  C CG  . GLN A 1 16  ? -1.402  7.906   -6.703  1.00 63.82 ? 16  GLN A CG  1 
ATOM   103  C CD  . GLN A 1 16  ? -1.058  9.294   -7.210  1.00 60.90 ? 16  GLN A CD  1 
ATOM   104  O OE1 . GLN A 1 16  ? -1.559  10.297  -6.705  1.00 60.52 ? 16  GLN A OE1 1 
ATOM   105  N NE2 . GLN A 1 16  ? -0.195  9.355   -8.220  1.00 59.11 ? 16  GLN A NE2 1 
ATOM   106  N N   . ALA A 1 17  ? -0.340  7.588   -2.063  1.00 60.12 ? 17  ALA A N   1 
ATOM   107  C CA  . ALA A 1 17  ? -0.602  7.712   -0.633  1.00 62.20 ? 17  ALA A CA  1 
ATOM   108  C C   . ALA A 1 17  ? 0.078   8.946   -0.055  1.00 58.47 ? 17  ALA A C   1 
ATOM   109  O O   . ALA A 1 17  ? -0.482  9.619   0.817   1.00 65.21 ? 17  ALA A O   1 
ATOM   110  C CB  . ALA A 1 17  ? -0.142  6.451   0.098   1.00 60.72 ? 17  ALA A CB  1 
ATOM   111  N N   . GLN A 1 18  ? 1.284   9.262   -0.533  1.00 57.74 ? 18  GLN A N   1 
ATOM   112  C CA  . GLN A 1 18  ? 1.970   10.462  -0.070  1.00 59.14 ? 18  GLN A CA  1 
ATOM   113  C C   . GLN A 1 18  ? 1.198   11.719  -0.449  1.00 64.43 ? 18  GLN A C   1 
ATOM   114  O O   . GLN A 1 18  ? 1.113   12.667  0.342   1.00 68.16 ? 18  GLN A O   1 
ATOM   115  C CB  . GLN A 1 18  ? 3.388   10.510  -0.642  1.00 62.17 ? 18  GLN A CB  1 
ATOM   116  N N   . PHE A 1 19  ? 0.617   11.742  -1.651  1.00 61.68 ? 19  PHE A N   1 
ATOM   117  C CA  . PHE A 1 19  ? -0.121  12.919  -2.096  1.00 58.55 ? 19  PHE A CA  1 
ATOM   118  C C   . PHE A 1 19  ? -1.405  13.103  -1.296  1.00 61.46 ? 19  PHE A C   1 
ATOM   119  O O   . PHE A 1 19  ? -1.679  14.196  -0.789  1.00 66.50 ? 19  PHE A O   1 
ATOM   120  C CB  . PHE A 1 19  ? -0.432  12.814  -3.589  1.00 64.62 ? 19  PHE A CB  1 
ATOM   121  C CG  . PHE A 1 19  ? -1.568  13.694  -4.030  1.00 68.96 ? 19  PHE A CG  1 
ATOM   122  C CD1 . PHE A 1 19  ? -1.402  15.066  -4.125  1.00 68.35 ? 19  PHE A CD1 1 
ATOM   123  C CD2 . PHE A 1 19  ? -2.805  13.151  -4.338  1.00 62.80 ? 19  PHE A CD2 1 
ATOM   124  C CE1 . PHE A 1 19  ? -2.445  15.880  -4.525  1.00 62.86 ? 19  PHE A CE1 1 
ATOM   125  C CE2 . PHE A 1 19  ? -3.853  13.959  -4.737  1.00 61.80 ? 19  PHE A CE2 1 
ATOM   126  C CZ  . PHE A 1 19  ? -3.671  15.325  -4.831  1.00 65.29 ? 19  PHE A CZ  1 
ATOM   127  N N   . ILE A 1 20  ? -2.213  12.043  -1.184  1.00 61.05 ? 20  ILE A N   1 
ATOM   128  C CA  . ILE A 1 20  ? -3.462  12.124  -0.430  1.00 59.28 ? 20  ILE A CA  1 
ATOM   129  C C   . ILE A 1 20  ? -3.195  12.548  1.006   1.00 64.13 ? 20  ILE A C   1 
ATOM   130  O O   . ILE A 1 20  ? -4.004  13.260  1.616   1.00 66.82 ? 20  ILE A O   1 
ATOM   131  C CB  . ILE A 1 20  ? -4.210  10.776  -0.491  1.00 60.33 ? 20  ILE A CB  1 
ATOM   132  C CG1 . ILE A 1 20  ? -4.541  10.410  -1.938  1.00 55.92 ? 20  ILE A CG1 1 
ATOM   133  C CG2 . ILE A 1 20  ? -5.482  10.822  0.344   1.00 62.05 ? 20  ILE A CG2 1 
ATOM   134  C CD1 . ILE A 1 20  ? -5.232  9.072   -2.083  1.00 51.38 ? 20  ILE A CD1 1 
ATOM   135  N N   . MET A 1 21  ? -2.056  12.133  1.562   1.00 62.96 ? 21  MET A N   1 
ATOM   136  C CA  . MET A 1 21  ? -1.685  12.546  2.912   1.00 63.22 ? 21  MET A CA  1 
ATOM   137  C C   . MET A 1 21  ? -1.552  14.061  3.006   1.00 66.86 ? 21  MET A C   1 
ATOM   138  O O   . MET A 1 21  ? -2.104  14.690  3.916   1.00 68.14 ? 21  MET A O   1 
ATOM   139  C CB  . MET A 1 21  ? -0.378  11.867  3.317   1.00 65.49 ? 21  MET A CB  1 
ATOM   140  C CG  . MET A 1 21  ? -0.312  11.451  4.773   1.00 70.53 ? 21  MET A CG  1 
ATOM   141  S SD  . MET A 1 21  ? 1.212   10.575  5.174   1.00 81.75 ? 21  MET A SD  1 
ATOM   142  C CE  . MET A 1 21  ? 1.696   9.959   3.563   1.00 68.00 ? 21  MET A CE  1 
ATOM   143  N N   . GLU A 1 22  ? -0.825  14.665  2.066   1.00 66.57 ? 22  GLU A N   1 
ATOM   144  C CA  . GLU A 1 22  ? -0.581  16.103  2.122   1.00 71.19 ? 22  GLU A CA  1 
ATOM   145  C C   . GLU A 1 22  ? -1.813  16.903  1.716   1.00 69.61 ? 22  GLU A C   1 
ATOM   146  O O   . GLU A 1 22  ? -2.146  17.903  2.360   1.00 72.99 ? 22  GLU A O   1 
ATOM   147  C CB  . GLU A 1 22  ? 0.606   16.468  1.232   1.00 69.13 ? 22  GLU A CB  1 
ATOM   148  C CG  . GLU A 1 22  ? 1.932   15.899  1.708   1.00 73.47 ? 22  GLU A CG  1 
ATOM   149  C CD  . GLU A 1 22  ? 3.109   16.408  0.898   1.00 86.73 ? 22  GLU A CD  1 
ATOM   150  O OE1 . GLU A 1 22  ? 3.108   16.223  -0.338  1.00 84.50 ? 22  GLU A OE1 1 
ATOM   151  O OE2 . GLU A 1 22  ? 4.035   16.994  1.499   1.00 88.07 ? 22  GLU A OE2 1 
ATOM   152  N N   . LYS A 1 23  ? -2.501  16.478  0.654   1.00 71.38 ? 23  LYS A N   1 
ATOM   153  C CA  . LYS A 1 23  ? -3.615  17.265  0.134   1.00 70.78 ? 23  LYS A CA  1 
ATOM   154  C C   . LYS A 1 23  ? -4.790  17.291  1.105   1.00 72.34 ? 23  LYS A C   1 
ATOM   155  O O   . LYS A 1 23  ? -5.456  18.323  1.255   1.00 77.32 ? 23  LYS A O   1 
ATOM   156  C CB  . LYS A 1 23  ? -4.057  16.718  -1.223  1.00 62.66 ? 23  LYS A CB  1 
ATOM   157  N N   . TYR A 1 24  ? -5.059  16.172  1.779   1.00 68.92 ? 24  TYR A N   1 
ATOM   158  C CA  . TYR A 1 24  ? -6.245  16.052  2.615   1.00 67.39 ? 24  TYR A CA  1 
ATOM   159  C C   . TYR A 1 24  ? -5.942  15.808  4.086   1.00 66.20 ? 24  TYR A C   1 
ATOM   160  O O   . TYR A 1 24  ? -6.881  15.668  4.879   1.00 68.36 ? 24  TYR A O   1 
ATOM   161  C CB  . TYR A 1 24  ? -7.153  14.938  2.076   1.00 69.58 ? 24  TYR A CB  1 
ATOM   162  C CG  . TYR A 1 24  ? -7.575  15.169  0.643   1.00 67.67 ? 24  TYR A CG  1 
ATOM   163  C CD1 . TYR A 1 24  ? -8.555  16.103  0.331   1.00 65.86 ? 24  TYR A CD1 1 
ATOM   164  C CD2 . TYR A 1 24  ? -6.983  14.467  -0.399  1.00 68.25 ? 24  TYR A CD2 1 
ATOM   165  C CE1 . TYR A 1 24  ? -8.941  16.324  -0.977  1.00 72.92 ? 24  TYR A CE1 1 
ATOM   166  C CE2 . TYR A 1 24  ? -7.363  14.681  -1.712  1.00 67.38 ? 24  TYR A CE2 1 
ATOM   167  C CZ  . TYR A 1 24  ? -8.342  15.610  -1.994  1.00 68.54 ? 24  TYR A CZ  1 
ATOM   168  O OH  . TYR A 1 24  ? -8.724  15.828  -3.297  1.00 73.57 ? 24  TYR A OH  1 
ATOM   169  N N   . GLY A 1 25  ? -4.669  15.747  4.474   1.00 63.87 ? 25  GLY A N   1 
ATOM   170  C CA  . GLY A 1 25  ? -4.307  15.760  5.883   1.00 66.14 ? 25  GLY A CA  1 
ATOM   171  C C   . GLY A 1 25  ? -4.801  14.585  6.695   1.00 64.71 ? 25  GLY A C   1 
ATOM   172  O O   . GLY A 1 25  ? -5.094  14.745  7.885   1.00 69.51 ? 25  GLY A O   1 
ATOM   173  N N   . ILE A 1 26  ? -4.903  13.405  6.093   1.00 67.26 ? 26  ILE A N   1 
ATOM   174  C CA  . ILE A 1 26  ? -5.277  12.205  6.837   1.00 62.06 ? 26  ILE A CA  1 
ATOM   175  C C   . ILE A 1 26  ? -4.051  11.302  6.933   1.00 63.17 ? 26  ILE A C   1 
ATOM   176  O O   . ILE A 1 26  ? -3.249  11.248  5.990   1.00 68.34 ? 26  ILE A O   1 
ATOM   177  C CB  . ILE A 1 26  ? -6.475  11.489  6.190   1.00 60.65 ? 26  ILE A CB  1 
ATOM   178  C CG1 . ILE A 1 26  ? -6.106  10.927  4.817   1.00 62.35 ? 26  ILE A CG1 1 
ATOM   179  C CG2 . ILE A 1 26  ? -7.661  12.438  6.074   1.00 64.72 ? 26  ILE A CG2 1 
ATOM   180  C CD1 . ILE A 1 26  ? -7.277  10.315  4.078   1.00 66.00 ? 26  ILE A CD1 1 
ATOM   181  N N   . PRO A 1 27  ? -3.853  10.596  8.045   1.00 58.06 ? 27  PRO A N   1 
ATOM   182  C CA  . PRO A 1 27  ? -2.620  9.817   8.209   1.00 59.05 ? 27  PRO A CA  1 
ATOM   183  C C   . PRO A 1 27  ? -2.608  8.577   7.330   1.00 60.28 ? 27  PRO A C   1 
ATOM   184  O O   . PRO A 1 27  ? -3.648  8.005   7.002   1.00 63.93 ? 27  PRO A O   1 
ATOM   185  C CB  . PRO A 1 27  ? -2.633  9.444   9.695   1.00 64.95 ? 27  PRO A CB  1 
ATOM   186  C CG  . PRO A 1 27  ? -4.073  9.442   10.064  1.00 62.69 ? 27  PRO A CG  1 
ATOM   187  C CD  . PRO A 1 27  ? -4.727  10.511  9.227   1.00 61.67 ? 27  PRO A CD  1 
ATOM   188  N N   . GLN A 1 28  ? -1.400  8.164   6.956   1.00 58.64 ? 28  GLN A N   1 
ATOM   189  C CA  . GLN A 1 28  ? -1.192  6.986   6.123   1.00 61.13 ? 28  GLN A CA  1 
ATOM   190  C C   . GLN A 1 28  ? -0.814  5.807   7.010   1.00 57.76 ? 28  GLN A C   1 
ATOM   191  O O   . GLN A 1 28  ? 0.217   5.841   7.690   1.00 63.12 ? 28  GLN A O   1 
ATOM   192  C CB  . GLN A 1 28  ? -0.105  7.239   5.078   1.00 65.59 ? 28  GLN A CB  1 
ATOM   193  C CG  . GLN A 1 28  ? 0.349   5.991   4.333   1.00 62.57 ? 28  GLN A CG  1 
ATOM   194  C CD  . GLN A 1 28  ? 1.753   6.126   3.772   1.00 64.81 ? 28  GLN A CD  1 
ATOM   195  O OE1 . GLN A 1 28  ? 1.936   6.406   2.587   1.00 65.22 ? 28  GLN A OE1 1 
ATOM   196  N NE2 . GLN A 1 28  ? 2.753   5.924   4.623   1.00 67.52 ? 28  GLN A NE2 1 
ATOM   197  N N   . ILE A 1 29  ? -1.646  4.771   6.999   1.00 56.34 ? 29  ILE A N   1 
ATOM   198  C CA  . ILE A 1 29  ? -1.385  3.536   7.728   1.00 53.52 ? 29  ILE A CA  1 
ATOM   199  C C   . ILE A 1 29  ? -0.974  2.495   6.696   1.00 48.54 ? 29  ILE A C   1 
ATOM   200  O O   . ILE A 1 29  ? -1.821  1.918   6.006   1.00 50.18 ? 29  ILE A O   1 
ATOM   201  C CB  . ILE A 1 29  ? -2.601  3.075   8.538   1.00 56.14 ? 29  ILE A CB  1 
ATOM   202  C CG1 . ILE A 1 29  ? -3.226  4.255   9.283   1.00 59.41 ? 29  ILE A CG1 1 
ATOM   203  C CG2 . ILE A 1 29  ? -2.204  1.973   9.510   1.00 46.66 ? 29  ILE A CG2 1 
ATOM   204  C CD1 . ILE A 1 29  ? -4.310  3.849   10.249  1.00 62.64 ? 29  ILE A CD1 1 
ATOM   205  N N   . SER A 1 30  ? 0.327   2.256   6.583   1.00 46.29 ? 30  SER A N   1 
ATOM   206  C CA  . SER A 1 30  ? 0.873   1.288   5.640   1.00 48.10 ? 30  SER A CA  1 
ATOM   207  C C   . SER A 1 30  ? 1.447   0.114   6.419   1.00 49.49 ? 30  SER A C   1 
ATOM   208  O O   . SER A 1 30  ? 2.403   0.281   7.185   1.00 53.02 ? 30  SER A O   1 
ATOM   209  C CB  . SER A 1 30  ? 1.945   1.928   4.758   1.00 50.63 ? 30  SER A CB  1 
ATOM   210  O OG  . SER A 1 30  ? 2.898   0.965   4.343   1.00 55.32 ? 30  SER A OG  1 
ATOM   211  N N   . THR A 1 31  ? 0.862   -1.070  6.224   1.00 43.90 ? 31  THR A N   1 
ATOM   212  C CA  . THR A 1 31  ? 1.352   -2.253  6.922   1.00 43.37 ? 31  THR A CA  1 
ATOM   213  C C   . THR A 1 31  ? 2.758   -2.629  6.473   1.00 48.42 ? 31  THR A C   1 
ATOM   214  O O   . THR A 1 31  ? 3.546   -3.135  7.279   1.00 51.12 ? 31  THR A O   1 
ATOM   215  C CB  . THR A 1 31  ? 0.399   -3.429  6.713   1.00 45.20 ? 31  THR A CB  1 
ATOM   216  O OG1 . THR A 1 31  ? 0.016   -3.503  5.335   1.00 40.54 ? 31  THR A OG1 1 
ATOM   217  C CG2 . THR A 1 31  ? -0.839  -3.261  7.568   1.00 50.71 ? 31  THR A CG2 1 
ATOM   218  N N   . GLY A 1 32  ? 3.091   -2.392  5.204   1.00 45.99 ? 32  GLY A N   1 
ATOM   219  C CA  . GLY A 1 32  ? 4.442   -2.669  4.744   1.00 42.62 ? 32  GLY A CA  1 
ATOM   220  C C   . GLY A 1 32  ? 5.480   -1.821  5.453   1.00 50.05 ? 32  GLY A C   1 
ATOM   221  O O   . GLY A 1 32  ? 6.549   -2.314  5.822   1.00 49.11 ? 32  GLY A O   1 
ATOM   222  N N   . ASP A 1 33  ? 5.179   -0.537  5.653   1.00 49.31 ? 33  ASP A N   1 
ATOM   223  C CA  . ASP A 1 33  ? 6.085   0.335   6.394   1.00 51.54 ? 33  ASP A CA  1 
ATOM   224  C C   . ASP A 1 33  ? 6.233   -0.133  7.835   1.00 51.38 ? 33  ASP A C   1 
ATOM   225  O O   . ASP A 1 33  ? 7.350   -0.262  8.348   1.00 55.72 ? 33  ASP A O   1 
ATOM   226  C CB  . ASP A 1 33  ? 5.580   1.778   6.354   1.00 51.14 ? 33  ASP A CB  1 
ATOM   227  C CG  . ASP A 1 33  ? 5.772   2.432   5.002   1.00 59.61 ? 33  ASP A CG  1 
ATOM   228  O OD1 . ASP A 1 33  ? 6.769   2.114   4.319   1.00 60.47 ? 33  ASP A OD1 1 
ATOM   229  O OD2 . ASP A 1 33  ? 4.926   3.270   4.623   1.00 59.45 ? 33  ASP A OD2 1 
ATOM   230  N N   . MET A 1 34  ? 5.106   -0.396  8.503   1.00 47.66 ? 34  MET A N   1 
ATOM   231  C CA  . MET A 1 34  ? 5.141   -0.755  9.917   1.00 49.62 ? 34  MET A CA  1 
ATOM   232  C C   . MET A 1 34  ? 5.889   -2.063  10.146  1.00 51.69 ? 34  MET A C   1 
ATOM   233  O O   . MET A 1 34  ? 6.643   -2.191  11.118  1.00 58.00 ? 34  MET A O   1 
ATOM   234  C CB  . MET A 1 34  ? 3.718   -0.849  10.466  1.00 47.51 ? 34  MET A CB  1 
ATOM   235  C CG  . MET A 1 34  ? 2.957   0.464   10.449  1.00 46.45 ? 34  MET A CG  1 
ATOM   236  S SD  . MET A 1 34  ? 1.440   0.389   11.419  1.00 45.57 ? 34  MET A SD  1 
ATOM   237  C CE  . MET A 1 34  ? 0.417   -0.633  10.361  1.00 46.53 ? 34  MET A CE  1 
ATOM   238  N N   . LEU A 1 35  ? 5.693   -3.047  9.266   1.00 48.84 ? 35  LEU A N   1 
ATOM   239  C CA  . LEU A 1 35  ? 6.425   -4.301  9.398   1.00 48.52 ? 35  LEU A CA  1 
ATOM   240  C C   . LEU A 1 35  ? 7.910   -4.094  9.129   1.00 48.55 ? 35  LEU A C   1 
ATOM   241  O O   . LEU A 1 35  ? 8.757   -4.497  9.934   1.00 51.87 ? 35  LEU A O   1 
ATOM   242  C CB  . LEU A 1 35  ? 5.845   -5.354  8.453   1.00 48.25 ? 35  LEU A CB  1 
ATOM   243  C CG  . LEU A 1 35  ? 4.398   -5.768  8.724   1.00 53.38 ? 35  LEU A CG  1 
ATOM   244  C CD1 . LEU A 1 35  ? 3.828   -6.520  7.531   1.00 44.05 ? 35  LEU A CD1 1 
ATOM   245  C CD2 . LEU A 1 35  ? 4.291   -6.594  9.997   1.00 43.98 ? 35  LEU A CD2 1 
ATOM   246  N N   . ARG A 1 36  ? 8.246   -3.456  8.002   1.00 58.26 ? 36  ARG A N   1 
ATOM   247  C CA  . ARG A 1 36  ? 9.647   -3.190  7.686   1.00 57.00 ? 36  ARG A CA  1 
ATOM   248  C C   . ARG A 1 36  ? 10.321  -2.360  8.772   1.00 49.84 ? 36  ARG A C   1 
ATOM   249  O O   . ARG A 1 36  ? 11.530  -2.491  8.993   1.00 45.38 ? 36  ARG A O   1 
ATOM   250  C CB  . ARG A 1 36  ? 9.758   -2.488  6.331   1.00 49.41 ? 36  ARG A CB  1 
ATOM   251  C CG  . ARG A 1 36  ? 9.618   -3.416  5.134   1.00 49.94 ? 36  ARG A CG  1 
ATOM   252  C CD  . ARG A 1 36  ? 9.913   -2.691  3.829   1.00 48.46 ? 36  ARG A CD  1 
ATOM   253  N NE  . ARG A 1 36  ? 8.969   -1.605  3.580   1.00 43.78 ? 36  ARG A NE  1 
ATOM   254  C CZ  . ARG A 1 36  ? 7.821   -1.750  2.927   1.00 44.35 ? 36  ARG A CZ  1 
ATOM   255  N NH1 . ARG A 1 36  ? 7.471   -2.937  2.453   1.00 46.64 ? 36  ARG A NH1 1 
ATOM   256  N NH2 . ARG A 1 36  ? 7.021   -0.707  2.749   1.00 47.26 ? 36  ARG A NH2 1 
ATOM   257  N N   . ALA A 1 37  ? 9.559   -1.504  9.459   1.00 48.99 ? 37  ALA A N   1 
ATOM   258  C CA  . ALA A 1 37  ? 10.114  -0.763  10.586  1.00 48.08 ? 37  ALA A CA  1 
ATOM   259  C C   . ALA A 1 37  ? 10.309  -1.666  11.795  1.00 56.72 ? 37  ALA A C   1 
ATOM   260  O O   . ALA A 1 37  ? 11.326  -1.571  12.492  1.00 59.57 ? 37  ALA A O   1 
ATOM   261  C CB  . ALA A 1 37  ? 9.208   0.416   10.938  1.00 42.31 ? 37  ALA A CB  1 
ATOM   262  N N   . ALA A 1 38  ? 9.343   -2.550  12.061  1.00 54.59 ? 38  ALA A N   1 
ATOM   263  C CA  . ALA A 1 38  ? 9.467   -3.460  13.193  1.00 54.41 ? 38  ALA A CA  1 
ATOM   264  C C   . ALA A 1 38  ? 10.633  -4.422  13.004  1.00 56.32 ? 38  ALA A C   1 
ATOM   265  O O   . ALA A 1 38  ? 11.315  -4.781  13.970  1.00 63.88 ? 38  ALA A O   1 
ATOM   266  C CB  . ALA A 1 38  ? 8.160   -4.227  13.391  1.00 51.15 ? 38  ALA A CB  1 
ATOM   267  N N   . VAL A 1 39  ? 10.880  -4.850  11.764  1.00 51.05 ? 39  VAL A N   1 
ATOM   268  C CA  . VAL A 1 39  ? 12.024  -5.714  11.496  1.00 52.25 ? 39  VAL A CA  1 
ATOM   269  C C   . VAL A 1 39  ? 13.325  -4.938  11.641  1.00 58.31 ? 39  VAL A C   1 
ATOM   270  O O   . VAL A 1 39  ? 14.313  -5.451  12.179  1.00 69.59 ? 39  VAL A O   1 
ATOM   271  C CB  . VAL A 1 39  ? 11.903  -6.349  10.099  1.00 53.52 ? 39  VAL A CB  1 
ATOM   272  C CG1 . VAL A 1 39  ? 13.039  -7.325  9.868   1.00 57.96 ? 39  VAL A CG1 1 
ATOM   273  C CG2 . VAL A 1 39  ? 10.564  -7.049  9.944   1.00 52.59 ? 39  VAL A CG2 1 
ATOM   274  N N   . LYS A 1 40  ? 13.346  -3.689  11.168  1.00 60.91 ? 40  LYS A N   1 
ATOM   275  C CA  . LYS A 1 40  ? 14.575  -2.900  11.194  1.00 64.20 ? 40  LYS A CA  1 
ATOM   276  C C   . LYS A 1 40  ? 15.019  -2.607  12.621  1.00 66.60 ? 40  LYS A C   1 
ATOM   277  O O   . LYS A 1 40  ? 16.218  -2.634  12.924  1.00 70.47 ? 40  LYS A O   1 
ATOM   278  C CB  . LYS A 1 40  ? 14.373  -1.601  10.411  1.00 64.62 ? 40  LYS A CB  1 
ATOM   279  C CG  . LYS A 1 40  ? 15.436  -0.542  10.652  1.00 64.53 ? 40  LYS A CG  1 
ATOM   280  C CD  . LYS A 1 40  ? 14.924  0.847   10.302  1.00 66.75 ? 40  LYS A CD  1 
ATOM   281  C CE  . LYS A 1 40  ? 16.048  1.739   9.795   1.00 62.05 ? 40  LYS A CE  1 
ATOM   282  N NZ  . LYS A 1 40  ? 15.664  2.461   8.549   1.00 69.02 ? 40  LYS A NZ  1 
ATOM   283  N N   . SER A 1 41  ? 14.071  -2.334  13.513  1.00 63.45 ? 41  SER A N   1 
ATOM   284  C CA  . SER A 1 41  ? 14.373  -2.056  14.910  1.00 62.87 ? 41  SER A CA  1 
ATOM   285  C C   . SER A 1 41  ? 14.251  -3.287  15.797  1.00 64.83 ? 41  SER A C   1 
ATOM   286  O O   . SER A 1 41  ? 14.460  -3.182  17.010  1.00 69.49 ? 41  SER A O   1 
ATOM   287  C CB  . SER A 1 41  ? 13.456  -0.949  15.440  1.00 60.15 ? 41  SER A CB  1 
ATOM   288  O OG  . SER A 1 41  ? 12.091  -1.298  15.282  1.00 64.62 ? 41  SER A OG  1 
ATOM   289  N N   . GLY A 1 42  ? 13.928  -4.446  15.228  1.00 65.40 ? 42  GLY A N   1 
ATOM   290  C CA  . GLY A 1 42  ? 13.729  -5.638  16.033  1.00 61.19 ? 42  GLY A CA  1 
ATOM   291  C C   . GLY A 1 42  ? 12.548  -5.547  16.969  1.00 65.84 ? 42  GLY A C   1 
ATOM   292  O O   . GLY A 1 42  ? 12.570  -6.151  18.049  1.00 67.69 ? 42  GLY A O   1 
ATOM   293  N N   . SER A 1 43  ? 11.512  -4.803  16.586  1.00 64.76 ? 43  SER A N   1 
ATOM   294  C CA  . SER A 1 43  ? 10.340  -4.652  17.435  1.00 62.41 ? 43  SER A CA  1 
ATOM   295  C C   . SER A 1 43  ? 9.581   -5.967  17.520  1.00 60.19 ? 43  SER A C   1 
ATOM   296  O O   . SER A 1 43  ? 9.306   -6.608  16.500  1.00 56.88 ? 43  SER A O   1 
ATOM   297  C CB  . SER A 1 43  ? 9.434   -3.545  16.899  1.00 61.44 ? 43  SER A CB  1 
ATOM   298  O OG  . SER A 1 43  ? 8.304   -3.359  17.733  1.00 69.21 ? 43  SER A OG  1 
ATOM   299  N N   . GLU A 1 44  ? 9.240   -6.361  18.747  1.00 63.86 ? 44  GLU A N   1 
ATOM   300  C CA  . GLU A 1 44  ? 8.605   -7.659  18.963  1.00 57.09 ? 44  GLU A CA  1 
ATOM   301  C C   . GLU A 1 44  ? 7.301   -7.796  18.174  1.00 56.24 ? 44  GLU A C   1 
ATOM   302  O O   . GLU A 1 44  ? 6.990   -8.873  17.654  1.00 56.48 ? 44  GLU A O   1 
ATOM   303  C CB  . GLU A 1 44  ? 8.359   -7.868  20.458  1.00 51.20 ? 44  GLU A CB  1 
ATOM   304  C CG  . GLU A 1 44  ? 7.185   -8.769  20.778  1.00 49.89 ? 44  GLU A CG  1 
ATOM   305  C CD  . GLU A 1 44  ? 7.455   -10.220 20.452  1.00 52.45 ? 44  GLU A CD  1 
ATOM   306  O OE1 . GLU A 1 44  ? 6.478   -10.978 20.292  1.00 49.13 ? 44  GLU A OE1 1 
ATOM   307  O OE2 . GLU A 1 44  ? 8.640   -10.603 20.360  1.00 50.86 ? 44  GLU A OE2 1 
ATOM   308  N N   . LEU A 1 45  ? 6.530   -6.717  18.063  1.00 57.94 ? 45  LEU A N   1 
ATOM   309  C CA  . LEU A 1 45  ? 5.266   -6.740  17.325  1.00 52.28 ? 45  LEU A CA  1 
ATOM   310  C C   . LEU A 1 45  ? 5.526   -6.410  15.852  1.00 53.74 ? 45  LEU A C   1 
ATOM   311  O O   . LEU A 1 45  ? 5.215   -5.327  15.350  1.00 58.07 ? 45  LEU A O   1 
ATOM   312  C CB  . LEU A 1 45  ? 4.276   -5.773  17.958  1.00 40.25 ? 45  LEU A CB  1 
ATOM   313  C CG  . LEU A 1 45  ? 2.845   -5.722  17.426  1.00 44.17 ? 45  LEU A CG  1 
ATOM   314  C CD1 . LEU A 1 45  ? 2.166   -7.071  17.454  1.00 53.17 ? 45  LEU A CD1 1 
ATOM   315  C CD2 . LEU A 1 45  ? 2.039   -4.691  18.202  1.00 47.04 ? 45  LEU A CD2 1 
ATOM   316  N N   . GLY A 1 46  ? 6.137   -7.375  15.164  1.00 54.20 ? 46  GLY A N   1 
ATOM   317  C CA  . GLY A 1 46  ? 6.367   -7.243  13.739  1.00 49.43 ? 46  GLY A CA  1 
ATOM   318  C C   . GLY A 1 46  ? 7.665   -7.817  13.204  1.00 52.31 ? 46  GLY A C   1 
ATOM   319  O O   . GLY A 1 46  ? 7.747   -8.108  12.008  1.00 53.73 ? 46  GLY A O   1 
ATOM   320  N N   . LYS A 1 47  ? 8.682   -7.988  14.057  1.00 53.93 ? 47  LYS A N   1 
ATOM   321  C CA  . LYS A 1 47  ? 9.981   -8.462  13.580  1.00 54.51 ? 47  LYS A CA  1 
ATOM   322  C C   . LYS A 1 47  ? 9.907   -9.850  12.956  1.00 52.75 ? 47  LYS A C   1 
ATOM   323  O O   . LYS A 1 47  ? 10.821  -10.237 12.219  1.00 52.50 ? 47  LYS A O   1 
ATOM   324  C CB  . LYS A 1 47  ? 11.002  -8.473  14.721  1.00 54.75 ? 47  LYS A CB  1 
ATOM   325  C CG  . LYS A 1 47  ? 10.679  -9.451  15.843  1.00 55.66 ? 47  LYS A CG  1 
ATOM   326  C CD  . LYS A 1 47  ? 11.791  -9.486  16.883  1.00 61.83 ? 47  LYS A CD  1 
ATOM   327  C CE  . LYS A 1 47  ? 11.396  -10.323 18.089  1.00 64.81 ? 47  LYS A CE  1 
ATOM   328  N NZ  . LYS A 1 47  ? 12.545  -10.567 19.003  1.00 67.48 ? 47  LYS A NZ  1 
ATOM   329  N N   . GLN A 1 48  ? 8.841   -10.604 13.230  1.00 56.84 ? 48  GLN A N   1 
ATOM   330  C CA  . GLN A 1 48  ? 8.708   -11.951 12.691  1.00 57.43 ? 48  GLN A CA  1 
ATOM   331  C C   . GLN A 1 48  ? 8.449   -11.959 11.190  1.00 51.88 ? 48  GLN A C   1 
ATOM   332  O O   . GLN A 1 48  ? 8.626   -13.000 10.550  1.00 53.22 ? 48  GLN A O   1 
ATOM   333  C CB  . GLN A 1 48  ? 7.583   -12.688 13.418  1.00 46.76 ? 48  GLN A CB  1 
ATOM   334  C CG  . GLN A 1 48  ? 7.652   -12.583 14.934  1.00 49.25 ? 48  GLN A CG  1 
ATOM   335  C CD  . GLN A 1 48  ? 6.825   -11.435 15.484  1.00 51.25 ? 48  GLN A CD  1 
ATOM   336  O OE1 . GLN A 1 48  ? 6.390   -10.556 14.742  1.00 45.70 ? 48  GLN A OE1 1 
ATOM   337  N NE2 . GLN A 1 48  ? 6.608   -11.438 16.795  1.00 60.82 ? 48  GLN A NE2 1 
ATOM   338  N N   . ALA A 1 49  ? 8.042   -10.829 10.616  1.00 54.99 ? 49  ALA A N   1 
ATOM   339  C CA  . ALA A 1 49  ? 7.718   -10.758 9.197   1.00 57.48 ? 49  ALA A CA  1 
ATOM   340  C C   . ALA A 1 49  ? 8.947   -10.673 8.300   1.00 57.51 ? 49  ALA A C   1 
ATOM   341  O O   . ALA A 1 49  ? 8.791   -10.518 7.085   1.00 61.56 ? 49  ALA A O   1 
ATOM   342  C CB  . ALA A 1 49  ? 6.807   -9.558  8.927   1.00 53.50 ? 49  ALA A CB  1 
ATOM   343  N N   . LYS A 1 50  ? 10.154  -10.779 8.861   1.00 58.93 ? 50  LYS A N   1 
ATOM   344  C CA  . LYS A 1 50  ? 11.370  -10.607 8.071   1.00 57.44 ? 50  LYS A CA  1 
ATOM   345  C C   . LYS A 1 50  ? 11.462  -11.643 6.957   1.00 58.01 ? 50  LYS A C   1 
ATOM   346  O O   . LYS A 1 50  ? 11.461  -11.302 5.768   1.00 64.75 ? 50  LYS A O   1 
ATOM   347  C CB  . LYS A 1 50  ? 12.597  -10.690 8.981   1.00 59.64 ? 50  LYS A CB  1 
ATOM   348  N N   . ASP A 1 51  ? 11.538  -12.922 7.328   1.00 61.82 ? 51  ASP A N   1 
ATOM   349  C CA  . ASP A 1 51  ? 11.813  -13.970 6.350   1.00 58.98 ? 51  ASP A CA  1 
ATOM   350  C C   . ASP A 1 51  ? 10.687  -14.126 5.339   1.00 60.34 ? 51  ASP A C   1 
ATOM   351  O O   . ASP A 1 51  ? 10.930  -14.563 4.209   1.00 65.53 ? 51  ASP A O   1 
ATOM   352  C CB  . ASP A 1 51  ? 12.056  -15.298 7.066   1.00 62.90 ? 51  ASP A CB  1 
ATOM   353  C CG  . ASP A 1 51  ? 13.116  -15.192 8.141   1.00 67.20 ? 51  ASP A CG  1 
ATOM   354  O OD1 . ASP A 1 51  ? 14.180  -14.600 7.870   1.00 65.98 ? 51  ASP A OD1 1 
ATOM   355  O OD2 . ASP A 1 51  ? 12.882  -15.699 9.259   1.00 68.95 ? 51  ASP A OD2 1 
ATOM   356  N N   . ILE A 1 52  ? 9.461   -13.776 5.712   1.00 59.65 ? 52  ILE A N   1 
ATOM   357  C CA  . ILE A 1 52  ? 8.327   -14.045 4.838   1.00 61.56 ? 52  ILE A CA  1 
ATOM   358  C C   . ILE A 1 52  ? 8.015   -12.871 3.912   1.00 62.82 ? 52  ILE A C   1 
ATOM   359  O O   . ILE A 1 52  ? 7.434   -13.070 2.840   1.00 62.42 ? 52  ILE A O   1 
ATOM   360  C CB  . ILE A 1 52  ? 7.107   -14.443 5.682   1.00 58.79 ? 52  ILE A CB  1 
ATOM   361  C CG1 . ILE A 1 52  ? 6.330   -13.212 6.123   1.00 54.60 ? 52  ILE A CG1 1 
ATOM   362  C CG2 . ILE A 1 52  ? 7.540   -15.227 6.910   1.00 61.40 ? 52  ILE A CG2 1 
ATOM   363  C CD1 . ILE A 1 52  ? 5.021   -13.556 6.707   1.00 66.90 ? 52  ILE A CD1 1 
ATOM   364  N N   . MET A 1 53  ? 8.381   -11.646 4.301   1.00 61.58 ? 53  MET A N   1 
ATOM   365  C CA  . MET A 1 53  ? 8.338   -10.544 3.347   1.00 57.63 ? 53  MET A CA  1 
ATOM   366  C C   . MET A 1 53  ? 9.399   -10.731 2.274   1.00 62.01 ? 53  MET A C   1 
ATOM   367  O O   . MET A 1 53  ? 9.126   -10.554 1.081   1.00 61.26 ? 53  MET A O   1 
ATOM   368  C CB  . MET A 1 53  ? 8.528   -9.207  4.062   1.00 56.40 ? 53  MET A CB  1 
ATOM   369  C CG  . MET A 1 53  ? 7.342   -8.767  4.897   1.00 55.58 ? 53  MET A CG  1 
ATOM   370  S SD  . MET A 1 53  ? 7.535   -7.089  5.529   1.00 56.73 ? 53  MET A SD  1 
ATOM   371  C CE  . MET A 1 53  ? 9.008   -7.276  6.528   1.00 54.59 ? 53  MET A CE  1 
ATOM   372  N N   . ASP A 1 54  ? 10.615  -11.104 2.685   1.00 60.52 ? 54  ASP A N   1 
ATOM   373  C CA  . ASP A 1 54  ? 11.677  -11.382 1.726   1.00 64.61 ? 54  ASP A CA  1 
ATOM   374  C C   . ASP A 1 54  ? 11.319  -12.550 0.819   1.00 62.58 ? 54  ASP A C   1 
ATOM   375  O O   . ASP A 1 54  ? 11.774  -12.607 -0.330  1.00 73.77 ? 54  ASP A O   1 
ATOM   376  C CB  . ASP A 1 54  ? 12.984  -11.668 2.466   1.00 59.05 ? 54  ASP A CB  1 
ATOM   377  C CG  . ASP A 1 54  ? 13.456  -10.487 3.292   1.00 66.09 ? 54  ASP A CG  1 
ATOM   378  O OD1 . ASP A 1 54  ? 12.902  -9.380  3.121   1.00 72.34 ? 54  ASP A OD1 1 
ATOM   379  O OD2 . ASP A 1 54  ? 14.378  -10.665 4.115   1.00 69.58 ? 54  ASP A OD2 1 
ATOM   380  N N   . ALA A 1 55  ? 10.508  -13.488 1.311   1.00 60.26 ? 55  ALA A N   1 
ATOM   381  C CA  . ALA A 1 55  ? 10.053  -14.599 0.486   1.00 56.37 ? 55  ALA A CA  1 
ATOM   382  C C   . ALA A 1 55  ? 8.899   -14.214 -0.428  1.00 54.14 ? 55  ALA A C   1 
ATOM   383  O O   . ALA A 1 55  ? 8.612   -14.944 -1.383  1.00 57.29 ? 55  ALA A O   1 
ATOM   384  C CB  . ALA A 1 55  ? 9.638   -15.777 1.370   1.00 57.04 ? 55  ALA A CB  1 
ATOM   385  N N   . GLY A 1 56  ? 8.235   -13.090 -0.161  1.00 57.58 ? 56  GLY A N   1 
ATOM   386  C CA  . GLY A 1 56  ? 7.103   -12.660 -0.949  1.00 57.87 ? 56  GLY A CA  1 
ATOM   387  C C   . GLY A 1 56  ? 5.759   -13.161 -0.475  1.00 63.57 ? 56  GLY A C   1 
ATOM   388  O O   . GLY A 1 56  ? 4.745   -12.876 -1.128  1.00 54.08 ? 56  GLY A O   1 
ATOM   389  N N   . LYS A 1 57  ? 5.712   -13.896 0.633   1.00 55.38 ? 57  LYS A N   1 
ATOM   390  C CA  . LYS A 1 57  ? 4.454   -14.388 1.164   1.00 50.50 ? 57  LYS A CA  1 
ATOM   391  C C   . LYS A 1 57  ? 3.790   -13.323 2.035   1.00 51.08 ? 57  LYS A C   1 
ATOM   392  O O   . LYS A 1 57  ? 4.385   -12.300 2.382   1.00 51.55 ? 57  LYS A O   1 
ATOM   393  C CB  . LYS A 1 57  ? 4.675   -15.673 1.960   1.00 60.28 ? 57  LYS A CB  1 
ATOM   394  N N   . LEU A 1 58  ? 2.533   -13.575 2.387   1.00 50.24 ? 58  LEU A N   1 
ATOM   395  C CA  . LEU A 1 58  ? 1.771   -12.670 3.233   1.00 49.67 ? 58  LEU A CA  1 
ATOM   396  C C   . LEU A 1 58  ? 2.016   -12.972 4.705   1.00 52.68 ? 58  LEU A C   1 
ATOM   397  O O   . LEU A 1 58  ? 2.316   -14.106 5.085   1.00 50.60 ? 58  LEU A O   1 
ATOM   398  C CB  . LEU A 1 58  ? 0.274   -12.779 2.937   1.00 47.46 ? 58  LEU A CB  1 
ATOM   399  C CG  . LEU A 1 58  ? -0.211  -12.350 1.554   1.00 42.62 ? 58  LEU A CG  1 
ATOM   400  C CD1 . LEU A 1 58  ? -1.727  -12.425 1.499   1.00 36.82 ? 58  LEU A CD1 1 
ATOM   401  C CD2 . LEU A 1 58  ? 0.275   -10.949 1.225   1.00 42.68 ? 58  LEU A CD2 1 
ATOM   402  N N   . VAL A 1 59  ? 1.877   -11.942 5.532   1.00 52.44 ? 59  VAL A N   1 
ATOM   403  C CA  . VAL A 1 59  ? 1.987   -12.105 6.977   1.00 52.85 ? 59  VAL A CA  1 
ATOM   404  C C   . VAL A 1 59  ? 0.666   -12.628 7.519   1.00 47.86 ? 59  VAL A C   1 
ATOM   405  O O   . VAL A 1 59  ? -0.405  -12.365 6.961   1.00 56.80 ? 59  VAL A O   1 
ATOM   406  C CB  . VAL A 1 59  ? 2.402   -10.779 7.647   1.00 53.22 ? 59  VAL A CB  1 
ATOM   407  C CG1 . VAL A 1 59  ? 2.768   -11.006 9.108   1.00 50.60 ? 59  VAL A CG1 1 
ATOM   408  C CG2 . VAL A 1 59  ? 3.570   -10.158 6.904   1.00 47.37 ? 59  VAL A CG2 1 
ATOM   409  N N   . THR A 1 60  ? 0.746   -13.400 8.602   1.00 43.32 ? 60  THR A N   1 
ATOM   410  C CA  . THR A 1 60  ? -0.444  -13.928 9.251   1.00 52.40 ? 60  THR A CA  1 
ATOM   411  C C   . THR A 1 60  ? -1.441  -12.810 9.512   1.00 47.80 ? 60  THR A C   1 
ATOM   412  O O   . THR A 1 60  ? -1.074  -11.733 9.990   1.00 53.09 ? 60  THR A O   1 
ATOM   413  C CB  . THR A 1 60  ? -0.071  -14.620 10.563  1.00 46.55 ? 60  THR A CB  1 
ATOM   414  O OG1 . THR A 1 60  ? 0.758   -13.753 11.347  1.00 54.50 ? 60  THR A OG1 1 
ATOM   415  C CG2 . THR A 1 60  ? 0.682   -15.904 10.284  1.00 40.26 ? 60  THR A CG2 1 
ATOM   416  N N   . ASP A 1 61  ? -2.703  -13.066 9.168   1.00 42.13 ? 61  ASP A N   1 
ATOM   417  C CA  . ASP A 1 61  ? -3.731  -12.034 9.274   1.00 42.83 ? 61  ASP A CA  1 
ATOM   418  C C   . ASP A 1 61  ? -3.791  -11.440 10.674  1.00 43.19 ? 61  ASP A C   1 
ATOM   419  O O   . ASP A 1 61  ? -3.970  -10.226 10.835  1.00 50.02 ? 61  ASP A O   1 
ATOM   420  C CB  . ASP A 1 61  ? -5.092  -12.608 8.875   1.00 46.25 ? 61  ASP A CB  1 
ATOM   421  C CG  . ASP A 1 61  ? -5.135  -13.053 7.426   1.00 53.88 ? 61  ASP A CG  1 
ATOM   422  O OD1 . ASP A 1 61  ? -5.778  -14.088 7.147   1.00 53.69 ? 61  ASP A OD1 1 
ATOM   423  O OD2 . ASP A 1 61  ? -4.531  -12.374 6.572   1.00 51.11 ? 61  ASP A OD2 1 
ATOM   424  N N   . GLU A 1 62  ? -3.610  -12.277 11.698  1.00 54.83 ? 62  GLU A N   1 
ATOM   425  C CA  . GLU A 1 62  ? -3.712  -11.788 13.065  1.00 53.90 ? 62  GLU A CA  1 
ATOM   426  C C   . GLU A 1 62  ? -2.622  -10.757 13.368  1.00 51.10 ? 62  GLU A C   1 
ATOM   427  O O   . GLU A 1 62  ? -2.895  -9.721  13.981  1.00 48.79 ? 62  GLU A O   1 
ATOM   428  C CB  . GLU A 1 62  ? -3.629  -12.955 14.038  1.00 37.54 ? 62  GLU A CB  1 
ATOM   429  C CG  . GLU A 1 62  ? -3.240  -12.536 15.431  1.00 50.92 ? 62  GLU A CG  1 
ATOM   430  C CD  . GLU A 1 62  ? -3.129  -13.721 16.352  1.00 59.48 ? 62  GLU A CD  1 
ATOM   431  O OE1 . GLU A 1 62  ? -3.809  -13.742 17.399  1.00 48.45 ? 62  GLU A OE1 1 
ATOM   432  O OE2 . GLU A 1 62  ? -2.360  -14.649 16.019  1.00 53.57 ? 62  GLU A OE2 1 
ATOM   433  N N   . LEU A 1 63  ? -1.378  -11.024 12.959  1.00 51.77 ? 63  LEU A N   1 
ATOM   434  C CA  . LEU A 1 63  ? -0.269  -10.140 13.314  1.00 51.19 ? 63  LEU A CA  1 
ATOM   435  C C   . LEU A 1 63  ? -0.468  -8.744  12.743  1.00 55.29 ? 63  LEU A C   1 
ATOM   436  O O   . LEU A 1 63  ? -0.202  -7.751  13.425  1.00 57.97 ? 63  LEU A O   1 
ATOM   437  C CB  . LEU A 1 63  ? 1.059   -10.733 12.835  1.00 52.95 ? 63  LEU A CB  1 
ATOM   438  C CG  . LEU A 1 63  ? 2.314   -9.997  13.297  1.00 51.56 ? 63  LEU A CG  1 
ATOM   439  C CD1 . LEU A 1 63  ? 2.397   -9.961  14.818  1.00 46.12 ? 63  LEU A CD1 1 
ATOM   440  C CD2 . LEU A 1 63  ? 3.559   -10.645 12.713  1.00 45.03 ? 63  LEU A CD2 1 
ATOM   441  N N   . VAL A 1 64  ? -0.926  -8.646  11.495  1.00 45.55 ? 64  VAL A N   1 
ATOM   442  C CA  . VAL A 1 64  ? -1.143  -7.329  10.907  1.00 42.93 ? 64  VAL A CA  1 
ATOM   443  C C   . VAL A 1 64  ? -2.457  -6.720  11.389  1.00 43.25 ? 64  VAL A C   1 
ATOM   444  O O   . VAL A 1 64  ? -2.574  -5.494  11.476  1.00 45.01 ? 64  VAL A O   1 
ATOM   445  C CB  . VAL A 1 64  ? -1.078  -7.405  9.372   1.00 45.88 ? 64  VAL A CB  1 
ATOM   446  C CG1 . VAL A 1 64  ? 0.160   -8.168  8.930   1.00 49.83 ? 64  VAL A CG1 1 
ATOM   447  C CG2 . VAL A 1 64  ? -2.330  -8.046  8.799   1.00 46.97 ? 64  VAL A CG2 1 
ATOM   448  N N   . ILE A 1 65  ? -3.454  -7.546  11.714  1.00 50.76 ? 65  ILE A N   1 
ATOM   449  C CA  . ILE A 1 65  ? -4.698  -7.020  12.273  1.00 50.62 ? 65  ILE A CA  1 
ATOM   450  C C   . ILE A 1 65  ? -4.426  -6.343  13.609  1.00 49.70 ? 65  ILE A C   1 
ATOM   451  O O   . ILE A 1 65  ? -4.976  -5.275  13.906  1.00 51.30 ? 65  ILE A O   1 
ATOM   452  C CB  . ILE A 1 65  ? -5.745  -8.143  12.407  1.00 48.05 ? 65  ILE A CB  1 
ATOM   453  C CG1 . ILE A 1 65  ? -6.460  -8.370  11.074  1.00 48.84 ? 65  ILE A CG1 1 
ATOM   454  C CG2 . ILE A 1 65  ? -6.758  -7.816  13.491  1.00 47.84 ? 65  ILE A CG2 1 
ATOM   455  C CD1 . ILE A 1 65  ? -7.164  -9.708  10.981  1.00 46.01 ? 65  ILE A CD1 1 
ATOM   456  N N   . ALA A 1 66  ? -3.553  -6.941  14.425  1.00 53.10 ? 66  ALA A N   1 
ATOM   457  C CA  . ALA A 1 66  ? -3.218  -6.351  15.719  1.00 48.86 ? 66  ALA A CA  1 
ATOM   458  C C   . ALA A 1 66  ? -2.365  -5.096  15.564  1.00 49.56 ? 66  ALA A C   1 
ATOM   459  O O   . ALA A 1 66  ? -2.575  -4.112  16.282  1.00 52.96 ? 66  ALA A O   1 
ATOM   460  C CB  . ALA A 1 66  ? -2.506  -7.378  16.597  1.00 50.92 ? 66  ALA A CB  1 
ATOM   461  N N   . LEU A 1 67  ? -1.393  -5.113  14.646  1.00 48.80 ? 67  LEU A N   1 
ATOM   462  C CA  . LEU A 1 67  ? -0.576  -3.924  14.406  1.00 53.91 ? 67  LEU A CA  1 
ATOM   463  C C   . LEU A 1 67  ? -1.409  -2.776  13.849  1.00 53.71 ? 67  LEU A C   1 
ATOM   464  O O   . LEU A 1 67  ? -1.164  -1.609  14.173  1.00 54.48 ? 67  LEU A O   1 
ATOM   465  C CB  . LEU A 1 67  ? 0.575   -4.264  13.457  1.00 46.22 ? 67  LEU A CB  1 
ATOM   466  C CG  . LEU A 1 67  ? 1.800   -3.348  13.531  1.00 49.96 ? 67  LEU A CG  1 
ATOM   467  C CD1 . LEU A 1 67  ? 2.544   -3.456  14.858  1.00 52.51 ? 67  LEU A CD1 1 
ATOM   468  C CD2 . LEU A 1 67  ? 2.726   -3.632  12.325  1.00 55.08 ? 67  LEU A CD2 1 
ATOM   469  N N   . VAL A 1 68  ? -2.389  -3.082  12.999  1.00 51.10 ? 68  VAL A N   1 
ATOM   470  C CA  . VAL A 1 68  ? -3.307  -2.048  12.536  1.00 54.75 ? 68  VAL A CA  1 
ATOM   471  C C   . VAL A 1 68  ? -4.203  -1.590  13.680  1.00 52.61 ? 68  VAL A C   1 
ATOM   472  O O   . VAL A 1 68  ? -4.457  -0.391  13.847  1.00 52.81 ? 68  VAL A O   1 
ATOM   473  C CB  . VAL A 1 68  ? -4.127  -2.556  11.335  1.00 52.05 ? 68  VAL A CB  1 
ATOM   474  C CG1 . VAL A 1 68  ? -5.311  -1.643  11.069  1.00 45.08 ? 68  VAL A CG1 1 
ATOM   475  C CG2 . VAL A 1 68  ? -3.249  -2.656  10.105  1.00 47.13 ? 68  VAL A CG2 1 
ATOM   476  N N   . ARG A 1 69  ? -4.686  -2.536  14.492  1.00 54.00 ? 69  ARG A N   1 
ATOM   477  C CA  . ARG A 1 69  ? -5.501  -2.180  15.649  1.00 57.57 ? 69  ARG A CA  1 
ATOM   478  C C   . ARG A 1 69  ? -4.728  -1.286  16.611  1.00 56.01 ? 69  ARG A C   1 
ATOM   479  O O   . ARG A 1 69  ? -5.283  -0.328  17.161  1.00 57.00 ? 69  ARG A O   1 
ATOM   480  C CB  . ARG A 1 69  ? -5.978  -3.446  16.362  1.00 50.59 ? 69  ARG A CB  1 
ATOM   481  C CG  . ARG A 1 69  ? -6.479  -3.208  17.775  1.00 52.93 ? 69  ARG A CG  1 
ATOM   482  C CD  . ARG A 1 69  ? -7.046  -4.476  18.391  1.00 58.51 ? 69  ARG A CD  1 
ATOM   483  N NE  . ARG A 1 69  ? -6.012  -5.459  18.699  1.00 58.32 ? 69  ARG A NE  1 
ATOM   484  C CZ  . ARG A 1 69  ? -6.078  -6.744  18.366  1.00 60.69 ? 69  ARG A CZ  1 
ATOM   485  N NH1 . ARG A 1 69  ? -7.133  -7.208  17.710  1.00 57.80 ? 69  ARG A NH1 1 
ATOM   486  N NH2 . ARG A 1 69  ? -5.091  -7.567  18.691  1.00 57.35 ? 69  ARG A NH2 1 
ATOM   487  N N   . GLU A 1 70  ? -3.442  -1.574  16.815  1.00 55.59 ? 70  GLU A N   1 
ATOM   488  C CA  . GLU A 1 70  ? -2.632  -0.743  17.697  1.00 55.29 ? 70  GLU A CA  1 
ATOM   489  C C   . GLU A 1 70  ? -2.341  0.613   17.069  1.00 61.49 ? 70  GLU A C   1 
ATOM   490  O O   . GLU A 1 70  ? -2.304  1.632   17.768  1.00 63.32 ? 70  GLU A O   1 
ATOM   491  C CB  . GLU A 1 70  ? -1.331  -1.463  18.046  1.00 54.42 ? 70  GLU A CB  1 
ATOM   492  C CG  . GLU A 1 70  ? -1.475  -2.475  19.162  1.00 63.29 ? 70  GLU A CG  1 
ATOM   493  C CD  . GLU A 1 70  ? -1.918  -1.843  20.466  1.00 63.58 ? 70  GLU A CD  1 
ATOM   494  O OE1 . GLU A 1 70  ? -1.088  -1.171  21.115  1.00 63.84 ? 70  GLU A OE1 1 
ATOM   495  O OE2 . GLU A 1 70  ? -3.097  -2.017  20.842  1.00 63.31 ? 70  GLU A OE2 1 
ATOM   496  N N   . ARG A 1 71  ? -2.131  0.646   15.751  1.00 61.76 ? 71  ARG A N   1 
ATOM   497  C CA  . ARG A 1 71  ? -1.833  1.907   15.079  1.00 64.87 ? 71  ARG A CA  1 
ATOM   498  C C   . ARG A 1 71  ? -3.051  2.824   15.057  1.00 63.96 ? 71  ARG A C   1 
ATOM   499  O O   . ARG A 1 71  ? -2.919  4.043   15.218  1.00 66.62 ? 71  ARG A O   1 
ATOM   500  C CB  . ARG A 1 71  ? -1.335  1.632   13.659  1.00 60.71 ? 71  ARG A CB  1 
ATOM   501  C CG  . ARG A 1 71  ? -1.037  2.877   12.845  1.00 60.81 ? 71  ARG A CG  1 
ATOM   502  C CD  . ARG A 1 71  ? 0.184   3.616   13.374  1.00 67.68 ? 71  ARG A CD  1 
ATOM   503  N NE  . ARG A 1 71  ? 0.365   4.897   12.699  1.00 71.47 ? 71  ARG A NE  1 
ATOM   504  C CZ  . ARG A 1 71  ? -0.323  5.993   12.999  1.00 70.07 ? 71  ARG A CZ  1 
ATOM   505  N NH1 . ARG A 1 71  ? -1.230  5.954   13.964  1.00 65.65 ? 71  ARG A NH1 1 
ATOM   506  N NH2 . ARG A 1 71  ? -0.105  7.123   12.338  1.00 69.77 ? 71  ARG A NH2 1 
ATOM   507  N N   . ILE A 1 72  ? -4.244  2.254   14.868  1.00 62.81 ? 72  ILE A N   1 
ATOM   508  C CA  . ILE A 1 72  ? -5.457  3.066   14.821  1.00 65.21 ? 72  ILE A CA  1 
ATOM   509  C C   . ILE A 1 72  ? -5.801  3.600   16.210  1.00 69.93 ? 72  ILE A C   1 
ATOM   510  O O   . ILE A 1 72  ? -6.350  4.702   16.342  1.00 70.55 ? 72  ILE A O   1 
ATOM   511  C CB  . ILE A 1 72  ? -6.606  2.245   14.198  1.00 63.39 ? 72  ILE A CB  1 
ATOM   512  C CG1 . ILE A 1 72  ? -6.564  2.356   12.671  1.00 61.17 ? 72  ILE A CG1 1 
ATOM   513  C CG2 . ILE A 1 72  ? -7.966  2.680   14.734  1.00 63.46 ? 72  ILE A CG2 1 
ATOM   514  C CD1 . ILE A 1 72  ? -7.769  1.766   11.967  1.00 68.73 ? 72  ILE A CD1 1 
ATOM   515  N N   . CYS A 1 73  ? -5.461  2.853   17.263  1.00 69.99 ? 73  CYS A N   1 
ATOM   516  C CA  . CYS A 1 73  ? -5.706  3.324   18.621  1.00 65.35 ? 73  CYS A CA  1 
ATOM   517  C C   . CYS A 1 73  ? -4.763  4.454   19.024  1.00 72.47 ? 73  CYS A C   1 
ATOM   518  O O   . CYS A 1 73  ? -5.062  5.182   19.978  1.00 77.79 ? 73  CYS A O   1 
ATOM   519  C CB  . CYS A 1 73  ? -5.583  2.165   19.610  1.00 63.51 ? 73  CYS A CB  1 
ATOM   520  S SG  . CYS A 1 73  ? -6.967  1.003   19.560  1.00 74.99 ? 73  CYS A SG  1 
ATOM   521  N N   . GLN A 1 74  ? -3.638  4.622   18.324  1.00 70.00 ? 74  GLN A N   1 
ATOM   522  C CA  . GLN A 1 74  ? -2.744  5.739   18.614  1.00 70.94 ? 74  GLN A CA  1 
ATOM   523  C C   . GLN A 1 74  ? -3.324  7.049   18.098  1.00 75.64 ? 74  GLN A C   1 
ATOM   524  O O   . GLN A 1 74  ? -3.473  8.019   18.851  1.00 85.75 ? 74  GLN A O   1 
ATOM   525  C CB  . GLN A 1 74  ? -1.367  5.486   17.998  1.00 70.50 ? 74  GLN A CB  1 
ATOM   526  C CG  . GLN A 1 74  ? -0.652  4.252   18.513  1.00 69.01 ? 74  GLN A CG  1 
ATOM   527  C CD  . GLN A 1 74  ? 0.734   4.098   17.917  1.00 76.30 ? 74  GLN A CD  1 
ATOM   528  O OE1 . GLN A 1 74  ? 1.273   5.031   17.321  1.00 79.04 ? 74  GLN A OE1 1 
ATOM   529  N NE2 . GLN A 1 74  ? 1.317   2.914   18.072  1.00 80.94 ? 74  GLN A NE2 1 
ATOM   530  N N   . GLU A 1 75  ? -3.658  7.092   16.808  1.00 78.35 ? 75  GLU A N   1 
ATOM   531  C CA  . GLU A 1 75  ? -4.124  8.320   16.179  1.00 83.85 ? 75  GLU A CA  1 
ATOM   532  C C   . GLU A 1 75  ? -5.408  8.823   16.825  1.00 83.16 ? 75  GLU A C   1 
ATOM   533  O O   . GLU A 1 75  ? -6.194  8.055   17.388  1.00 77.10 ? 75  GLU A O   1 
ATOM   534  C CB  . GLU A 1 75  ? -4.376  8.095   14.686  1.00 68.98 ? 75  GLU A CB  1 
ATOM   535  C CG  . GLU A 1 75  ? -3.191  8.364   13.777  1.00 71.60 ? 75  GLU A CG  1 
ATOM   536  C CD  . GLU A 1 75  ? -2.722  9.805   13.814  1.00 84.59 ? 75  GLU A CD  1 
ATOM   537  O OE1 . GLU A 1 75  ? -3.552  10.701  14.077  1.00 89.01 ? 75  GLU A OE1 1 
ATOM   538  O OE2 . GLU A 1 75  ? -1.520  10.039  13.572  1.00 80.88 ? 75  GLU A OE2 1 
ATOM   539  N N   . ASP A 1 76  ? -5.611  10.134  16.738  1.00 84.05 ? 76  ASP A N   1 
ATOM   540  C CA  . ASP A 1 76  ? -6.925  10.701  16.999  1.00 79.02 ? 76  ASP A CA  1 
ATOM   541  C C   . ASP A 1 76  ? -7.883  10.222  15.915  1.00 79.73 ? 76  ASP A C   1 
ATOM   542  O O   . ASP A 1 76  ? -7.560  10.263  14.725  1.00 81.35 ? 76  ASP A O   1 
ATOM   543  C CB  . ASP A 1 76  ? -6.848  12.227  17.036  1.00 80.64 ? 76  ASP A CB  1 
ATOM   544  C CG  . ASP A 1 76  ? -8.156  12.872  17.454  1.00 76.20 ? 76  ASP A CG  1 
ATOM   545  O OD1 . ASP A 1 76  ? -8.197  14.116  17.564  1.00 76.97 ? 76  ASP A OD1 1 
ATOM   546  O OD2 . ASP A 1 76  ? -9.147  12.145  17.673  1.00 75.29 ? 76  ASP A OD2 1 
ATOM   547  N N   . SER A 1 77  ? -9.064  9.764   16.332  1.00 73.69 ? 77  SER A N   1 
ATOM   548  C CA  . SER A 1 77  ? -9.903  8.977   15.433  1.00 68.90 ? 77  SER A CA  1 
ATOM   549  C C   . SER A 1 77  ? -10.495 9.810   14.303  1.00 76.49 ? 77  SER A C   1 
ATOM   550  O O   . SER A 1 77  ? -10.645 9.304   13.185  1.00 84.75 ? 77  SER A O   1 
ATOM   551  C CB  . SER A 1 77  ? -11.014 8.291   16.221  1.00 67.04 ? 77  SER A CB  1 
ATOM   552  O OG  . SER A 1 77  ? -12.182 8.147   15.434  1.00 67.61 ? 77  SER A OG  1 
ATOM   553  N N   . ARG A 1 78  ? -10.850 11.069  14.557  1.00 73.08 ? 78  ARG A N   1 
ATOM   554  C CA  . ARG A 1 78  ? -11.455 11.880  13.509  1.00 69.49 ? 78  ARG A CA  1 
ATOM   555  C C   . ARG A 1 78  ? -10.427 12.552  12.609  1.00 76.42 ? 78  ARG A C   1 
ATOM   556  O O   . ARG A 1 78  ? -10.813 13.220  11.644  1.00 82.42 ? 78  ARG A O   1 
ATOM   557  C CB  . ARG A 1 78  ? -12.392 12.934  14.106  1.00 69.42 ? 78  ARG A CB  1 
ATOM   558  C CG  . ARG A 1 78  ? -11.726 13.962  14.989  1.00 75.45 ? 78  ARG A CG  1 
ATOM   559  C CD  . ARG A 1 78  ? -12.728 14.517  15.990  1.00 75.63 ? 78  ARG A CD  1 
ATOM   560  N NE  . ARG A 1 78  ? -12.098 15.337  17.021  1.00 78.70 ? 78  ARG A NE  1 
ATOM   561  C CZ  . ARG A 1 78  ? -11.298 14.860  17.969  1.00 79.29 ? 78  ARG A CZ  1 
ATOM   562  N NH1 . ARG A 1 78  ? -11.024 13.565  18.020  1.00 79.45 ? 78  ARG A NH1 1 
ATOM   563  N NH2 . ARG A 1 78  ? -10.770 15.681  18.867  1.00 79.47 ? 78  ARG A NH2 1 
ATOM   564  N N   . ASN A 1 79  ? -9.131  12.391  12.894  1.00 75.84 ? 79  ASN A N   1 
ATOM   565  C CA  . ASN A 1 79  ? -8.119  12.721  11.899  1.00 71.87 ? 79  ASN A CA  1 
ATOM   566  C C   . ASN A 1 79  ? -8.292  11.892  10.636  1.00 73.34 ? 79  ASN A C   1 
ATOM   567  O O   . ASN A 1 79  ? -7.771  12.268  9.579   1.00 78.05 ? 79  ASN A O   1 
ATOM   568  C CB  . ASN A 1 79  ? -6.712  12.498  12.462  1.00 72.29 ? 79  ASN A CB  1 
ATOM   569  C CG  . ASN A 1 79  ? -6.341  13.503  13.533  1.00 74.92 ? 79  ASN A CG  1 
ATOM   570  O OD1 . ASN A 1 79  ? -7.012  14.520  13.708  1.00 69.40 ? 79  ASN A OD1 1 
ATOM   571  N ND2 . ASN A 1 79  ? -5.260  13.224  14.255  1.00 80.24 ? 79  ASN A ND2 1 
ATOM   572  N N   . GLY A 1 80  ? -9.019  10.782  10.721  1.00 70.71 ? 80  GLY A N   1 
ATOM   573  C CA  . GLY A 1 80  ? -9.152  9.868   9.614   1.00 67.11 ? 80  GLY A CA  1 
ATOM   574  C C   . GLY A 1 80  ? -7.961  8.935   9.529   1.00 66.22 ? 80  GLY A C   1 
ATOM   575  O O   . GLY A 1 80  ? -7.162  8.804   10.462  1.00 73.73 ? 80  GLY A O   1 
ATOM   576  N N   . PHE A 1 81  ? -7.852  8.271   8.380   1.00 64.41 ? 81  PHE A N   1 
ATOM   577  C CA  . PHE A 1 81  ? -6.693  7.443   8.073   1.00 64.20 ? 81  PHE A CA  1 
ATOM   578  C C   . PHE A 1 81  ? -6.703  7.126   6.583   1.00 65.35 ? 81  PHE A C   1 
ATOM   579  O O   . PHE A 1 81  ? -7.696  7.344   5.881   1.00 67.85 ? 81  PHE A O   1 
ATOM   580  C CB  . PHE A 1 81  ? -6.660  6.160   8.914   1.00 61.72 ? 81  PHE A CB  1 
ATOM   581  C CG  . PHE A 1 81  ? -7.928  5.356   8.863   1.00 66.27 ? 81  PHE A CG  1 
ATOM   582  C CD1 . PHE A 1 81  ? -8.178  4.501   7.804   1.00 69.64 ? 81  PHE A CD1 1 
ATOM   583  C CD2 . PHE A 1 81  ? -8.861  5.440   9.884   1.00 67.53 ? 81  PHE A CD2 1 
ATOM   584  C CE1 . PHE A 1 81  ? -9.339  3.756   7.754   1.00 74.62 ? 81  PHE A CE1 1 
ATOM   585  C CE2 . PHE A 1 81  ? -10.025 4.694   9.841   1.00 70.80 ? 81  PHE A CE2 1 
ATOM   586  C CZ  . PHE A 1 81  ? -10.263 3.851   8.773   1.00 73.14 ? 81  PHE A CZ  1 
ATOM   587  N N   . LEU A 1 82  ? -5.566  6.611   6.117   1.00 61.24 ? 82  LEU A N   1 
ATOM   588  C CA  . LEU A 1 82  ? -5.336  6.241   4.720   1.00 57.74 ? 82  LEU A CA  1 
ATOM   589  C C   . LEU A 1 82  ? -4.632  4.885   4.729   1.00 56.65 ? 82  LEU A C   1 
ATOM   590  O O   . LEU A 1 82  ? -3.411  4.807   4.910   1.00 57.70 ? 82  LEU A O   1 
ATOM   591  C CB  . LEU A 1 82  ? -4.519  7.317   4.008   1.00 62.23 ? 82  LEU A CB  1 
ATOM   592  C CG  . LEU A 1 82  ? -3.826  7.046   2.672   1.00 61.45 ? 82  LEU A CG  1 
ATOM   593  C CD1 . LEU A 1 82  ? -4.759  6.465   1.645   1.00 54.10 ? 82  LEU A CD1 1 
ATOM   594  C CD2 . LEU A 1 82  ? -3.135  8.382   2.183   1.00 61.08 ? 82  LEU A CD2 1 
ATOM   595  N N   . LEU A 1 83  ? -5.406  3.813   4.569   1.00 50.86 ? 83  LEU A N   1 
ATOM   596  C CA  . LEU A 1 83  ? -4.858  2.464   4.661   1.00 51.45 ? 83  LEU A CA  1 
ATOM   597  C C   . LEU A 1 83  ? -4.207  2.075   3.338   1.00 54.42 ? 83  LEU A C   1 
ATOM   598  O O   . LEU A 1 83  ? -4.861  2.086   2.289   1.00 55.97 ? 83  LEU A O   1 
ATOM   599  C CB  . LEU A 1 83  ? -5.949  1.464   5.039   1.00 56.52 ? 83  LEU A CB  1 
ATOM   600  C CG  . LEU A 1 83  ? -6.434  1.464   6.491   1.00 57.65 ? 83  LEU A CG  1 
ATOM   601  C CD1 . LEU A 1 83  ? -7.760  0.731   6.607   1.00 49.97 ? 83  LEU A CD1 1 
ATOM   602  C CD2 . LEU A 1 83  ? -5.397  0.844   7.415   1.00 49.88 ? 83  LEU A CD2 1 
ATOM   603  N N   . ASP A 1 84  ? -2.922  1.718   3.388   1.00 51.46 ? 84  ASP A N   1 
ATOM   604  C CA  . ASP A 1 84  ? -2.153  1.340   2.202   1.00 53.69 ? 84  ASP A CA  1 
ATOM   605  C C   . ASP A 1 84  ? -1.493  -0.011  2.468   1.00 46.86 ? 84  ASP A C   1 
ATOM   606  O O   . ASP A 1 84  ? -0.454  -0.084  3.130   1.00 45.78 ? 84  ASP A O   1 
ATOM   607  C CB  . ASP A 1 84  ? -1.118  2.408   1.854   1.00 58.43 ? 84  ASP A CB  1 
ATOM   608  C CG  . ASP A 1 84  ? -0.115  1.938   0.814   1.00 53.37 ? 84  ASP A CG  1 
ATOM   609  O OD1 . ASP A 1 84  ? -0.517  1.219   -0.125  1.00 47.47 ? 84  ASP A OD1 1 
ATOM   610  O OD2 . ASP A 1 84  ? 1.077   2.289   0.938   1.00 53.49 ? 84  ASP A OD2 1 
ATOM   611  N N   . GLY A 1 85  ? -2.093  -1.078  1.943   1.00 45.85 ? 85  GLY A N   1 
ATOM   612  C CA  . GLY A 1 85  ? -1.621  -2.428  2.175   1.00 39.14 ? 85  GLY A CA  1 
ATOM   613  C C   . GLY A 1 85  ? -2.503  -3.245  3.090   1.00 41.82 ? 85  GLY A C   1 
ATOM   614  O O   . GLY A 1 85  ? -2.206  -4.422  3.323   1.00 43.80 ? 85  GLY A O   1 
ATOM   615  N N   . PHE A 1 86  ? -3.584  -2.659  3.609   1.00 43.39 ? 86  PHE A N   1 
ATOM   616  C CA  . PHE A 1 86  ? -4.485  -3.294  4.551   1.00 42.25 ? 86  PHE A CA  1 
ATOM   617  C C   . PHE A 1 86  ? -5.880  -2.749  4.289   1.00 44.66 ? 86  PHE A C   1 
ATOM   618  O O   . PHE A 1 86  ? -6.031  -1.534  4.099   1.00 47.42 ? 86  PHE A O   1 
ATOM   619  C CB  . PHE A 1 86  ? -4.068  -3.020  6.000   1.00 43.70 ? 86  PHE A CB  1 
ATOM   620  C CG  . PHE A 1 86  ? -4.922  -3.711  7.024   1.00 45.06 ? 86  PHE A CG  1 
ATOM   621  C CD1 . PHE A 1 86  ? -6.075  -3.112  7.505   1.00 46.18 ? 86  PHE A CD1 1 
ATOM   622  C CD2 . PHE A 1 86  ? -4.566  -4.956  7.514   1.00 45.04 ? 86  PHE A CD2 1 
ATOM   623  C CE1 . PHE A 1 86  ? -6.860  -3.743  8.447   1.00 46.85 ? 86  PHE A CE1 1 
ATOM   624  C CE2 . PHE A 1 86  ? -5.348  -5.593  8.459   1.00 49.56 ? 86  PHE A CE2 1 
ATOM   625  C CZ  . PHE A 1 86  ? -6.496  -4.986  8.926   1.00 52.45 ? 86  PHE A CZ  1 
ATOM   626  N N   . PRO A 1 87  ? -6.912  -3.604  4.257   1.00 44.70 ? 87  PRO A N   1 
ATOM   627  C CA  . PRO A 1 87  ? -6.814  -5.057  4.423   1.00 44.97 ? 87  PRO A CA  1 
ATOM   628  C C   . PRO A 1 87  ? -6.262  -5.734  3.176   1.00 50.43 ? 87  PRO A C   1 
ATOM   629  O O   . PRO A 1 87  ? -6.373  -5.184  2.081   1.00 47.92 ? 87  PRO A O   1 
ATOM   630  C CB  . PRO A 1 87  ? -8.262  -5.475  4.675   1.00 47.03 ? 87  PRO A CB  1 
ATOM   631  C CG  . PRO A 1 87  ? -9.062  -4.469  3.927   1.00 50.73 ? 87  PRO A CG  1 
ATOM   632  C CD  . PRO A 1 87  ? -8.302  -3.171  4.024   1.00 43.49 ? 87  PRO A CD  1 
ATOM   633  N N   . ARG A 1 88  ? -5.660  -6.910  3.347   1.00 47.58 ? 88  ARG A N   1 
ATOM   634  C CA  . ARG A 1 88  ? -5.105  -7.653  2.230   1.00 48.86 ? 88  ARG A CA  1 
ATOM   635  C C   . ARG A 1 88  ? -5.750  -9.015  2.026   1.00 49.88 ? 88  ARG A C   1 
ATOM   636  O O   . ARG A 1 88  ? -5.535  -9.632  0.978   1.00 48.60 ? 88  ARG A O   1 
ATOM   637  C CB  . ARG A 1 88  ? -3.588  -7.831  2.403   1.00 48.13 ? 88  ARG A CB  1 
ATOM   638  C CG  . ARG A 1 88  ? -2.847  -8.042  1.100   1.00 51.51 ? 88  ARG A CG  1 
ATOM   639  C CD  . ARG A 1 88  ? -1.421  -7.551  1.176   1.00 48.12 ? 88  ARG A CD  1 
ATOM   640  N NE  . ARG A 1 88  ? -1.306  -6.151  0.783   1.00 60.21 ? 88  ARG A NE  1 
ATOM   641  C CZ  . ARG A 1 88  ? -0.202  -5.617  0.277   1.00 62.40 ? 88  ARG A CZ  1 
ATOM   642  N NH1 . ARG A 1 88  ? 0.870   -6.374  0.097   1.00 51.97 ? 88  ARG A NH1 1 
ATOM   643  N NH2 . ARG A 1 88  ? -0.167  -4.333  -0.056  1.00 68.93 ? 88  ARG A NH2 1 
ATOM   644  N N   . THR A 1 89  ? -6.530  -9.502  2.988   1.00 46.38 ? 89  THR A N   1 
ATOM   645  C CA  . THR A 1 89  ? -7.283  -10.736 2.840   1.00 43.31 ? 89  THR A CA  1 
ATOM   646  C C   . THR A 1 89  ? -8.711  -10.501 3.315   1.00 46.61 ? 89  THR A C   1 
ATOM   647  O O   . THR A 1 89  ? -9.019  -9.492  3.955   1.00 42.75 ? 89  THR A O   1 
ATOM   648  C CB  . THR A 1 89  ? -6.644  -11.893 3.623   1.00 43.97 ? 89  THR A CB  1 
ATOM   649  O OG1 . THR A 1 89  ? -6.600  -11.566 5.017   1.00 50.48 ? 89  THR A OG1 1 
ATOM   650  C CG2 . THR A 1 89  ? -5.231  -12.171 3.126   1.00 38.40 ? 89  THR A CG2 1 
ATOM   651  N N   . ILE A 1 90  ? -9.591  -11.446 2.977   1.00 50.45 ? 90  ILE A N   1 
ATOM   652  C CA  . ILE A 1 90  ? -10.971 -11.383 3.466   1.00 53.40 ? 90  ILE A CA  1 
ATOM   653  C C   . ILE A 1 90  ? -11.033 -11.362 4.991   1.00 55.83 ? 90  ILE A C   1 
ATOM   654  O O   . ILE A 1 90  ? -11.803 -10.556 5.541   1.00 55.85 ? 90  ILE A O   1 
ATOM   655  C CB  . ILE A 1 90  ? -11.801 -12.523 2.854   1.00 56.22 ? 90  ILE A CB  1 
ATOM   656  C CG1 . ILE A 1 90  ? -11.757 -12.462 1.325   1.00 51.82 ? 90  ILE A CG1 1 
ATOM   657  C CG2 . ILE A 1 90  ? -13.237 -12.468 3.359   1.00 57.18 ? 90  ILE A CG2 1 
ATOM   658  C CD1 . ILE A 1 90  ? -12.690 -11.435 0.723   1.00 53.73 ? 90  ILE A CD1 1 
ATOM   659  N N   . PRO A 1 91  ? -10.283 -12.195 5.726   1.00 49.57 ? 91  PRO A N   1 
ATOM   660  C CA  . PRO A 1 91  ? -10.312 -12.076 7.194   1.00 45.99 ? 91  PRO A CA  1 
ATOM   661  C C   . PRO A 1 91  ? -9.889  -10.710 7.701   1.00 52.17 ? 91  PRO A C   1 
ATOM   662  O O   . PRO A 1 91  ? -10.412 -10.253 8.725   1.00 61.28 ? 91  PRO A O   1 
ATOM   663  C CB  . PRO A 1 91  ? -9.340  -13.171 7.652   1.00 48.43 ? 91  PRO A CB  1 
ATOM   664  C CG  . PRO A 1 91  ? -9.364  -14.168 6.560   1.00 46.07 ? 91  PRO A CG  1 
ATOM   665  C CD  . PRO A 1 91  ? -9.505  -13.374 5.300   1.00 47.45 ? 91  PRO A CD  1 
ATOM   666  N N   . GLN A 1 92  ? -8.955  -10.042 7.022   1.00 48.64 ? 92  GLN A N   1 
ATOM   667  C CA  . GLN A 1 92  ? -8.558  -8.704  7.449   1.00 44.33 ? 92  GLN A CA  1 
ATOM   668  C C   . GLN A 1 92  ? -9.675  -7.696  7.205   1.00 47.64 ? 92  GLN A C   1 
ATOM   669  O O   . GLN A 1 92  ? -9.859  -6.763  7.994   1.00 51.16 ? 92  GLN A O   1 
ATOM   670  C CB  . GLN A 1 92  ? -7.276  -8.283  6.730   1.00 43.18 ? 92  GLN A CB  1 
ATOM   671  C CG  . GLN A 1 92  ? -6.078  -9.164  7.044   1.00 42.53 ? 92  GLN A CG  1 
ATOM   672  C CD  . GLN A 1 92  ? -4.828  -8.738  6.299   1.00 45.74 ? 92  GLN A CD  1 
ATOM   673  O OE1 . GLN A 1 92  ? -4.754  -7.632  5.765   1.00 44.08 ? 92  GLN A OE1 1 
ATOM   674  N NE2 . GLN A 1 92  ? -3.836  -9.621  6.258   1.00 46.94 ? 92  GLN A NE2 1 
ATOM   675  N N   . ALA A 1 93  ? -10.434 -7.871  6.121   1.00 54.16 ? 93  ALA A N   1 
ATOM   676  C CA  . ALA A 1 93  ? -11.585 -7.006  5.885   1.00 56.59 ? 93  ALA A CA  1 
ATOM   677  C C   . ALA A 1 93  ? -12.702 -7.299  6.877   1.00 56.06 ? 93  ALA A C   1 
ATOM   678  O O   . ALA A 1 93  ? -13.381 -6.378  7.346   1.00 56.47 ? 93  ALA A O   1 
ATOM   679  C CB  . ALA A 1 93  ? -12.082 -7.171  4.449   1.00 53.88 ? 93  ALA A CB  1 
ATOM   680  N N   . ASP A 1 94  ? -12.903 -8.576  7.213   1.00 54.20 ? 94  ASP A N   1 
ATOM   681  C CA  . ASP A 1 94  ? -13.907 -8.929  8.211   1.00 55.08 ? 94  ASP A CA  1 
ATOM   682  C C   . ASP A 1 94  ? -13.529 -8.412  9.594   1.00 57.59 ? 94  ASP A C   1 
ATOM   683  O O   . ASP A 1 94  ? -14.412 -8.141  10.415  1.00 55.94 ? 94  ASP A O   1 
ATOM   684  C CB  . ASP A 1 94  ? -14.099 -10.445 8.249   1.00 54.00 ? 94  ASP A CB  1 
ATOM   685  C CG  . ASP A 1 94  ? -14.825 -10.971 7.028   1.00 55.21 ? 94  ASP A CG  1 
ATOM   686  O OD1 . ASP A 1 94  ? -15.624 -10.212 6.437   1.00 60.30 ? 94  ASP A OD1 1 
ATOM   687  O OD2 . ASP A 1 94  ? -14.597 -12.142 6.657   1.00 60.18 ? 94  ASP A OD2 1 
ATOM   688  N N   . ALA A 1 95  ? -12.229 -8.273  9.869   1.00 54.95 ? 95  ALA A N   1 
ATOM   689  C CA  . ALA A 1 95  ? -11.800 -7.728  11.152  1.00 49.82 ? 95  ALA A CA  1 
ATOM   690  C C   . ALA A 1 95  ? -12.248 -6.282  11.312  1.00 55.27 ? 95  ALA A C   1 
ATOM   691  O O   . ALA A 1 95  ? -12.738 -5.889  12.376  1.00 59.02 ? 95  ALA A O   1 
ATOM   692  C CB  . ALA A 1 95  ? -10.283 -7.841  11.292  1.00 44.86 ? 95  ALA A CB  1 
ATOM   693  N N   . MET A 1 96  ? -12.084 -5.472  10.261  1.00 57.79 ? 96  MET A N   1 
ATOM   694  C CA  . MET A 1 96  ? -12.559 -4.093  10.311  1.00 54.29 ? 96  MET A CA  1 
ATOM   695  C C   . MET A 1 96  ? -14.070 -4.039  10.491  1.00 57.01 ? 96  MET A C   1 
ATOM   696  O O   . MET A 1 96  ? -14.592 -3.163  11.193  1.00 60.55 ? 96  MET A O   1 
ATOM   697  C CB  . MET A 1 96  ? -12.151 -3.348  9.041   1.00 60.72 ? 96  MET A CB  1 
ATOM   698  C CG  . MET A 1 96  ? -10.675 -3.452  8.705   1.00 56.22 ? 96  MET A CG  1 
ATOM   699  S SD  . MET A 1 96  ? -10.240 -2.420  7.296   1.00 58.65 ? 96  MET A SD  1 
ATOM   700  C CE  . MET A 1 96  ? -10.955 -0.855  7.794   1.00 56.08 ? 96  MET A CE  1 
ATOM   701  N N   . LYS A 1 97  ? -14.789 -4.968  9.861   1.00 59.19 ? 97  LYS A N   1 
ATOM   702  C CA  . LYS A 1 97  ? -16.237 -5.032  10.011  1.00 62.23 ? 97  LYS A CA  1 
ATOM   703  C C   . LYS A 1 97  ? -16.622 -5.311  11.459  1.00 63.34 ? 97  LYS A C   1 
ATOM   704  O O   . LYS A 1 97  ? -17.397 -4.565  12.068  1.00 64.96 ? 97  LYS A O   1 
ATOM   705  C CB  . LYS A 1 97  ? -16.806 -6.107  9.083   1.00 62.53 ? 97  LYS A CB  1 
ATOM   706  C CG  . LYS A 1 97  ? -18.032 -5.680  8.297   1.00 63.43 ? 97  LYS A CG  1 
ATOM   707  C CD  . LYS A 1 97  ? -18.177 -6.513  7.035   1.00 64.62 ? 97  LYS A CD  1 
ATOM   708  C CE  . LYS A 1 97  ? -19.451 -6.168  6.284   1.00 63.53 ? 97  LYS A CE  1 
ATOM   709  N NZ  . LYS A 1 97  ? -20.021 -7.360  5.599   1.00 64.73 ? 97  LYS A NZ  1 
ATOM   710  N N   . GLU A 1 98  ? -16.078 -6.392  12.029  1.00 64.72 ? 98  GLU A N   1 
ATOM   711  C CA  . GLU A 1 98  ? -16.393 -6.747  13.408  1.00 63.64 ? 98  GLU A CA  1 
ATOM   712  C C   . GLU A 1 98  ? -15.971 -5.656  14.381  1.00 58.15 ? 98  GLU A C   1 
ATOM   713  O O   . GLU A 1 98  ? -16.635 -5.442  15.401  1.00 61.75 ? 98  GLU A O   1 
ATOM   714  C CB  . GLU A 1 98  ? -15.718 -8.071  13.776  1.00 58.55 ? 98  GLU A CB  1 
ATOM   715  C CG  . GLU A 1 98  ? -16.174 -9.261  12.947  1.00 63.36 ? 98  GLU A CG  1 
ATOM   716  C CD  . GLU A 1 98  ? -15.301 -10.484 13.157  1.00 73.24 ? 98  GLU A CD  1 
ATOM   717  O OE1 . GLU A 1 98  ? -14.304 -10.382 13.902  1.00 76.38 ? 98  GLU A OE1 1 
ATOM   718  O OE2 . GLU A 1 98  ? -15.609 -11.546 12.575  1.00 71.06 ? 98  GLU A OE2 1 
ATOM   719  N N   . ALA A 1 99  ? -14.880 -4.952  14.086  1.00 56.01 ? 99  ALA A N   1 
ATOM   720  C CA  . ALA A 1 99  ? -14.400 -3.879  14.947  1.00 55.99 ? 99  ALA A CA  1 
ATOM   721  C C   . ALA A 1 99  ? -15.166 -2.576  14.755  1.00 59.83 ? 99  ALA A C   1 
ATOM   722  O O   . ALA A 1 99  ? -14.816 -1.574  15.389  1.00 59.61 ? 99  ALA A O   1 
ATOM   723  C CB  . ALA A 1 99  ? -12.907 -3.638  14.709  1.00 51.02 ? 99  ALA A CB  1 
ATOM   724  N N   . GLY A 1 100 ? -16.188 -2.562  13.903  1.00 60.55 ? 100 GLY A N   1 
ATOM   725  C CA  . GLY A 1 100 ? -16.986 -1.367  13.715  1.00 56.25 ? 100 GLY A CA  1 
ATOM   726  C C   . GLY A 1 100 ? -16.271 -0.229  13.023  1.00 65.68 ? 100 GLY A C   1 
ATOM   727  O O   . GLY A 1 100 ? -16.525 0.937   13.343  1.00 70.05 ? 100 GLY A O   1 
ATOM   728  N N   . ILE A 1 101 ? -15.384 -0.533  12.082  1.00 64.85 ? 101 ILE A N   1 
ATOM   729  C CA  . ILE A 1 101 ? -14.659 0.478   11.323  1.00 69.11 ? 101 ILE A CA  1 
ATOM   730  C C   . ILE A 1 101 ? -15.234 0.479   9.912   1.00 69.11 ? 101 ILE A C   1 
ATOM   731  O O   . ILE A 1 101 ? -14.866 -0.356  9.077   1.00 66.73 ? 101 ILE A O   1 
ATOM   732  C CB  . ILE A 1 101 ? -13.148 0.221   11.310  1.00 63.72 ? 101 ILE A CB  1 
ATOM   733  C CG1 . ILE A 1 101 ? -12.610 0.117   12.737  1.00 63.52 ? 101 ILE A CG1 1 
ATOM   734  C CG2 . ILE A 1 101 ? -12.429 1.326   10.548  1.00 64.12 ? 101 ILE A CG2 1 
ATOM   735  C CD1 . ILE A 1 101 ? -11.234 -0.506  12.819  1.00 67.83 ? 101 ILE A CD1 1 
ATOM   736  N N   . ASN A 1 102 ? -16.142 1.410   9.644   1.00 68.23 ? 102 ASN A N   1 
ATOM   737  C CA  . ASN A 1 102 ? -16.653 1.620   8.299   1.00 72.59 ? 102 ASN A CA  1 
ATOM   738  C C   . ASN A 1 102 ? -15.789 2.644   7.575   1.00 70.51 ? 102 ASN A C   1 
ATOM   739  O O   . ASN A 1 102 ? -15.161 3.506   8.198   1.00 68.21 ? 102 ASN A O   1 
ATOM   740  C CB  . ASN A 1 102 ? -18.109 2.089   8.336   1.00 72.69 ? 102 ASN A CB  1 
ATOM   741  N N   . VAL A 1 103 ? -15.755 2.539   6.251   1.00 69.92 ? 103 VAL A N   1 
ATOM   742  C CA  . VAL A 1 103 ? -14.932 3.413   5.429   1.00 69.94 ? 103 VAL A CA  1 
ATOM   743  C C   . VAL A 1 103 ? -15.830 4.278   4.557   1.00 66.92 ? 103 VAL A C   1 
ATOM   744  O O   . VAL A 1 103 ? -17.005 3.976   4.325   1.00 71.56 ? 103 VAL A O   1 
ATOM   745  C CB  . VAL A 1 103 ? -13.928 2.620   4.567   1.00 69.67 ? 103 VAL A CB  1 
ATOM   746  C CG1 . VAL A 1 103 ? -12.763 2.145   5.419   1.00 66.25 ? 103 VAL A CG1 1 
ATOM   747  C CG2 . VAL A 1 103 ? -14.618 1.446   3.888   1.00 68.54 ? 103 VAL A CG2 1 
ATOM   748  N N   . ASP A 1 104 ? -15.258 5.379   4.070   1.00 61.67 ? 104 ASP A N   1 
ATOM   749  C CA  . ASP A 1 104 ? -15.987 6.300   3.207   1.00 66.96 ? 104 ASP A CA  1 
ATOM   750  C C   . ASP A 1 104 ? -15.751 6.014   1.729   1.00 71.79 ? 104 ASP A C   1 
ATOM   751  O O   . ASP A 1 104 ? -16.700 6.031   0.938   1.00 70.70 ? 104 ASP A O   1 
ATOM   752  C CB  . ASP A 1 104 ? -15.591 7.744   3.529   1.00 69.03 ? 104 ASP A CB  1 
ATOM   753  C CG  . ASP A 1 104 ? -15.791 8.091   4.991   1.00 69.96 ? 104 ASP A CG  1 
ATOM   754  O OD1 . ASP A 1 104 ? -16.810 7.659   5.571   1.00 72.26 ? 104 ASP A OD1 1 
ATOM   755  O OD2 . ASP A 1 104 ? -14.927 8.791   5.559   1.00 68.81 ? 104 ASP A OD2 1 
ATOM   756  N N   . TYR A 1 105 ? -14.505 5.749   1.340   1.00 70.83 ? 105 TYR A N   1 
ATOM   757  C CA  . TYR A 1 105 ? -14.175 5.409   -0.035  1.00 71.31 ? 105 TYR A CA  1 
ATOM   758  C C   . TYR A 1 105 ? -13.297 4.169   -0.075  1.00 67.95 ? 105 TYR A C   1 
ATOM   759  O O   . TYR A 1 105 ? -12.516 3.907   0.843   1.00 66.11 ? 105 TYR A O   1 
ATOM   760  C CB  . TYR A 1 105 ? -13.438 6.546   -0.760  1.00 70.58 ? 105 TYR A CB  1 
ATOM   761  C CG  . TYR A 1 105 ? -14.172 7.863   -0.840  1.00 78.69 ? 105 TYR A CG  1 
ATOM   762  C CD1 . TYR A 1 105 ? -14.009 8.831   0.141   1.00 80.95 ? 105 TYR A CD1 1 
ATOM   763  C CD2 . TYR A 1 105 ? -15.008 8.150   -1.911  1.00 77.15 ? 105 TYR A CD2 1 
ATOM   764  C CE1 . TYR A 1 105 ? -14.668 10.043  0.068   1.00 88.19 ? 105 TYR A CE1 1 
ATOM   765  C CE2 . TYR A 1 105 ? -15.671 9.360   -1.994  1.00 79.88 ? 105 TYR A CE2 1 
ATOM   766  C CZ  . TYR A 1 105 ? -15.498 10.302  -1.001  1.00 86.80 ? 105 TYR A CZ  1 
ATOM   767  O OH  . TYR A 1 105 ? -16.158 11.508  -1.080  1.00 82.25 ? 105 TYR A OH  1 
ATOM   768  N N   . VAL A 1 106 ? -13.442 3.406   -1.153  1.00 65.20 ? 106 VAL A N   1 
ATOM   769  C CA  . VAL A 1 106 ? -12.476 2.389   -1.549  1.00 60.07 ? 106 VAL A CA  1 
ATOM   770  C C   . VAL A 1 106 ? -11.969 2.768   -2.932  1.00 55.60 ? 106 VAL A C   1 
ATOM   771  O O   . VAL A 1 106 ? -12.765 2.943   -3.862  1.00 57.69 ? 106 VAL A O   1 
ATOM   772  C CB  . VAL A 1 106 ? -13.084 0.975   -1.554  1.00 54.19 ? 106 VAL A CB  1 
ATOM   773  C CG1 . VAL A 1 106 ? -11.987 -0.069  -1.696  1.00 48.27 ? 106 VAL A CG1 1 
ATOM   774  C CG2 . VAL A 1 106 ? -13.893 0.737   -0.290  1.00 52.51 ? 106 VAL A CG2 1 
ATOM   775  N N   . LEU A 1 107 ? -10.654 2.913   -3.062  1.00 50.98 ? 107 LEU A N   1 
ATOM   776  C CA  . LEU A 1 107 ? -10.032 3.380   -4.297  1.00 48.07 ? 107 LEU A CA  1 
ATOM   777  C C   . LEU A 1 107 ? -9.236  2.232   -4.906  1.00 51.25 ? 107 LEU A C   1 
ATOM   778  O O   . LEU A 1 107 ? -8.249  1.773   -4.321  1.00 55.17 ? 107 LEU A O   1 
ATOM   779  C CB  . LEU A 1 107 ? -9.146  4.594   -4.028  1.00 49.54 ? 107 LEU A CB  1 
ATOM   780  C CG  . LEU A 1 107 ? -9.830  5.742   -3.279  1.00 52.08 ? 107 LEU A CG  1 
ATOM   781  C CD1 . LEU A 1 107 ? -8.905  6.941   -3.166  1.00 48.45 ? 107 LEU A CD1 1 
ATOM   782  C CD2 . LEU A 1 107 ? -11.134 6.131   -3.957  1.00 47.04 ? 107 LEU A CD2 1 
ATOM   783  N N   . GLU A 1 108 ? -9.665  1.778   -6.080  1.00 54.13 ? 108 GLU A N   1 
ATOM   784  C CA  . GLU A 1 108 ? -9.048  0.646   -6.762  1.00 54.57 ? 108 GLU A CA  1 
ATOM   785  C C   . GLU A 1 108 ? -8.070  1.159   -7.812  1.00 54.68 ? 108 GLU A C   1 
ATOM   786  O O   . GLU A 1 108 ? -8.474  1.829   -8.769  1.00 55.98 ? 108 GLU A O   1 
ATOM   787  C CB  . GLU A 1 108 ? -10.112 -0.241  -7.406  1.00 53.90 ? 108 GLU A CB  1 
ATOM   788  C CG  . GLU A 1 108 ? -9.557  -1.471  -8.109  1.00 52.80 ? 108 GLU A CG  1 
ATOM   789  C CD  . GLU A 1 108 ? -10.543 -2.074  -9.092  1.00 57.36 ? 108 GLU A CD  1 
ATOM   790  O OE1 . GLU A 1 108 ? -11.754 -1.790  -8.971  1.00 57.39 ? 108 GLU A OE1 1 
ATOM   791  O OE2 . GLU A 1 108 ? -10.105 -2.830  -9.986  1.00 57.85 ? 108 GLU A OE2 1 
ATOM   792  N N   . PHE A 1 109 ? -6.789  0.840   -7.633  1.00 56.74 ? 109 PHE A N   1 
ATOM   793  C CA  . PHE A 1 109 ? -5.742  1.218   -8.584  1.00 60.15 ? 109 PHE A CA  1 
ATOM   794  C C   . PHE A 1 109 ? -5.573  0.074   -9.575  1.00 55.46 ? 109 PHE A C   1 
ATOM   795  O O   . PHE A 1 109 ? -4.724  -0.802  -9.409  1.00 58.29 ? 109 PHE A O   1 
ATOM   796  C CB  . PHE A 1 109 ? -4.438  1.528   -7.859  1.00 62.08 ? 109 PHE A CB  1 
ATOM   797  C CG  . PHE A 1 109 ? -4.398  2.892   -7.231  1.00 59.90 ? 109 PHE A CG  1 
ATOM   798  C CD1 . PHE A 1 109 ? -5.064  3.144   -6.043  1.00 58.44 ? 109 PHE A CD1 1 
ATOM   799  C CD2 . PHE A 1 109 ? -3.683  3.920   -7.823  1.00 60.09 ? 109 PHE A CD2 1 
ATOM   800  C CE1 . PHE A 1 109 ? -5.025  4.397   -5.461  1.00 57.93 ? 109 PHE A CE1 1 
ATOM   801  C CE2 . PHE A 1 109 ? -3.640  5.176   -7.246  1.00 62.81 ? 109 PHE A CE2 1 
ATOM   802  C CZ  . PHE A 1 109 ? -4.312  5.414   -6.063  1.00 60.16 ? 109 PHE A CZ  1 
ATOM   803  N N   . ASP A 1 110 ? -6.391  0.081   -10.623 1.00 49.84 ? 110 ASP A N   1 
ATOM   804  C CA  . ASP A 1 110 ? -6.347  -0.975  -11.624 1.00 52.05 ? 110 ASP A CA  1 
ATOM   805  C C   . ASP A 1 110 ? -5.135  -0.782  -12.528 1.00 49.40 ? 110 ASP A C   1 
ATOM   806  O O   . ASP A 1 110 ? -4.915  0.307   -13.065 1.00 50.27 ? 110 ASP A O   1 
ATOM   807  C CB  . ASP A 1 110 ? -7.645  -0.983  -12.435 1.00 49.82 ? 110 ASP A CB  1 
ATOM   808  C CG  . ASP A 1 110 ? -7.634  -1.997  -13.570 1.00 61.06 ? 110 ASP A CG  1 
ATOM   809  O OD1 . ASP A 1 110 ? -8.512  -2.884  -13.579 1.00 72.26 ? 110 ASP A OD1 1 
ATOM   810  O OD2 . ASP A 1 110 ? -6.784  -1.896  -14.474 1.00 57.60 ? 110 ASP A OD2 1 
ATOM   811  N N   . VAL A 1 111 ? -4.356  -1.845  -12.696 1.00 48.38 ? 111 VAL A N   1 
ATOM   812  C CA  . VAL A 1 111 ? -3.168  -1.845  -13.546 1.00 46.77 ? 111 VAL A CA  1 
ATOM   813  C C   . VAL A 1 111 ? -3.046  -3.230  -14.176 1.00 49.52 ? 111 VAL A C   1 
ATOM   814  O O   . VAL A 1 111 ? -3.194  -4.237  -13.470 1.00 59.13 ? 111 VAL A O   1 
ATOM   815  C CB  . VAL A 1 111 ? -1.906  -1.475  -12.747 1.00 50.29 ? 111 VAL A CB  1 
ATOM   816  C CG1 . VAL A 1 111 ? -0.668  -2.078  -13.378 1.00 56.71 ? 111 VAL A CG1 1 
ATOM   817  C CG2 . VAL A 1 111 ? -1.766  0.034   -12.638 1.00 52.59 ? 111 VAL A CG2 1 
ATOM   818  N N   . PRO A 1 112 ? -2.806  -3.334  -15.485 1.00 51.28 ? 112 PRO A N   1 
ATOM   819  C CA  . PRO A 1 112 ? -2.657  -4.658  -16.099 1.00 49.54 ? 112 PRO A CA  1 
ATOM   820  C C   . PRO A 1 112 ? -1.483  -5.418  -15.502 1.00 54.42 ? 112 PRO A C   1 
ATOM   821  O O   . PRO A 1 112 ? -0.516  -4.830  -15.010 1.00 54.04 ? 112 PRO A O   1 
ATOM   822  C CB  . PRO A 1 112 ? -2.418  -4.339  -17.580 1.00 52.55 ? 112 PRO A CB  1 
ATOM   823  C CG  . PRO A 1 112 ? -2.963  -2.968  -17.776 1.00 50.95 ? 112 PRO A CG  1 
ATOM   824  C CD  . PRO A 1 112 ? -2.715  -2.255  -16.480 1.00 55.31 ? 112 PRO A CD  1 
ATOM   825  N N   . ASP A 1 113 ? -1.582  -6.749  -15.549 1.00 51.30 ? 113 ASP A N   1 
ATOM   826  C CA  . ASP A 1 113 ? -0.512  -7.591  -15.025 1.00 51.29 ? 113 ASP A CA  1 
ATOM   827  C C   . ASP A 1 113 ? 0.802   -7.352  -15.757 1.00 52.14 ? 113 ASP A C   1 
ATOM   828  O O   . ASP A 1 113 ? 1.878   -7.565  -15.188 1.00 52.19 ? 113 ASP A O   1 
ATOM   829  C CB  . ASP A 1 113 ? -0.905  -9.065  -15.128 1.00 57.05 ? 113 ASP A CB  1 
ATOM   830  C CG  . ASP A 1 113 ? -1.908  -9.479  -14.072 1.00 66.63 ? 113 ASP A CG  1 
ATOM   831  O OD1 . ASP A 1 113 ? -2.055  -8.751  -13.069 1.00 69.28 ? 113 ASP A OD1 1 
ATOM   832  O OD2 . ASP A 1 113 ? -2.551  -10.536 -14.247 1.00 68.02 ? 113 ASP A OD2 1 
ATOM   833  N N   . GLU A 1 114 ? 0.735   -6.899  -17.010 1.00 51.73 ? 114 GLU A N   1 
ATOM   834  C CA  . GLU A 1 114 ? 1.933   -6.770  -17.829 1.00 49.11 ? 114 GLU A CA  1 
ATOM   835  C C   . GLU A 1 114 ? 2.827   -5.620  -17.387 1.00 49.42 ? 114 GLU A C   1 
ATOM   836  O O   . GLU A 1 114 ? 3.998   -5.574  -17.783 1.00 55.51 ? 114 GLU A O   1 
ATOM   837  C CB  . GLU A 1 114 ? 1.538   -6.597  -19.292 1.00 50.39 ? 114 GLU A CB  1 
ATOM   838  C CG  . GLU A 1 114 ? 1.024   -7.876  -19.923 1.00 46.79 ? 114 GLU A CG  1 
ATOM   839  C CD  . GLU A 1 114 ? -0.417  -8.174  -19.553 1.00 47.46 ? 114 GLU A CD  1 
ATOM   840  O OE1 . GLU A 1 114 ? -1.109  -7.259  -19.060 1.00 43.28 ? 114 GLU A OE1 1 
ATOM   841  O OE2 . GLU A 1 114 ? -0.861  -9.321  -19.770 1.00 53.35 ? 114 GLU A OE2 1 
ATOM   842  N N   . LEU A 1 115 ? 2.312   -4.694  -16.580 1.00 51.80 ? 115 LEU A N   1 
ATOM   843  C CA  . LEU A 1 115 ? 3.143   -3.633  -16.029 1.00 54.76 ? 115 LEU A CA  1 
ATOM   844  C C   . LEU A 1 115 ? 3.698   -3.969  -14.653 1.00 54.00 ? 115 LEU A C   1 
ATOM   845  O O   . LEU A 1 115 ? 4.704   -3.378  -14.253 1.00 52.31 ? 115 LEU A O   1 
ATOM   846  C CB  . LEU A 1 115 ? 2.354   -2.319  -15.944 1.00 55.51 ? 115 LEU A CB  1 
ATOM   847  C CG  . LEU A 1 115 ? 1.462   -1.951  -17.134 1.00 52.32 ? 115 LEU A CG  1 
ATOM   848  C CD1 . LEU A 1 115 ? 0.856   -0.571  -16.942 1.00 52.94 ? 115 LEU A CD1 1 
ATOM   849  C CD2 . LEU A 1 115 ? 2.237   -2.008  -18.433 1.00 47.55 ? 115 LEU A CD2 1 
ATOM   850  N N   . ILE A 1 116 ? 3.099   -4.941  -13.956 1.00 54.48 ? 116 ILE A N   1 
ATOM   851  C CA  . ILE A 1 116 ? 3.393   -5.170  -12.540 1.00 52.25 ? 116 ILE A CA  1 
ATOM   852  C C   . ILE A 1 116 ? 4.884   -5.403  -12.321 1.00 53.10 ? 116 ILE A C   1 
ATOM   853  O O   . ILE A 1 116 ? 5.529   -4.706  -11.529 1.00 57.48 ? 116 ILE A O   1 
ATOM   854  C CB  . ILE A 1 116 ? 2.562   -6.350  -12.004 1.00 54.34 ? 116 ILE A CB  1 
ATOM   855  C CG1 . ILE A 1 116 ? 1.070   -6.012  -12.035 1.00 59.42 ? 116 ILE A CG1 1 
ATOM   856  C CG2 . ILE A 1 116 ? 3.011   -6.725  -10.600 1.00 53.50 ? 116 ILE A CG2 1 
ATOM   857  C CD1 . ILE A 1 116 ? 0.719   -4.743  -11.297 1.00 56.10 ? 116 ILE A CD1 1 
ATOM   858  N N   . VAL A 1 117 ? 5.448   -6.396  -13.013 1.00 50.56 ? 117 VAL A N   1 
ATOM   859  C CA  . VAL A 1 117 ? 6.833   -6.793  -12.762 1.00 51.05 ? 117 VAL A CA  1 
ATOM   860  C C   . VAL A 1 117 ? 7.780   -5.627  -13.017 1.00 53.99 ? 117 VAL A C   1 
ATOM   861  O O   . VAL A 1 117 ? 8.665   -5.337  -12.203 1.00 54.27 ? 117 VAL A O   1 
ATOM   862  C CB  . VAL A 1 117 ? 7.205   -8.019  -13.614 1.00 44.42 ? 117 VAL A CB  1 
ATOM   863  C CG1 . VAL A 1 117 ? 8.718   -8.169  -13.705 1.00 47.03 ? 117 VAL A CG1 1 
ATOM   864  C CG2 . VAL A 1 117 ? 6.576   -9.276  -13.035 1.00 61.98 ? 117 VAL A CG2 1 
ATOM   865  N N   . ASP A 1 118 ? 7.593   -4.927  -14.139 1.00 52.14 ? 118 ASP A N   1 
ATOM   866  C CA  . ASP A 1 118 ? 8.500   -3.842  -14.495 1.00 53.16 ? 118 ASP A CA  1 
ATOM   867  C C   . ASP A 1 118 ? 8.425   -2.698  -13.492 1.00 49.97 ? 118 ASP A C   1 
ATOM   868  O O   . ASP A 1 118 ? 9.439   -2.051  -13.202 1.00 53.93 ? 118 ASP A O   1 
ATOM   869  C CB  . ASP A 1 118 ? 8.192   -3.343  -15.905 1.00 57.32 ? 118 ASP A CB  1 
ATOM   870  C CG  . ASP A 1 118 ? 8.924   -4.130  -16.972 1.00 58.44 ? 118 ASP A CG  1 
ATOM   871  O OD1 . ASP A 1 118 ? 10.162  -4.265  -16.863 1.00 53.53 ? 118 ASP A OD1 1 
ATOM   872  O OD2 . ASP A 1 118 ? 8.265   -4.614  -17.915 1.00 70.28 ? 118 ASP A OD2 1 
ATOM   873  N N   . ARG A 1 119 ? 7.234   -2.428  -12.953 1.00 48.21 ? 119 ARG A N   1 
ATOM   874  C CA  . ARG A 1 119 ? 7.108   -1.359  -11.967 1.00 51.56 ? 119 ARG A CA  1 
ATOM   875  C C   . ARG A 1 119 ? 7.899   -1.675  -10.704 1.00 57.08 ? 119 ARG A C   1 
ATOM   876  O O   . ARG A 1 119 ? 8.452   -0.772  -10.066 1.00 56.12 ? 119 ARG A O   1 
ATOM   877  C CB  . ARG A 1 119 ? 5.636   -1.125  -11.622 1.00 50.92 ? 119 ARG A CB  1 
ATOM   878  C CG  . ARG A 1 119 ? 4.748   -0.771  -12.797 1.00 52.50 ? 119 ARG A CG  1 
ATOM   879  C CD  . ARG A 1 119 ? 3.901   0.437   -12.503 1.00 46.40 ? 119 ARG A CD  1 
ATOM   880  N NE  . ARG A 1 119 ? 3.503   1.136   -13.718 1.00 58.32 ? 119 ARG A NE  1 
ATOM   881  C CZ  . ARG A 1 119 ? 2.459   1.958   -13.786 1.00 59.25 ? 119 ARG A CZ  1 
ATOM   882  N NH1 . ARG A 1 119 ? 1.706   2.183   -12.722 1.00 53.97 ? 119 ARG A NH1 1 
ATOM   883  N NH2 . ARG A 1 119 ? 2.161   2.567   -14.915 1.00 55.85 ? 119 ARG A NH2 1 
ATOM   884  N N   . ILE A 1 120 ? 7.974   -2.949  -10.333 1.00 57.35 ? 120 ILE A N   1 
ATOM   885  C CA  . ILE A 1 120 ? 8.539   -3.324  -9.041  1.00 57.58 ? 120 ILE A CA  1 
ATOM   886  C C   . ILE A 1 120 ? 10.027  -3.643  -9.143  1.00 58.03 ? 120 ILE A C   1 
ATOM   887  O O   . ILE A 1 120 ? 10.803  -3.273  -8.260  1.00 58.08 ? 120 ILE A O   1 
ATOM   888  C CB  . ILE A 1 120 ? 7.742   -4.504  -8.451  1.00 53.73 ? 120 ILE A CB  1 
ATOM   889  C CG1 . ILE A 1 120 ? 6.291   -4.085  -8.210  1.00 53.85 ? 120 ILE A CG1 1 
ATOM   890  C CG2 . ILE A 1 120 ? 8.362   -4.967  -7.153  1.00 55.13 ? 120 ILE A CG2 1 
ATOM   891  C CD1 . ILE A 1 120 ? 5.398   -5.217  -7.768  1.00 56.07 ? 120 ILE A CD1 1 
ATOM   892  N N   . VAL A 1 121 ? 10.456  -4.327  -10.208 1.00 58.69 ? 121 VAL A N   1 
ATOM   893  C CA  . VAL A 1 121 ? 11.880  -4.623  -10.357 1.00 57.92 ? 121 VAL A CA  1 
ATOM   894  C C   . VAL A 1 121 ? 12.677  -3.339  -10.537 1.00 54.11 ? 121 VAL A C   1 
ATOM   895  O O   . VAL A 1 121 ? 13.823  -3.239  -10.083 1.00 51.94 ? 121 VAL A O   1 
ATOM   896  C CB  . VAL A 1 121 ? 12.117  -5.610  -11.521 1.00 56.32 ? 121 VAL A CB  1 
ATOM   897  C CG1 . VAL A 1 121 ? 11.663  -5.014  -12.845 1.00 57.00 ? 121 VAL A CG1 1 
ATOM   898  C CG2 . VAL A 1 121 ? 13.584  -6.016  -11.588 1.00 56.29 ? 121 VAL A CG2 1 
ATOM   899  N N   . GLY A 1 122 ? 12.086  -2.334  -11.176 1.00 53.67 ? 122 GLY A N   1 
ATOM   900  C CA  . GLY A 1 122 ? 12.743  -1.059  -11.352 1.00 56.32 ? 122 GLY A CA  1 
ATOM   901  C C   . GLY A 1 122 ? 12.662  -0.123  -10.171 1.00 53.66 ? 122 GLY A C   1 
ATOM   902  O O   . GLY A 1 122 ? 13.159  1.004   -10.249 1.00 50.22 ? 122 GLY A O   1 
ATOM   903  N N   . ARG A 1 123 ? 12.053  -0.556  -9.071  1.00 57.53 ? 123 ARG A N   1 
ATOM   904  C CA  . ARG A 1 123 ? 11.884  0.304   -7.910  1.00 52.59 ? 123 ARG A CA  1 
ATOM   905  C C   . ARG A 1 123 ? 13.176  0.386   -7.108  1.00 49.80 ? 123 ARG A C   1 
ATOM   906  O O   . ARG A 1 123 ? 13.816  -0.634  -6.832  1.00 56.47 ? 123 ARG A O   1 
ATOM   907  C CB  . ARG A 1 123 ? 10.750  -0.208  -7.023  1.00 51.29 ? 123 ARG A CB  1 
ATOM   908  C CG  . ARG A 1 123 ? 10.569  0.588   -5.736  1.00 56.77 ? 123 ARG A CG  1 
ATOM   909  C CD  . ARG A 1 123 ? 9.195   0.368   -5.125  1.00 51.28 ? 123 ARG A CD  1 
ATOM   910  N NE  . ARG A 1 123 ? 8.981   -1.023  -4.737  1.00 55.97 ? 123 ARG A NE  1 
ATOM   911  C CZ  . ARG A 1 123 ? 7.802   -1.527  -4.387  1.00 51.82 ? 123 ARG A CZ  1 
ATOM   912  N NH1 . ARG A 1 123 ? 6.726   -0.753  -4.375  1.00 55.52 ? 123 ARG A NH1 1 
ATOM   913  N NH2 . ARG A 1 123 ? 7.699   -2.805  -4.049  1.00 46.90 ? 123 ARG A NH2 1 
ATOM   914  N N   . ARG A 1 124 ? 13.564  1.607   -6.753  1.00 51.38 ? 124 ARG A N   1 
ATOM   915  C CA  . ARG A 1 124 ? 14.621  1.858   -5.787  1.00 50.47 ? 124 ARG A CA  1 
ATOM   916  C C   . ARG A 1 124 ? 14.061  2.760   -4.700  1.00 46.75 ? 124 ARG A C   1 
ATOM   917  O O   . ARG A 1 124 ? 13.187  3.593   -4.956  1.00 55.91 ? 124 ARG A O   1 
ATOM   918  C CB  . ARG A 1 124 ? 15.851  2.511   -6.434  1.00 55.01 ? 124 ARG A CB  1 
ATOM   919  C CG  . ARG A 1 124 ? 16.288  1.868   -7.739  1.00 57.52 ? 124 ARG A CG  1 
ATOM   920  C CD  . ARG A 1 124 ? 17.097  0.607   -7.488  1.00 56.72 ? 124 ARG A CD  1 
ATOM   921  N NE  . ARG A 1 124 ? 17.561  0.005   -8.735  1.00 52.30 ? 124 ARG A NE  1 
ATOM   922  C CZ  . ARG A 1 124 ? 16.893  -0.925  -9.409  1.00 55.08 ? 124 ARG A CZ  1 
ATOM   923  N NH1 . ARG A 1 124 ? 15.727  -1.364  -8.955  1.00 56.92 ? 124 ARG A NH1 1 
ATOM   924  N NH2 . ARG A 1 124 ? 17.389  -1.415  -10.537 1.00 55.37 ? 124 ARG A NH2 1 
ATOM   925  N N   . VAL A 1 125 ? 14.556  2.584   -3.477  1.00 42.47 ? 125 VAL A N   1 
ATOM   926  C CA  . VAL A 1 125 ? 14.033  3.321   -2.335  1.00 45.75 ? 125 VAL A CA  1 
ATOM   927  C C   . VAL A 1 125 ? 15.182  3.833   -1.480  1.00 43.92 ? 125 VAL A C   1 
ATOM   928  O O   . VAL A 1 125 ? 16.281  3.272   -1.475  1.00 44.10 ? 125 VAL A O   1 
ATOM   929  C CB  . VAL A 1 125 ? 13.074  2.459   -1.483  1.00 52.23 ? 125 VAL A CB  1 
ATOM   930  C CG1 . VAL A 1 125 ? 11.745  2.276   -2.196  1.00 54.22 ? 125 VAL A CG1 1 
ATOM   931  C CG2 . VAL A 1 125 ? 13.707  1.114   -1.167  1.00 44.27 ? 125 VAL A CG2 1 
ATOM   932  N N   . HIS A 1 126 ? 14.913  4.919   -0.759  1.00 44.85 ? 126 HIS A N   1 
ATOM   933  C CA  . HIS A 1 126 ? 15.800  5.429   0.284   1.00 52.79 ? 126 HIS A CA  1 
ATOM   934  C C   . HIS A 1 126 ? 15.191  4.982   1.610   1.00 53.95 ? 126 HIS A C   1 
ATOM   935  O O   . HIS A 1 126 ? 14.323  5.651   2.172   1.00 54.20 ? 126 HIS A O   1 
ATOM   936  C CB  . HIS A 1 126 ? 15.944  6.944   0.194   1.00 50.57 ? 126 HIS A CB  1 
ATOM   937  C CG  . HIS A 1 126 ? 16.861  7.530   1.223   1.00 48.64 ? 126 HIS A CG  1 
ATOM   938  N ND1 . HIS A 1 126 ? 16.466  8.527   2.089   1.00 51.10 ? 126 HIS A ND1 1 
ATOM   939  C CD2 . HIS A 1 126 ? 18.155  7.263   1.522   1.00 53.30 ? 126 HIS A CD2 1 
ATOM   940  C CE1 . HIS A 1 126 ? 17.477  8.848   2.878   1.00 49.98 ? 126 HIS A CE1 1 
ATOM   941  N NE2 . HIS A 1 126 ? 18.513  8.095   2.555   1.00 51.68 ? 126 HIS A NE2 1 
ATOM   942  N N   . ALA A 1 127 ? 15.648  3.828   2.097   1.00 53.35 ? 127 ALA A N   1 
ATOM   943  C CA  . ALA A 1 127 ? 15.053  3.189   3.272   1.00 53.31 ? 127 ALA A CA  1 
ATOM   944  C C   . ALA A 1 127 ? 14.896  4.109   4.479   1.00 57.77 ? 127 ALA A C   1 
ATOM   945  O O   . ALA A 1 127 ? 13.826  4.077   5.107   1.00 64.66 ? 127 ALA A O   1 
ATOM   946  C CB  . ALA A 1 127 ? 15.876  1.945   3.639   1.00 40.47 ? 127 ALA A CB  1 
ATOM   947  N N   . PRO A 1 128 ? 15.882  4.929   4.867   1.00 55.20 ? 128 PRO A N   1 
ATOM   948  C CA  . PRO A 1 128 ? 15.691  5.767   6.064   1.00 53.68 ? 128 PRO A CA  1 
ATOM   949  C C   . PRO A 1 128 ? 14.565  6.779   5.941   1.00 53.05 ? 128 PRO A C   1 
ATOM   950  O O   . PRO A 1 128 ? 14.029  7.209   6.969   1.00 55.44 ? 128 PRO A O   1 
ATOM   951  C CB  . PRO A 1 128 ? 17.049  6.463   6.229   1.00 53.95 ? 128 PRO A CB  1 
ATOM   952  C CG  . PRO A 1 128 ? 18.012  5.585   5.519   1.00 53.64 ? 128 PRO A CG  1 
ATOM   953  C CD  . PRO A 1 128 ? 17.255  5.056   4.346   1.00 49.12 ? 128 PRO A CD  1 
ATOM   954  N N   . SER A 1 129 ? 14.185  7.176   4.727   1.00 55.01 ? 129 SER A N   1 
ATOM   955  C CA  . SER A 1 129 ? 13.164  8.195   4.536   1.00 49.59 ? 129 SER A CA  1 
ATOM   956  C C   . SER A 1 129 ? 11.874  7.666   3.931   1.00 55.23 ? 129 SER A C   1 
ATOM   957  O O   . SER A 1 129 ? 10.858  8.369   3.973   1.00 54.54 ? 129 SER A O   1 
ATOM   958  C CB  . SER A 1 129 ? 13.701  9.325   3.646   1.00 48.25 ? 129 SER A CB  1 
ATOM   959  O OG  . SER A 1 129 ? 13.717  8.928   2.285   1.00 53.55 ? 129 SER A OG  1 
ATOM   960  N N   . GLY A 1 130 ? 11.881  6.458   3.373   1.00 55.62 ? 130 GLY A N   1 
ATOM   961  C CA  . GLY A 1 130 ? 10.719  5.938   2.687   1.00 49.74 ? 130 GLY A CA  1 
ATOM   962  C C   . GLY A 1 130 ? 10.515  6.470   1.287   1.00 52.12 ? 130 GLY A C   1 
ATOM   963  O O   . GLY A 1 130 ? 9.532   6.090   0.638   1.00 54.19 ? 130 GLY A O   1 
ATOM   964  N N   . ARG A 1 131 ? 11.405  7.335   0.803   1.00 55.45 ? 131 ARG A N   1 
ATOM   965  C CA  . ARG A 1 131 ? 11.284  7.856   -0.552  1.00 52.71 ? 131 ARG A CA  1 
ATOM   966  C C   . ARG A 1 131 ? 11.406  6.726   -1.566  1.00 53.76 ? 131 ARG A C   1 
ATOM   967  O O   . ARG A 1 131 ? 12.200  5.797   -1.394  1.00 52.06 ? 131 ARG A O   1 
ATOM   968  C CB  . ARG A 1 131 ? 12.351  8.921   -0.805  1.00 52.15 ? 131 ARG A CB  1 
ATOM   969  C CG  . ARG A 1 131 ? 11.857  10.346  -0.608  1.00 49.40 ? 131 ARG A CG  1 
ATOM   970  C CD  . ARG A 1 131 ? 12.911  11.366  -1.009  1.00 52.97 ? 131 ARG A CD  1 
ATOM   971  N NE  . ARG A 1 131 ? 14.144  11.221  -0.238  1.00 54.23 ? 131 ARG A NE  1 
ATOM   972  C CZ  . ARG A 1 131 ? 14.300  11.646  1.013   1.00 45.61 ? 131 ARG A CZ  1 
ATOM   973  N NH1 . ARG A 1 131 ? 13.300  12.242  1.646   1.00 40.36 ? 131 ARG A NH1 1 
ATOM   974  N NH2 . ARG A 1 131 ? 15.458  11.469  1.632   1.00 49.70 ? 131 ARG A NH2 1 
ATOM   975  N N   . VAL A 1 132 ? 10.610  6.810   -2.629  1.00 54.66 ? 132 VAL A N   1 
ATOM   976  C CA  . VAL A 1 132 ? 10.479  5.743   -3.614  1.00 53.80 ? 132 VAL A CA  1 
ATOM   977  C C   . VAL A 1 132 ? 10.841  6.292   -4.988  1.00 51.13 ? 132 VAL A C   1 
ATOM   978  O O   . VAL A 1 132 ? 10.450  7.408   -5.344  1.00 58.36 ? 132 VAL A O   1 
ATOM   979  C CB  . VAL A 1 132 ? 9.050   5.157   -3.610  1.00 49.44 ? 132 VAL A CB  1 
ATOM   980  C CG1 . VAL A 1 132 ? 8.829   4.244   -4.805  1.00 49.33 ? 132 VAL A CG1 1 
ATOM   981  C CG2 . VAL A 1 132 ? 8.783   4.420   -2.305  1.00 50.91 ? 132 VAL A CG2 1 
ATOM   982  N N   . TYR A 1 133 ? 11.590  5.503   -5.757  1.00 50.73 ? 133 TYR A N   1 
ATOM   983  C CA  . TYR A 1 133 ? 12.010  5.875   -7.101  1.00 53.48 ? 133 TYR A CA  1 
ATOM   984  C C   . TYR A 1 133 ? 11.753  4.723   -8.065  1.00 52.40 ? 133 TYR A C   1 
ATOM   985  O O   . TYR A 1 133 ? 11.482  3.589   -7.662  1.00 52.45 ? 133 TYR A O   1 
ATOM   986  C CB  . TYR A 1 133 ? 13.497  6.257   -7.143  1.00 53.77 ? 133 TYR A CB  1 
ATOM   987  C CG  . TYR A 1 133 ? 13.895  7.405   -6.241  1.00 55.26 ? 133 TYR A CG  1 
ATOM   988  C CD1 . TYR A 1 133 ? 14.217  7.189   -4.906  1.00 56.33 ? 133 TYR A CD1 1 
ATOM   989  C CD2 . TYR A 1 133 ? 13.967  8.703   -6.730  1.00 52.09 ? 133 TYR A CD2 1 
ATOM   990  C CE1 . TYR A 1 133 ? 14.590  8.237   -4.083  1.00 54.17 ? 133 TYR A CE1 1 
ATOM   991  C CE2 . TYR A 1 133 ? 14.338  9.755   -5.914  1.00 53.22 ? 133 TYR A CE2 1 
ATOM   992  C CZ  . TYR A 1 133 ? 14.648  9.516   -4.592  1.00 57.39 ? 133 TYR A CZ  1 
ATOM   993  O OH  . TYR A 1 133 ? 15.018  10.565  -3.779  1.00 53.61 ? 133 TYR A OH  1 
ATOM   994  N N   . HIS A 1 134 ? 11.843  5.035   -9.359  1.00 57.40 ? 134 HIS A N   1 
ATOM   995  C CA  . HIS A 1 134 ? 11.856  4.043   -10.428 1.00 53.44 ? 134 HIS A CA  1 
ATOM   996  C C   . HIS A 1 134 ? 12.940  4.420   -11.421 1.00 48.90 ? 134 HIS A C   1 
ATOM   997  O O   . HIS A 1 134 ? 13.070  5.590   -11.779 1.00 53.42 ? 134 HIS A O   1 
ATOM   998  C CB  . HIS A 1 134 ? 10.517  3.957   -11.166 1.00 54.79 ? 134 HIS A CB  1 
ATOM   999  C CG  . HIS A 1 134 ? 10.356  2.706   -11.972 1.00 54.57 ? 134 HIS A CG  1 
ATOM   1000 N ND1 . HIS A 1 134 ? 10.955  2.531   -13.201 1.00 54.36 ? 134 HIS A ND1 1 
ATOM   1001 C CD2 . HIS A 1 134 ? 9.674   1.563   -11.722 1.00 55.83 ? 134 HIS A CD2 1 
ATOM   1002 C CE1 . HIS A 1 134 ? 10.645  1.337   -13.675 1.00 53.39 ? 134 HIS A CE1 1 
ATOM   1003 N NE2 . HIS A 1 134 ? 9.868   0.729   -12.797 1.00 56.49 ? 134 HIS A NE2 1 
ATOM   1004 N N   . VAL A 1 135 ? 13.698  3.425   -11.885 1.00 49.52 ? 135 VAL A N   1 
ATOM   1005 C CA  . VAL A 1 135 ? 14.818  3.709   -12.779 1.00 50.24 ? 135 VAL A CA  1 
ATOM   1006 C C   . VAL A 1 135 ? 14.338  4.408   -14.047 1.00 49.68 ? 135 VAL A C   1 
ATOM   1007 O O   . VAL A 1 135 ? 15.006  5.311   -14.564 1.00 52.03 ? 135 VAL A O   1 
ATOM   1008 C CB  . VAL A 1 135 ? 15.589  2.417   -13.100 1.00 44.58 ? 135 VAL A CB  1 
ATOM   1009 C CG1 . VAL A 1 135 ? 16.489  2.035   -11.936 1.00 46.46 ? 135 VAL A CG1 1 
ATOM   1010 C CG2 . VAL A 1 135 ? 14.625  1.288   -13.428 1.00 46.95 ? 135 VAL A CG2 1 
ATOM   1011 N N   . LYS A 1 136 ? 13.168  4.019   -14.556 1.00 49.83 ? 136 LYS A N   1 
ATOM   1012 C CA  . LYS A 1 136 ? 12.646  4.563   -15.805 1.00 54.54 ? 136 LYS A CA  1 
ATOM   1013 C C   . LYS A 1 136 ? 11.507  5.554   -15.596 1.00 56.08 ? 136 LYS A C   1 
ATOM   1014 O O   . LYS A 1 136 ? 11.534  6.654   -16.158 1.00 56.70 ? 136 LYS A O   1 
ATOM   1015 C CB  . LYS A 1 136 ? 12.174  3.421   -16.716 1.00 56.11 ? 136 LYS A CB  1 
ATOM   1016 C CG  . LYS A 1 136 ? 13.278  2.479   -17.170 1.00 60.73 ? 136 LYS A CG  1 
ATOM   1017 C CD  . LYS A 1 136 ? 14.105  3.092   -18.288 1.00 54.67 ? 136 LYS A CD  1 
ATOM   1018 N N   . PHE A 1 137 ? 10.508  5.190   -14.794 1.00 49.42 ? 137 PHE A N   1 
ATOM   1019 C CA  . PHE A 1 137 ? 9.261   5.943   -14.731 1.00 48.34 ? 137 PHE A CA  1 
ATOM   1020 C C   . PHE A 1 137 ? 9.309   7.134   -13.780 1.00 48.99 ? 137 PHE A C   1 
ATOM   1021 O O   . PHE A 1 137 ? 8.528   8.076   -13.955 1.00 52.67 ? 137 PHE A O   1 
ATOM   1022 C CB  . PHE A 1 137 ? 8.112   5.011   -14.332 1.00 51.91 ? 137 PHE A CB  1 
ATOM   1023 C CG  . PHE A 1 137 ? 7.963   3.820   -15.237 1.00 57.72 ? 137 PHE A CG  1 
ATOM   1024 C CD1 . PHE A 1 137 ? 8.164   3.944   -16.603 1.00 48.67 ? 137 PHE A CD1 1 
ATOM   1025 C CD2 . PHE A 1 137 ? 7.631   2.577   -14.723 1.00 58.62 ? 137 PHE A CD2 1 
ATOM   1026 C CE1 . PHE A 1 137 ? 8.031   2.852   -17.439 1.00 53.34 ? 137 PHE A CE1 1 
ATOM   1027 C CE2 . PHE A 1 137 ? 7.497   1.480   -15.557 1.00 55.05 ? 137 PHE A CE2 1 
ATOM   1028 C CZ  . PHE A 1 137 ? 7.698   1.619   -16.917 1.00 56.43 ? 137 PHE A CZ  1 
ATOM   1029 N N   . ASN A 1 138 ? 10.192  7.116   -12.788 1.00 56.14 ? 138 ASN A N   1 
ATOM   1030 C CA  . ASN A 1 138 ? 10.347  8.229   -11.857 1.00 52.53 ? 138 ASN A CA  1 
ATOM   1031 C C   . ASN A 1 138 ? 11.752  8.178   -11.272 1.00 52.15 ? 138 ASN A C   1 
ATOM   1032 O O   . ASN A 1 138 ? 11.945  7.691   -10.150 1.00 57.20 ? 138 ASN A O   1 
ATOM   1033 C CB  . ASN A 1 138 ? 9.284   8.172   -10.758 1.00 52.55 ? 138 ASN A CB  1 
ATOM   1034 C CG  . ASN A 1 138 ? 9.470   9.247   -9.704  1.00 62.83 ? 138 ASN A CG  1 
ATOM   1035 O OD1 . ASN A 1 138 ? 9.388   10.440  -9.996  1.00 67.16 ? 138 ASN A OD1 1 
ATOM   1036 N ND2 . ASN A 1 138 ? 9.719   8.826   -8.469  1.00 63.91 ? 138 ASN A ND2 1 
ATOM   1037 N N   . PRO A 1 139 ? 12.756  8.657   -12.000 1.00 48.94 ? 139 PRO A N   1 
ATOM   1038 C CA  . PRO A 1 139 ? 14.143  8.379   -11.628 1.00 52.26 ? 139 PRO A CA  1 
ATOM   1039 C C   . PRO A 1 139 ? 14.694  9.424   -10.678 1.00 55.87 ? 139 PRO A C   1 
ATOM   1040 O O   . PRO A 1 139 ? 14.226  10.573  -10.656 1.00 57.48 ? 139 PRO A O   1 
ATOM   1041 C CB  . PRO A 1 139 ? 14.872  8.414   -12.977 1.00 48.97 ? 139 PRO A CB  1 
ATOM   1042 C CG  . PRO A 1 139 ? 14.104  9.425   -13.763 1.00 50.26 ? 139 PRO A CG  1 
ATOM   1043 C CD  . PRO A 1 139 ? 12.662  9.348   -13.298 1.00 51.56 ? 139 PRO A CD  1 
ATOM   1044 N N   . PRO A 1 140 ? 15.688  9.060   -9.871  1.00 53.79 ? 140 PRO A N   1 
ATOM   1045 C CA  . PRO A 1 140 ? 16.401  10.064  -9.081  1.00 53.46 ? 140 PRO A CA  1 
ATOM   1046 C C   . PRO A 1 140 ? 17.197  10.993  -9.983  1.00 50.51 ? 140 PRO A C   1 
ATOM   1047 O O   . PRO A 1 140 ? 17.469  10.694  -11.148 1.00 54.36 ? 140 PRO A O   1 
ATOM   1048 C CB  . PRO A 1 140 ? 17.325  9.226   -8.189  1.00 55.90 ? 140 PRO A CB  1 
ATOM   1049 C CG  . PRO A 1 140 ? 17.505  7.943   -8.940  1.00 49.36 ? 140 PRO A CG  1 
ATOM   1050 C CD  . PRO A 1 140 ? 16.196  7.699   -9.632  1.00 49.92 ? 140 PRO A CD  1 
ATOM   1051 N N   . LYS A 1 141 ? 17.567  12.146  -9.422  1.00 54.54 ? 141 LYS A N   1 
ATOM   1052 C CA  . LYS A 1 141 ? 18.356  13.110  -10.182 1.00 47.83 ? 141 LYS A CA  1 
ATOM   1053 C C   . LYS A 1 141 ? 19.716  12.535  -10.553 1.00 47.60 ? 141 LYS A C   1 
ATOM   1054 O O   . LYS A 1 141 ? 20.176  12.689  -11.691 1.00 52.58 ? 141 LYS A O   1 
ATOM   1055 C CB  . LYS A 1 141 ? 18.512  14.402  -9.382  1.00 44.54 ? 141 LYS A CB  1 
ATOM   1056 C CG  . LYS A 1 141 ? 17.192  14.998  -8.922  1.00 50.25 ? 141 LYS A CG  1 
ATOM   1057 C CD  . LYS A 1 141 ? 16.272  15.274  -10.101 1.00 41.75 ? 141 LYS A CD  1 
ATOM   1058 C CE  . LYS A 1 141 ? 14.982  15.936  -9.649  1.00 47.50 ? 141 LYS A CE  1 
ATOM   1059 N NZ  . LYS A 1 141 ? 13.788  15.109  -9.978  1.00 57.43 ? 141 LYS A NZ  1 
ATOM   1060 N N   . VAL A 1 142 ? 20.370  11.864  -9.611  1.00 47.38 ? 142 VAL A N   1 
ATOM   1061 C CA  . VAL A 1 142 ? 21.619  11.152  -9.857  1.00 43.57 ? 142 VAL A CA  1 
ATOM   1062 C C   . VAL A 1 142 ? 21.346  9.662   -9.718  1.00 55.75 ? 142 VAL A C   1 
ATOM   1063 O O   . VAL A 1 142 ? 20.632  9.237   -8.801  1.00 59.22 ? 142 VAL A O   1 
ATOM   1064 C CB  . VAL A 1 142 ? 22.730  11.612  -8.892  1.00 51.53 ? 142 VAL A CB  1 
ATOM   1065 C CG1 . VAL A 1 142 ? 23.986  10.772  -9.077  1.00 54.37 ? 142 VAL A CG1 1 
ATOM   1066 C CG2 . VAL A 1 142 ? 23.037  13.087  -9.103  1.00 44.58 ? 142 VAL A CG2 1 
ATOM   1067 N N   . GLU A 1 143 ? 21.899  8.873   -10.638 1.00 57.29 ? 143 GLU A N   1 
ATOM   1068 C CA  . GLU A 1 143 ? 21.665  7.434   -10.632 1.00 58.28 ? 143 GLU A CA  1 
ATOM   1069 C C   . GLU A 1 143 ? 22.175  6.808   -9.341  1.00 61.84 ? 143 GLU A C   1 
ATOM   1070 O O   . GLU A 1 143 ? 23.293  7.086   -8.900  1.00 63.02 ? 143 GLU A O   1 
ATOM   1071 C CB  . GLU A 1 143 ? 22.342  6.783   -11.838 1.00 55.02 ? 143 GLU A CB  1 
ATOM   1072 C CG  . GLU A 1 143 ? 22.216  5.266   -11.870 1.00 64.27 ? 143 GLU A CG  1 
ATOM   1073 C CD  . GLU A 1 143 ? 22.593  4.674   -13.214 1.00 77.09 ? 143 GLU A CD  1 
ATOM   1074 O OE1 . GLU A 1 143 ? 23.513  5.212   -13.866 1.00 80.67 ? 143 GLU A OE1 1 
ATOM   1075 O OE2 . GLU A 1 143 ? 21.968  3.671   -13.621 1.00 77.86 ? 143 GLU A OE2 1 
ATOM   1076 N N   . GLY A 1 144 ? 21.343  5.965   -8.732  1.00 55.82 ? 144 GLY A N   1 
ATOM   1077 C CA  . GLY A 1 144 ? 21.711  5.266   -7.521  1.00 54.67 ? 144 GLY A CA  1 
ATOM   1078 C C   . GLY A 1 144 ? 21.779  6.114   -6.272  1.00 56.92 ? 144 GLY A C   1 
ATOM   1079 O O   . GLY A 1 144 ? 22.007  5.566   -5.188  1.00 61.01 ? 144 GLY A O   1 
ATOM   1080 N N   . LYS A 1 145 ? 21.584  7.425   -6.378  1.00 50.16 ? 145 LYS A N   1 
ATOM   1081 C CA  . LYS A 1 145 ? 21.693  8.328   -5.244  1.00 49.56 ? 145 LYS A CA  1 
ATOM   1082 C C   . LYS A 1 145 ? 20.326  8.890   -4.872  1.00 50.73 ? 145 LYS A C   1 
ATOM   1083 O O   . LYS A 1 145 ? 19.437  9.020   -5.718  1.00 48.09 ? 145 LYS A O   1 
ATOM   1084 C CB  . LYS A 1 145 ? 22.662  9.475   -5.548  1.00 55.61 ? 145 LYS A CB  1 
ATOM   1085 C CG  . LYS A 1 145 ? 24.071  9.018   -5.885  1.00 58.32 ? 145 LYS A CG  1 
ATOM   1086 C CD  . LYS A 1 145 ? 24.623  8.090   -4.816  1.00 59.05 ? 145 LYS A CD  1 
ATOM   1087 C CE  . LYS A 1 145 ? 26.137  7.986   -4.900  1.00 57.78 ? 145 LYS A CE  1 
ATOM   1088 N NZ  . LYS A 1 145 ? 26.679  6.993   -3.933  1.00 60.54 ? 145 LYS A NZ  1 
ATOM   1089 N N   . ASP A 1 146 ? 20.171  9.218   -3.592  1.00 51.65 ? 146 ASP A N   1 
ATOM   1090 C CA  . ASP A 1 146 ? 18.936  9.793   -3.080  1.00 48.69 ? 146 ASP A CA  1 
ATOM   1091 C C   . ASP A 1 146 ? 18.949  11.304  -3.276  1.00 43.92 ? 146 ASP A C   1 
ATOM   1092 O O   . ASP A 1 146 ? 19.975  11.959  -3.077  1.00 45.93 ? 146 ASP A O   1 
ATOM   1093 C CB  . ASP A 1 146 ? 18.758  9.445   -1.600  1.00 53.32 ? 146 ASP A CB  1 
ATOM   1094 C CG  . ASP A 1 146 ? 17.596  10.179  -0.961  1.00 53.66 ? 146 ASP A CG  1 
ATOM   1095 O OD1 . ASP A 1 146 ? 16.440  9.931   -1.362  1.00 49.42 ? 146 ASP A OD1 1 
ATOM   1096 O OD2 . ASP A 1 146 ? 17.839  10.999  -0.050  1.00 49.57 ? 146 ASP A OD2 1 
ATOM   1097 N N   . ASP A 1 147 ? 17.795  11.852  -3.665  1.00 45.20 ? 147 ASP A N   1 
ATOM   1098 C CA  . ASP A 1 147 ? 17.740  13.253  -4.075  1.00 54.19 ? 147 ASP A CA  1 
ATOM   1099 C C   . ASP A 1 147 ? 17.993  14.208  -2.915  1.00 55.86 ? 147 ASP A C   1 
ATOM   1100 O O   . ASP A 1 147 ? 18.479  15.323  -3.133  1.00 54.28 ? 147 ASP A O   1 
ATOM   1101 C CB  . ASP A 1 147 ? 16.389  13.557  -4.720  1.00 50.26 ? 147 ASP A CB  1 
ATOM   1102 C CG  . ASP A 1 147 ? 16.256  12.954  -6.102  1.00 50.03 ? 147 ASP A CG  1 
ATOM   1103 O OD1 . ASP A 1 147 ? 17.286  12.525  -6.665  1.00 46.03 ? 147 ASP A OD1 1 
ATOM   1104 O OD2 . ASP A 1 147 ? 15.123  12.906  -6.625  1.00 49.89 ? 147 ASP A OD2 1 
ATOM   1105 N N   . VAL A 1 148 ? 17.673  13.802  -1.691  1.00 53.83 ? 148 VAL A N   1 
ATOM   1106 C CA  . VAL A 1 148 ? 17.793  14.674  -0.530  1.00 51.22 ? 148 VAL A CA  1 
ATOM   1107 C C   . VAL A 1 148 ? 19.108  14.456  0.208   1.00 49.06 ? 148 VAL A C   1 
ATOM   1108 O O   . VAL A 1 148 ? 19.785  15.418  0.571   1.00 53.52 ? 148 VAL A O   1 
ATOM   1109 C CB  . VAL A 1 148 ? 16.587  14.471  0.412   1.00 52.84 ? 148 VAL A CB  1 
ATOM   1110 C CG1 . VAL A 1 148 ? 16.828  15.160  1.747   1.00 52.32 ? 148 VAL A CG1 1 
ATOM   1111 C CG2 . VAL A 1 148 ? 15.314  14.989  -0.239  1.00 50.54 ? 148 VAL A CG2 1 
ATOM   1112 N N   . THR A 1 149 ? 19.490  13.198  0.428   1.00 51.41 ? 149 THR A N   1 
ATOM   1113 C CA  . THR A 1 149 ? 20.647  12.872  1.247   1.00 52.31 ? 149 THR A CA  1 
ATOM   1114 C C   . THR A 1 149 ? 21.869  12.451  0.447   1.00 49.58 ? 149 THR A C   1 
ATOM   1115 O O   . THR A 1 149 ? 22.969  12.412  1.008   1.00 58.01 ? 149 THR A O   1 
ATOM   1116 C CB  . THR A 1 149 ? 20.293  11.752  2.235   1.00 55.40 ? 149 THR A CB  1 
ATOM   1117 O OG1 . THR A 1 149 ? 20.095  10.530  1.515   1.00 59.63 ? 149 THR A OG1 1 
ATOM   1118 C CG2 . THR A 1 149 ? 19.022  12.099  2.992   1.00 47.53 ? 149 THR A CG2 1 
ATOM   1119 N N   . GLY A 1 150 ? 21.713  12.129  -0.834  1.00 53.89 ? 150 GLY A N   1 
ATOM   1120 C CA  . GLY A 1 150 ? 22.835  11.656  -1.615  1.00 54.31 ? 150 GLY A CA  1 
ATOM   1121 C C   . GLY A 1 150 ? 23.301  10.259  -1.282  1.00 55.97 ? 150 GLY A C   1 
ATOM   1122 O O   . GLY A 1 150 ? 24.340  9.829   -1.795  1.00 57.12 ? 150 GLY A O   1 
ATOM   1123 N N   . GLU A 1 151 ? 22.568  9.534   -0.444  1.00 58.00 ? 151 GLU A N   1 
ATOM   1124 C CA  . GLU A 1 151 ? 22.966  8.192   -0.054  1.00 56.81 ? 151 GLU A CA  1 
ATOM   1125 C C   . GLU A 1 151 ? 22.604  7.187   -1.140  1.00 56.28 ? 151 GLU A C   1 
ATOM   1126 O O   . GLU A 1 151 ? 21.649  7.373   -1.900  1.00 50.08 ? 151 GLU A O   1 
ATOM   1127 C CB  . GLU A 1 151 ? 22.302  7.800   1.265   1.00 57.94 ? 151 GLU A CB  1 
ATOM   1128 C CG  . GLU A 1 151 ? 22.647  8.720   2.424   1.00 57.79 ? 151 GLU A CG  1 
ATOM   1129 C CD  . GLU A 1 151 ? 21.615  8.674   3.533   1.00 59.00 ? 151 GLU A CD  1 
ATOM   1130 O OE1 . GLU A 1 151 ? 20.697  7.831   3.457   1.00 53.80 ? 151 GLU A OE1 1 
ATOM   1131 O OE2 . GLU A 1 151 ? 21.722  9.481   4.480   1.00 64.87 ? 151 GLU A OE2 1 
ATOM   1132 N N   . GLU A 1 152 ? 23.387  6.113   -1.206  1.00 59.35 ? 152 GLU A N   1 
ATOM   1133 C CA  . GLU A 1 152 ? 23.166  5.073   -2.202  1.00 56.21 ? 152 GLU A CA  1 
ATOM   1134 C C   . GLU A 1 152 ? 21.807  4.419   -1.994  1.00 57.73 ? 152 GLU A C   1 
ATOM   1135 O O   . GLU A 1 152 ? 21.526  3.876   -0.920  1.00 56.80 ? 152 GLU A O   1 
ATOM   1136 C CB  . GLU A 1 152 ? 24.281  4.030   -2.125  1.00 54.29 ? 152 GLU A CB  1 
ATOM   1137 C CG  . GLU A 1 152 ? 24.313  3.057   -3.293  1.00 59.59 ? 152 GLU A CG  1 
ATOM   1138 C CD  . GLU A 1 152 ? 24.611  3.738   -4.616  1.00 59.04 ? 152 GLU A CD  1 
ATOM   1139 O OE1 . GLU A 1 152 ? 25.280  4.794   -4.610  1.00 56.90 ? 152 GLU A OE1 1 
ATOM   1140 O OE2 . GLU A 1 152 ? 24.177  3.215   -5.664  1.00 60.96 ? 152 GLU A OE2 1 
ATOM   1141 N N   . LEU A 1 153 ? 20.962  4.478   -3.020  1.00 56.53 ? 153 LEU A N   1 
ATOM   1142 C CA  . LEU A 1 153 ? 19.642  3.873   -2.946  1.00 49.75 ? 153 LEU A CA  1 
ATOM   1143 C C   . LEU A 1 153 ? 19.755  2.355   -2.831  1.00 46.48 ? 153 LEU A C   1 
ATOM   1144 O O   . LEU A 1 153 ? 20.802  1.757   -3.097  1.00 48.93 ? 153 LEU A O   1 
ATOM   1145 C CB  . LEU A 1 153 ? 18.807  4.249   -4.171  1.00 52.29 ? 153 LEU A CB  1 
ATOM   1146 C CG  . LEU A 1 153 ? 18.409  5.722   -4.288  1.00 52.21 ? 153 LEU A CG  1 
ATOM   1147 C CD1 . LEU A 1 153 ? 17.863  6.023   -5.673  1.00 48.10 ? 153 LEU A CD1 1 
ATOM   1148 C CD2 . LEU A 1 153 ? 17.397  6.093   -3.212  1.00 49.47 ? 153 LEU A CD2 1 
ATOM   1149 N N   . THR A 1 154 ? 18.654  1.730   -2.424  1.00 45.16 ? 154 THR A N   1 
ATOM   1150 C CA  . THR A 1 154 ? 18.621  0.298   -2.180  1.00 48.10 ? 154 THR A CA  1 
ATOM   1151 C C   . THR A 1 154 ? 17.437  -0.328  -2.902  1.00 45.90 ? 154 THR A C   1 
ATOM   1152 O O   . THR A 1 154 ? 16.466  0.347   -3.255  1.00 48.71 ? 154 THR A O   1 
ATOM   1153 C CB  . THR A 1 154 ? 18.531  -0.021  -0.679  1.00 44.69 ? 154 THR A CB  1 
ATOM   1154 O OG1 . THR A 1 154 ? 17.364  0.601   -0.127  1.00 45.80 ? 154 THR A OG1 1 
ATOM   1155 C CG2 . THR A 1 154 ? 19.764  0.486   0.051   1.00 42.50 ? 154 THR A CG2 1 
ATOM   1156 N N   . THR A 1 155 ? 17.536  -1.635  -3.119  1.00 48.18 ? 155 THR A N   1 
ATOM   1157 C CA  . THR A 1 155 ? 16.465  -2.430  -3.702  1.00 51.21 ? 155 THR A CA  1 
ATOM   1158 C C   . THR A 1 155 ? 15.959  -3.411  -2.657  1.00 58.16 ? 155 THR A C   1 
ATOM   1159 O O   . THR A 1 155 ? 16.745  -4.178  -2.090  1.00 62.99 ? 155 THR A O   1 
ATOM   1160 C CB  . THR A 1 155 ? 16.945  -3.182  -4.945  1.00 50.32 ? 155 THR A CB  1 
ATOM   1161 O OG1 . THR A 1 155 ? 17.436  -2.247  -5.915  1.00 55.77 ? 155 THR A OG1 1 
ATOM   1162 C CG2 . THR A 1 155 ? 15.805  -3.984  -5.553  1.00 53.89 ? 155 THR A CG2 1 
ATOM   1163 N N   . ARG A 1 156 ? 14.654  -3.380  -2.401  1.00 58.48 ? 156 ARG A N   1 
ATOM   1164 C CA  . ARG A 1 156 ? 14.067  -4.274  -1.413  1.00 52.44 ? 156 ARG A CA  1 
ATOM   1165 C C   . ARG A 1 156 ? 14.235  -5.726  -1.848  1.00 61.30 ? 156 ARG A C   1 
ATOM   1166 O O   . ARG A 1 156 ? 14.215  -6.048  -3.040  1.00 61.54 ? 156 ARG A O   1 
ATOM   1167 C CB  . ARG A 1 156 ? 12.588  -3.943  -1.211  1.00 48.17 ? 156 ARG A CB  1 
ATOM   1168 C CG  . ARG A 1 156 ? 12.345  -2.541  -0.677  1.00 44.65 ? 156 ARG A CG  1 
ATOM   1169 C CD  . ARG A 1 156 ? 10.877  -2.148  -0.758  1.00 47.31 ? 156 ARG A CD  1 
ATOM   1170 N NE  . ARG A 1 156 ? 10.000  -3.301  -0.936  1.00 46.53 ? 156 ARG A NE  1 
ATOM   1171 C CZ  . ARG A 1 156 ? 8.675   -3.227  -1.000  1.00 51.72 ? 156 ARG A CZ  1 
ATOM   1172 N NH1 . ARG A 1 156 ? 8.068   -2.053  -0.899  1.00 45.84 ? 156 ARG A NH1 1 
ATOM   1173 N NH2 . ARG A 1 156 ? 7.955   -4.329  -1.166  1.00 50.06 ? 156 ARG A NH2 1 
ATOM   1174 N N   . LYS A 1 157 ? 14.411  -6.607  -0.859  1.00 57.72 ? 157 LYS A N   1 
ATOM   1175 C CA  . LYS A 1 157 ? 14.673  -8.014  -1.155  1.00 60.21 ? 157 LYS A CA  1 
ATOM   1176 C C   . LYS A 1 157 ? 13.514  -8.648  -1.915  1.00 61.71 ? 157 LYS A C   1 
ATOM   1177 O O   . LYS A 1 157 ? 13.727  -9.469  -2.814  1.00 60.48 ? 157 LYS A O   1 
ATOM   1178 C CB  . LYS A 1 157 ? 14.947  -8.782  0.138   1.00 69.44 ? 157 LYS A CB  1 
ATOM   1179 C CG  . LYS A 1 157 ? 16.422  -8.960  0.458   1.00 69.00 ? 157 LYS A CG  1 
ATOM   1180 C CD  . LYS A 1 157 ? 16.987  -7.725  1.135   1.00 75.23 ? 157 LYS A CD  1 
ATOM   1181 C CE  . LYS A 1 157 ? 16.293  -7.465  2.460   1.00 64.50 ? 157 LYS A CE  1 
ATOM   1182 N NZ  . LYS A 1 157 ? 16.392  -6.037  2.867   1.00 65.32 ? 157 LYS A NZ  1 
ATOM   1183 N N   . ASP A 1 158 ? 12.281  -8.280  -1.571  1.00 63.36 ? 158 ASP A N   1 
ATOM   1184 C CA  . ASP A 1 158 ? 11.117  -8.818  -2.263  1.00 61.34 ? 158 ASP A CA  1 
ATOM   1185 C C   . ASP A 1 158 ? 10.831  -8.110  -3.579  1.00 56.52 ? 158 ASP A C   1 
ATOM   1186 O O   . ASP A 1 158 ? 9.830   -8.430  -4.230  1.00 55.62 ? 158 ASP A O   1 
ATOM   1187 C CB  . ASP A 1 158 ? 9.881   -8.755  -1.362  1.00 56.35 ? 158 ASP A CB  1 
ATOM   1188 C CG  . ASP A 1 158 ? 9.637   -7.372  -0.798  1.00 55.62 ? 158 ASP A CG  1 
ATOM   1189 O OD1 . ASP A 1 158 ? 10.598  -6.578  -0.723  1.00 58.87 ? 158 ASP A OD1 1 
ATOM   1190 O OD2 . ASP A 1 158 ? 8.481   -7.081  -0.425  1.00 55.36 ? 158 ASP A OD2 1 
ATOM   1191 N N   . ASP A 1 159 ? 11.672  -7.162  -3.984  1.00 60.04 ? 159 ASP A N   1 
ATOM   1192 C CA  . ASP A 1 159 ? 11.563  -6.543  -5.296  1.00 57.30 ? 159 ASP A CA  1 
ATOM   1193 C C   . ASP A 1 159 ? 12.404  -7.259  -6.346  1.00 62.71 ? 159 ASP A C   1 
ATOM   1194 O O   . ASP A 1 159 ? 12.573  -6.736  -7.453  1.00 66.41 ? 159 ASP A O   1 
ATOM   1195 C CB  . ASP A 1 159 ? 11.946  -5.062  -5.217  1.00 54.89 ? 159 ASP A CB  1 
ATOM   1196 C CG  . ASP A 1 159 ? 10.818  -4.200  -4.678  1.00 54.58 ? 159 ASP A CG  1 
ATOM   1197 O OD1 . ASP A 1 159 ? 9.768   -4.763  -4.301  1.00 47.94 ? 159 ASP A OD1 1 
ATOM   1198 O OD2 . ASP A 1 159 ? 10.976  -2.961  -4.633  1.00 53.94 ? 159 ASP A OD2 1 
ATOM   1199 N N   . GLN A 1 160 ? 12.943  -8.431  -6.017  1.00 63.45 ? 160 GLN A N   1 
ATOM   1200 C CA  . GLN A 1 160 ? 13.516  -9.306  -7.029  1.00 66.15 ? 160 GLN A CA  1 
ATOM   1201 C C   . GLN A 1 160 ? 12.394  -9.872  -7.888  1.00 67.52 ? 160 GLN A C   1 
ATOM   1202 O O   . GLN A 1 160 ? 11.368  -10.315 -7.365  1.00 68.77 ? 160 GLN A O   1 
ATOM   1203 C CB  . GLN A 1 160 ? 14.306  -10.437 -6.372  1.00 63.77 ? 160 GLN A CB  1 
ATOM   1204 C CG  . GLN A 1 160 ? 15.809  -10.217 -6.335  1.00 66.22 ? 160 GLN A CG  1 
ATOM   1205 C CD  . GLN A 1 160 ? 16.186  -8.872  -5.746  1.00 73.33 ? 160 GLN A CD  1 
ATOM   1206 O OE1 . GLN A 1 160 ? 16.037  -8.642  -4.546  1.00 77.35 ? 160 GLN A OE1 1 
ATOM   1207 N NE2 . GLN A 1 160 ? 16.680  -7.974  -6.592  1.00 77.76 ? 160 GLN A NE2 1 
ATOM   1208 N N   . GLU A 1 161 ? 12.596  -9.865  -9.211  1.00 64.14 ? 161 GLU A N   1 
ATOM   1209 C CA  . GLU A 1 161 ? 11.513  -10.196 -10.134 1.00 65.69 ? 161 GLU A CA  1 
ATOM   1210 C C   . GLU A 1 161 ? 10.903  -11.563 -9.846  1.00 69.58 ? 161 GLU A C   1 
ATOM   1211 O O   . GLU A 1 161 ? 9.702   -11.764 -10.071 1.00 72.94 ? 161 GLU A O   1 
ATOM   1212 C CB  . GLU A 1 161 ? 12.016  -10.131 -11.578 1.00 71.95 ? 161 GLU A CB  1 
ATOM   1213 C CG  . GLU A 1 161 ? 13.016  -11.213 -11.946 1.00 76.65 ? 161 GLU A CG  1 
ATOM   1214 C CD  . GLU A 1 161 ? 13.265  -11.291 -13.438 1.00 83.42 ? 161 GLU A CD  1 
ATOM   1215 O OE1 . GLU A 1 161 ? 12.293  -11.501 -14.194 1.00 83.15 ? 161 GLU A OE1 1 
ATOM   1216 O OE2 . GLU A 1 161 ? 14.433  -11.140 -13.856 1.00 88.06 ? 161 GLU A OE2 1 
ATOM   1217 N N   . GLU A 1 162 ? 11.697  -12.510 -9.343  1.00 71.13 ? 162 GLU A N   1 
ATOM   1218 C CA  . GLU A 1 162 ? 11.153  -13.822 -9.002  1.00 69.64 ? 162 GLU A CA  1 
ATOM   1219 C C   . GLU A 1 162 ? 10.191  -13.722 -7.827  1.00 64.38 ? 162 GLU A C   1 
ATOM   1220 O O   . GLU A 1 162 ? 9.077   -14.259 -7.872  1.00 63.50 ? 162 GLU A O   1 
ATOM   1221 C CB  . GLU A 1 162 ? 12.288  -14.798 -8.691  1.00 72.52 ? 162 GLU A CB  1 
ATOM   1222 C CG  . GLU A 1 162 ? 12.842  -15.517 -9.910  1.00 83.42 ? 162 GLU A CG  1 
ATOM   1223 C CD  . GLU A 1 162 ? 11.826  -15.642 -11.031 1.00 82.14 ? 162 GLU A CD  1 
ATOM   1224 O OE1 . GLU A 1 162 ? 11.986  -14.952 -12.059 1.00 83.26 ? 162 GLU A OE1 1 
ATOM   1225 O OE2 . GLU A 1 162 ? 10.871  -16.435 -10.886 1.00 83.70 ? 162 GLU A OE2 1 
ATOM   1226 N N   . THR A 1 163 ? 10.607  -13.033 -6.761  1.00 64.68 ? 163 THR A N   1 
ATOM   1227 C CA  . THR A 1 163 ? 9.724   -12.821 -5.620  1.00 62.97 ? 163 THR A CA  1 
ATOM   1228 C C   . THR A 1 163 ? 8.492   -12.014 -6.013  1.00 59.51 ? 163 THR A C   1 
ATOM   1229 O O   . THR A 1 163 ? 7.412   -12.210 -5.442  1.00 56.07 ? 163 THR A O   1 
ATOM   1230 C CB  . THR A 1 163 ? 10.495  -12.125 -4.495  1.00 61.19 ? 163 THR A CB  1 
ATOM   1231 O OG1 . THR A 1 163 ? 11.663  -12.889 -4.173  1.00 55.95 ? 163 THR A OG1 1 
ATOM   1232 C CG2 . THR A 1 163 ? 9.638   -11.996 -3.255  1.00 57.52 ? 163 THR A CG2 1 
ATOM   1233 N N   . VAL A 1 164 ? 8.627   -11.119 -6.995  1.00 61.61 ? 164 VAL A N   1 
ATOM   1234 C CA  . VAL A 1 164 ? 7.487   -10.328 -7.453  1.00 58.57 ? 164 VAL A CA  1 
ATOM   1235 C C   . VAL A 1 164 ? 6.405   -11.233 -8.027  1.00 61.74 ? 164 VAL A C   1 
ATOM   1236 O O   . VAL A 1 164 ? 5.211   -11.043 -7.764  1.00 65.88 ? 164 VAL A O   1 
ATOM   1237 C CB  . VAL A 1 164 ? 7.942   -9.276  -8.481  1.00 58.39 ? 164 VAL A CB  1 
ATOM   1238 C CG1 . VAL A 1 164 ? 6.754   -8.462  -8.971  1.00 53.10 ? 164 VAL A CG1 1 
ATOM   1239 C CG2 . VAL A 1 164 ? 8.998   -8.371  -7.881  1.00 55.65 ? 164 VAL A CG2 1 
ATOM   1240 N N   . ARG A 1 165 ? 6.803   -12.229 -8.822  1.00 59.01 ? 165 ARG A N   1 
ATOM   1241 C CA  . ARG A 1 165 ? 5.820   -13.135 -9.408  1.00 55.88 ? 165 ARG A CA  1 
ATOM   1242 C C   . ARG A 1 165 ? 5.135   -13.971 -8.336  1.00 58.57 ? 165 ARG A C   1 
ATOM   1243 O O   . ARG A 1 165 ? 3.921   -14.197 -8.404  1.00 59.57 ? 165 ARG A O   1 
ATOM   1244 C CB  . ARG A 1 165 ? 6.487   -14.024 -10.456 1.00 66.74 ? 165 ARG A CB  1 
ATOM   1245 C CG  . ARG A 1 165 ? 6.867   -13.269 -11.718 1.00 68.29 ? 165 ARG A CG  1 
ATOM   1246 C CD  . ARG A 1 165 ? 7.267   -14.202 -12.845 1.00 74.06 ? 165 ARG A CD  1 
ATOM   1247 N NE  . ARG A 1 165 ? 7.806   -13.459 -13.981 1.00 79.61 ? 165 ARG A NE  1 
ATOM   1248 C CZ  . ARG A 1 165 ? 9.060   -13.028 -14.064 1.00 78.81 ? 165 ARG A CZ  1 
ATOM   1249 N NH1 . ARG A 1 165 ? 9.912   -13.267 -13.077 1.00 80.46 ? 165 ARG A NH1 1 
ATOM   1250 N NH2 . ARG A 1 165 ? 9.463   -12.357 -15.135 1.00 64.22 ? 165 ARG A NH2 1 
ATOM   1251 N N   . LYS A 1 166 ? 5.892   -14.432 -7.337  1.00 57.80 ? 166 LYS A N   1 
ATOM   1252 C CA  . LYS A 1 166 ? 5.272   -15.072 -6.182  1.00 54.60 ? 166 LYS A CA  1 
ATOM   1253 C C   . LYS A 1 166 ? 4.266   -14.139 -5.521  1.00 55.27 ? 166 LYS A C   1 
ATOM   1254 O O   . LYS A 1 166 ? 3.182   -14.570 -5.110  1.00 54.81 ? 166 LYS A O   1 
ATOM   1255 C CB  . LYS A 1 166 ? 6.344   -15.500 -5.177  1.00 59.05 ? 166 LYS A CB  1 
ATOM   1256 C CG  . LYS A 1 166 ? 7.117   -16.746 -5.575  1.00 61.44 ? 166 LYS A CG  1 
ATOM   1257 N N   . ARG A 1 167 ? 4.606   -12.850 -5.425  1.00 49.93 ? 167 ARG A N   1 
ATOM   1258 C CA  . ARG A 1 167 ? 3.688   -11.880 -4.840  1.00 47.53 ? 167 ARG A CA  1 
ATOM   1259 C C   . ARG A 1 167 ? 2.474   -11.654 -5.733  1.00 49.62 ? 167 ARG A C   1 
ATOM   1260 O O   . ARG A 1 167 ? 1.348   -11.534 -5.239  1.00 46.81 ? 167 ARG A O   1 
ATOM   1261 C CB  . ARG A 1 167 ? 4.412   -10.559 -4.585  1.00 51.98 ? 167 ARG A CB  1 
ATOM   1262 C CG  . ARG A 1 167 ? 5.448   -10.618 -3.476  1.00 52.85 ? 167 ARG A CG  1 
ATOM   1263 C CD  . ARG A 1 167 ? 6.290   -9.355  -3.452  1.00 44.13 ? 167 ARG A CD  1 
ATOM   1264 N NE  . ARG A 1 167 ? 5.484   -8.176  -3.153  1.00 42.37 ? 167 ARG A NE  1 
ATOM   1265 C CZ  . ARG A 1 167 ? 5.924   -6.925  -3.247  1.00 55.64 ? 167 ARG A CZ  1 
ATOM   1266 N NH1 . ARG A 1 167 ? 7.170   -6.687  -3.636  1.00 53.48 ? 167 ARG A NH1 1 
ATOM   1267 N NH2 . ARG A 1 167 ? 5.120   -5.913  -2.953  1.00 59.51 ? 167 ARG A NH2 1 
ATOM   1268 N N   . LEU A 1 168 ? 2.684   -11.587 -7.051  1.00 59.81 ? 168 LEU A N   1 
ATOM   1269 C CA  . LEU A 1 168 ? 1.567   -11.344 -7.958  1.00 53.11 ? 168 LEU A CA  1 
ATOM   1270 C C   . LEU A 1 168 ? 0.610   -12.528 -7.985  1.00 53.41 ? 168 LEU A C   1 
ATOM   1271 O O   . LEU A 1 168 ? -0.609  -12.344 -8.082  1.00 60.15 ? 168 LEU A O   1 
ATOM   1272 C CB  . LEU A 1 168 ? 2.079   -11.033 -9.363  1.00 57.51 ? 168 LEU A CB  1 
ATOM   1273 C CG  . LEU A 1 168 ? 0.989   -10.642 -10.365 1.00 63.11 ? 168 LEU A CG  1 
ATOM   1274 C CD1 . LEU A 1 168 ? 0.156   -9.489  -9.824  1.00 60.18 ? 168 LEU A CD1 1 
ATOM   1275 C CD2 . LEU A 1 168 ? 1.588   -10.288 -11.717 1.00 61.32 ? 168 LEU A CD2 1 
ATOM   1276 N N   . VAL A 1 169 ? 1.140   -13.750 -7.908  1.00 50.88 ? 169 VAL A N   1 
ATOM   1277 C CA  . VAL A 1 169 ? 0.274   -14.920 -7.789  1.00 57.32 ? 169 VAL A CA  1 
ATOM   1278 C C   . VAL A 1 169 ? -0.533  -14.842 -6.501  1.00 57.32 ? 169 VAL A C   1 
ATOM   1279 O O   . VAL A 1 169 ? -1.767  -14.927 -6.514  1.00 56.38 ? 169 VAL A O   1 
ATOM   1280 C CB  . VAL A 1 169 ? 1.100   -16.218 -7.857  1.00 55.13 ? 169 VAL A CB  1 
ATOM   1281 C CG1 . VAL A 1 169 ? 0.209   -17.423 -7.599  1.00 46.62 ? 169 VAL A CG1 1 
ATOM   1282 C CG2 . VAL A 1 169 ? 1.778   -16.346 -9.209  1.00 60.72 ? 169 VAL A CG2 1 
ATOM   1283 N N   . GLU A 1 170 ? 0.152   -14.649 -5.371  1.00 54.22 ? 170 GLU A N   1 
ATOM   1284 C CA  . GLU A 1 170 ? -0.535  -14.577 -4.085  1.00 48.46 ? 170 GLU A CA  1 
ATOM   1285 C C   . GLU A 1 170 ? -1.508  -13.407 -4.023  1.00 50.21 ? 170 GLU A C   1 
ATOM   1286 O O   . GLU A 1 170 ? -2.522  -13.485 -3.319  1.00 49.37 ? 170 GLU A O   1 
ATOM   1287 C CB  . GLU A 1 170 ? 0.485   -14.475 -2.953  1.00 51.26 ? 170 GLU A CB  1 
ATOM   1288 C CG  . GLU A 1 170 ? 0.586   -15.716 -2.091  1.00 64.37 ? 170 GLU A CG  1 
ATOM   1289 C CD  . GLU A 1 170 ? 1.321   -15.448 -0.799  1.00 66.30 ? 170 GLU A CD  1 
ATOM   1290 O OE1 . GLU A 1 170 ? 1.234   -16.278 0.131   1.00 65.63 ? 170 GLU A OE1 1 
ATOM   1291 O OE2 . GLU A 1 170 ? 1.984   -14.394 -0.717  1.00 75.32 ? 170 GLU A OE2 1 
ATOM   1292 N N   . TYR A 1 171 ? -1.224  -12.318 -4.741  1.00 51.93 ? 171 TYR A N   1 
ATOM   1293 C CA  . TYR A 1 171 ? -2.174  -11.212 -4.791  1.00 49.73 ? 171 TYR A CA  1 
ATOM   1294 C C   . TYR A 1 171 ? -3.468  -11.642 -5.469  1.00 53.23 ? 171 TYR A C   1 
ATOM   1295 O O   . TYR A 1 171 ? -4.566  -11.358 -4.977  1.00 51.91 ? 171 TYR A O   1 
ATOM   1296 C CB  . TYR A 1 171 ? -1.572  -10.009 -5.520  1.00 44.49 ? 171 TYR A CB  1 
ATOM   1297 C CG  . TYR A 1 171 ? -2.633  -9.023  -5.960  1.00 49.37 ? 171 TYR A CG  1 
ATOM   1298 C CD1 . TYR A 1 171 ? -3.191  -8.133  -5.056  1.00 46.81 ? 171 TYR A CD1 1 
ATOM   1299 C CD2 . TYR A 1 171 ? -3.095  -9.002  -7.270  1.00 51.77 ? 171 TYR A CD2 1 
ATOM   1300 C CE1 . TYR A 1 171 ? -4.173  -7.242  -5.440  1.00 47.48 ? 171 TYR A CE1 1 
ATOM   1301 C CE2 . TYR A 1 171 ? -4.079  -8.115  -7.665  1.00 50.27 ? 171 TYR A CE2 1 
ATOM   1302 C CZ  . TYR A 1 171 ? -4.613  -7.237  -6.745  1.00 50.60 ? 171 TYR A CZ  1 
ATOM   1303 O OH  . TYR A 1 171 ? -5.588  -6.346  -7.132  1.00 57.67 ? 171 TYR A OH  1 
ATOM   1304 N N   . HIS A 1 172 ? -3.353  -12.318 -6.616  1.00 54.87 ? 172 HIS A N   1 
ATOM   1305 C CA  . HIS A 1 172 ? -4.537  -12.781 -7.332  1.00 59.75 ? 172 HIS A CA  1 
ATOM   1306 C C   . HIS A 1 172 ? -5.351  -13.753 -6.489  1.00 53.97 ? 172 HIS A C   1 
ATOM   1307 O O   . HIS A 1 172 ? -6.584  -13.774 -6.577  1.00 51.94 ? 172 HIS A O   1 
ATOM   1308 C CB  . HIS A 1 172 ? -4.133  -13.439 -8.652  1.00 61.54 ? 172 HIS A CB  1 
ATOM   1309 C CG  . HIS A 1 172 ? -3.703  -12.470 -9.707  1.00 56.83 ? 172 HIS A CG  1 
ATOM   1310 N ND1 . HIS A 1 172 ? -2.668  -12.731 -10.580 1.00 55.53 ? 172 HIS A ND1 1 
ATOM   1311 C CD2 . HIS A 1 172 ? -4.170  -11.242 -10.034 1.00 57.91 ? 172 HIS A CD2 1 
ATOM   1312 C CE1 . HIS A 1 172 ? -2.515  -11.706 -11.398 1.00 65.50 ? 172 HIS A CE1 1 
ATOM   1313 N NE2 . HIS A 1 172 ? -3.414  -10.789 -11.088 1.00 63.03 ? 172 HIS A NE2 1 
ATOM   1314 N N   . GLN A 1 173 ? -4.683  -14.555 -5.659  1.00 54.79 ? 173 GLN A N   1 
ATOM   1315 C CA  . GLN A 1 173 ? -5.378  -15.556 -4.858  1.00 55.54 ? 173 GLN A CA  1 
ATOM   1316 C C   . GLN A 1 173 ? -6.057  -14.930 -3.642  1.00 56.19 ? 173 GLN A C   1 
ATOM   1317 O O   . GLN A 1 173 ? -7.273  -15.061 -3.460  1.00 57.54 ? 173 GLN A O   1 
ATOM   1318 C CB  . GLN A 1 173 ? -4.401  -16.653 -4.423  1.00 58.19 ? 173 GLN A CB  1 
ATOM   1319 C CG  . GLN A 1 173 ? -3.585  -17.243 -5.563  1.00 62.58 ? 173 GLN A CG  1 
ATOM   1320 C CD  . GLN A 1 173 ? -3.300  -18.723 -5.384  1.00 75.78 ? 173 GLN A CD  1 
ATOM   1321 O OE1 . GLN A 1 173 ? -3.129  -19.206 -4.263  1.00 75.99 ? 173 GLN A OE1 1 
ATOM   1322 N NE2 . GLN A 1 173 ? -3.242  -19.451 -6.493  1.00 68.36 ? 173 GLN A NE2 1 
ATOM   1323 N N   . MET A 1 174 ? -5.288  -14.232 -2.807  1.00 49.67 ? 174 MET A N   1 
ATOM   1324 C CA  . MET A 1 174 ? -5.773  -13.798 -1.502  1.00 52.19 ? 174 MET A CA  1 
ATOM   1325 C C   . MET A 1 174 ? -6.292  -12.367 -1.471  1.00 54.19 ? 174 MET A C   1 
ATOM   1326 O O   . MET A 1 174 ? -7.231  -12.083 -0.721  1.00 54.18 ? 174 MET A O   1 
ATOM   1327 C CB  . MET A 1 174 ? -4.667  -13.939 -0.451  1.00 52.77 ? 174 MET A CB  1 
ATOM   1328 C CG  . MET A 1 174 ? -3.722  -15.104 -0.691  1.00 55.21 ? 174 MET A CG  1 
ATOM   1329 S SD  . MET A 1 174 ? -4.443  -16.686 -0.219  1.00 65.26 ? 174 MET A SD  1 
ATOM   1330 C CE  . MET A 1 174 ? -4.390  -16.561 1.566   1.00 49.23 ? 174 MET A CE  1 
ATOM   1331 N N   . THR A 1 175 ? -5.712  -11.459 -2.254  1.00 55.95 ? 175 THR A N   1 
ATOM   1332 C CA  . THR A 1 175 ? -6.023  -10.037 -2.143  1.00 49.13 ? 175 THR A CA  1 
ATOM   1333 C C   . THR A 1 175 ? -7.017  -9.549  -3.189  1.00 46.52 ? 175 THR A C   1 
ATOM   1334 O O   . THR A 1 175 ? -7.860  -8.702  -2.881  1.00 48.04 ? 175 THR A O   1 
ATOM   1335 C CB  . THR A 1 175 ? -4.738  -9.209  -2.243  1.00 49.01 ? 175 THR A CB  1 
ATOM   1336 O OG1 . THR A 1 175 ? -3.744  -9.761  -1.372  1.00 49.99 ? 175 THR A OG1 1 
ATOM   1337 C CG2 . THR A 1 175 ? -5.000  -7.760  -1.856  1.00 39.12 ? 175 THR A CG2 1 
ATOM   1338 N N   . ALA A 1 176 ? -6.937  -10.065 -4.414  1.00 52.14 ? 176 ALA A N   1 
ATOM   1339 C CA  . ALA A 1 176 ? -7.846  -9.622  -5.469  1.00 51.84 ? 176 ALA A CA  1 
ATOM   1340 C C   . ALA A 1 176 ? -9.326  -9.769  -5.123  1.00 52.26 ? 176 ALA A C   1 
ATOM   1341 O O   . ALA A 1 176 ? -10.108 -8.891  -5.528  1.00 51.85 ? 176 ALA A O   1 
ATOM   1342 C CB  . ALA A 1 176 ? -7.521  -10.365 -6.771  1.00 54.17 ? 176 ALA A CB  1 
ATOM   1343 N N   . PRO A 1 177 ? -9.783  -10.811 -4.416  1.00 55.79 ? 177 PRO A N   1 
ATOM   1344 C CA  . PRO A 1 177 ? -11.213 -10.877 -4.057  1.00 48.95 ? 177 PRO A CA  1 
ATOM   1345 C C   . PRO A 1 177 ? -11.714 -9.700  -3.232  1.00 48.34 ? 177 PRO A C   1 
ATOM   1346 O O   . PRO A 1 177 ? -12.933 -9.573  -3.055  1.00 50.14 ? 177 PRO A O   1 
ATOM   1347 C CB  . PRO A 1 177 ? -11.316 -12.186 -3.267  1.00 46.64 ? 177 PRO A CB  1 
ATOM   1348 C CG  . PRO A 1 177 ? -10.233 -13.026 -3.819  1.00 49.91 ? 177 PRO A CG  1 
ATOM   1349 C CD  . PRO A 1 177 ? -9.103  -12.086 -4.110  1.00 55.42 ? 177 PRO A CD  1 
ATOM   1350 N N   . LEU A 1 178 ? -10.827 -8.843  -2.720  1.00 48.10 ? 178 LEU A N   1 
ATOM   1351 C CA  . LEU A 1 178 ? -11.283 -7.644  -2.029  1.00 48.35 ? 178 LEU A CA  1 
ATOM   1352 C C   . LEU A 1 178 ? -11.917 -6.644  -2.985  1.00 50.84 ? 178 LEU A C   1 
ATOM   1353 O O   . LEU A 1 178 ? -12.731 -5.820  -2.551  1.00 51.86 ? 178 LEU A O   1 
ATOM   1354 C CB  . LEU A 1 178 ? -10.125 -6.993  -1.280  1.00 48.24 ? 178 LEU A CB  1 
ATOM   1355 C CG  . LEU A 1 178 ? -9.699  -7.736  -0.016  1.00 47.51 ? 178 LEU A CG  1 
ATOM   1356 C CD1 . LEU A 1 178 ? -8.442  -7.120  0.574   1.00 42.58 ? 178 LEU A CD1 1 
ATOM   1357 C CD2 . LEU A 1 178 ? -10.828 -7.743  1.004   1.00 50.72 ? 178 LEU A CD2 1 
ATOM   1358 N N   . ILE A 1 179 ? -11.567 -6.702  -4.272  1.00 55.35 ? 179 ILE A N   1 
ATOM   1359 C CA  . ILE A 1 179 ? -12.220 -5.851  -5.265  1.00 52.57 ? 179 ILE A CA  1 
ATOM   1360 C C   . ILE A 1 179 ? -13.710 -6.160  -5.322  1.00 56.60 ? 179 ILE A C   1 
ATOM   1361 O O   . ILE A 1 179 ? -14.554 -5.256  -5.297  1.00 56.65 ? 179 ILE A O   1 
ATOM   1362 C CB  . ILE A 1 179 ? -11.554 -6.019  -6.641  1.00 55.77 ? 179 ILE A CB  1 
ATOM   1363 C CG1 . ILE A 1 179 ? -10.069 -5.667  -6.561  1.00 51.14 ? 179 ILE A CG1 1 
ATOM   1364 C CG2 . ILE A 1 179 ? -12.253 -5.162  -7.683  1.00 54.00 ? 179 ILE A CG2 1 
ATOM   1365 C CD1 . ILE A 1 179 ? -9.340  -5.807  -7.881  1.00 48.12 ? 179 ILE A CD1 1 
ATOM   1366 N N   . GLY A 1 180 ? -14.058 -7.448  -5.381  1.00 55.79 ? 180 GLY A N   1 
ATOM   1367 C CA  . GLY A 1 180 ? -15.458 -7.831  -5.331  1.00 52.33 ? 180 GLY A CA  1 
ATOM   1368 C C   . GLY A 1 180 ? -16.058 -7.702  -3.949  1.00 58.32 ? 180 GLY A C   1 
ATOM   1369 O O   . GLY A 1 180 ? -17.265 -7.480  -3.812  1.00 61.46 ? 180 GLY A O   1 
ATOM   1370 N N   . TYR A 1 181 ? -15.232 -7.841  -2.909  1.00 56.21 ? 181 TYR A N   1 
ATOM   1371 C CA  . TYR A 1 181 ? -15.701 -7.665  -1.540  1.00 49.52 ? 181 TYR A CA  1 
ATOM   1372 C C   . TYR A 1 181 ? -16.238 -6.254  -1.330  1.00 55.62 ? 181 TYR A C   1 
ATOM   1373 O O   . TYR A 1 181 ? -17.403 -6.063  -0.963  1.00 57.79 ? 181 TYR A O   1 
ATOM   1374 C CB  . TYR A 1 181 ? -14.560 -7.972  -0.565  1.00 58.75 ? 181 TYR A CB  1 
ATOM   1375 C CG  . TYR A 1 181 ? -14.906 -7.883  0.909   1.00 56.81 ? 181 TYR A CG  1 
ATOM   1376 C CD1 . TYR A 1 181 ? -14.983 -6.655  1.557   1.00 58.04 ? 181 TYR A CD1 1 
ATOM   1377 C CD2 . TYR A 1 181 ? -15.125 -9.030  1.660   1.00 54.66 ? 181 TYR A CD2 1 
ATOM   1378 C CE1 . TYR A 1 181 ? -15.290 -6.572  2.902   1.00 60.80 ? 181 TYR A CE1 1 
ATOM   1379 C CE2 . TYR A 1 181 ? -15.429 -8.959  3.007   1.00 55.09 ? 181 TYR A CE2 1 
ATOM   1380 C CZ  . TYR A 1 181 ? -15.510 -7.727  3.623   1.00 59.37 ? 181 TYR A CZ  1 
ATOM   1381 O OH  . TYR A 1 181 ? -15.813 -7.649  4.962   1.00 51.00 ? 181 TYR A OH  1 
ATOM   1382 N N   . TYR A 1 182 ? -15.396 -5.247  -1.567  1.00 59.94 ? 182 TYR A N   1 
ATOM   1383 C CA  . TYR A 1 182 ? -15.785 -3.868  -1.306  1.00 63.66 ? 182 TYR A CA  1 
ATOM   1384 C C   . TYR A 1 182 ? -16.669 -3.282  -2.398  1.00 60.97 ? 182 TYR A C   1 
ATOM   1385 O O   . TYR A 1 182 ? -17.352 -2.282  -2.149  1.00 61.58 ? 182 TYR A O   1 
ATOM   1386 C CB  . TYR A 1 182 ? -14.538 -3.003  -1.111  1.00 56.62 ? 182 TYR A CB  1 
ATOM   1387 C CG  . TYR A 1 182 ? -13.914 -3.176  0.254   1.00 56.80 ? 182 TYR A CG  1 
ATOM   1388 C CD1 . TYR A 1 182 ? -14.622 -2.859  1.405   1.00 60.85 ? 182 TYR A CD1 1 
ATOM   1389 C CD2 . TYR A 1 182 ? -12.623 -3.672  0.395   1.00 58.02 ? 182 TYR A CD2 1 
ATOM   1390 C CE1 . TYR A 1 182 ? -14.062 -3.019  2.658   1.00 55.07 ? 182 TYR A CE1 1 
ATOM   1391 C CE2 . TYR A 1 182 ? -12.054 -3.836  1.645   1.00 58.67 ? 182 TYR A CE2 1 
ATOM   1392 C CZ  . TYR A 1 182 ? -12.778 -3.508  2.773   1.00 55.22 ? 182 TYR A CZ  1 
ATOM   1393 O OH  . TYR A 1 182 ? -12.220 -3.670  4.019   1.00 58.01 ? 182 TYR A OH  1 
ATOM   1394 N N   . SER A 1 183 ? -16.677 -3.870  -3.597  1.00 61.02 ? 183 SER A N   1 
ATOM   1395 C CA  . SER A 1 183 ? -17.653 -3.452  -4.599  1.00 64.55 ? 183 SER A CA  1 
ATOM   1396 C C   . SER A 1 183 ? -19.057 -3.896  -4.215  1.00 61.97 ? 183 SER A C   1 
ATOM   1397 O O   . SER A 1 183 ? -20.031 -3.197  -4.515  1.00 61.15 ? 183 SER A O   1 
ATOM   1398 C CB  . SER A 1 183 ? -17.281 -4.005  -5.974  1.00 53.40 ? 183 SER A CB  1 
ATOM   1399 O OG  . SER A 1 183 ? -18.178 -3.540  -6.966  1.00 65.70 ? 183 SER A OG  1 
ATOM   1400 N N   . LYS A 1 184 ? -19.179 -5.051  -3.558  1.00 60.78 ? 184 LYS A N   1 
ATOM   1401 C CA  . LYS A 1 184 ? -20.471 -5.469  -3.028  1.00 63.55 ? 184 LYS A CA  1 
ATOM   1402 C C   . LYS A 1 184 ? -20.916 -4.557  -1.891  1.00 62.56 ? 184 LYS A C   1 
ATOM   1403 O O   . LYS A 1 184 ? -22.102 -4.229  -1.777  1.00 60.92 ? 184 LYS A O   1 
ATOM   1404 C CB  . LYS A 1 184 ? -20.399 -6.921  -2.555  1.00 60.02 ? 184 LYS A CB  1 
ATOM   1405 C CG  . LYS A 1 184 ? -21.718 -7.669  -2.628  1.00 59.05 ? 184 LYS A CG  1 
ATOM   1406 C CD  . LYS A 1 184 ? -21.666 -8.950  -1.812  1.00 59.10 ? 184 LYS A CD  1 
ATOM   1407 C CE  . LYS A 1 184 ? -22.810 -9.883  -2.172  1.00 55.03 ? 184 LYS A CE  1 
ATOM   1408 N NZ  . LYS A 1 184 ? -22.593 -10.540 -3.489  1.00 60.76 ? 184 LYS A NZ  1 
ATOM   1409 N N   . GLU A 1 185 ? -19.974 -4.138  -1.041  1.00 64.55 ? 185 GLU A N   1 
ATOM   1410 C CA  . GLU A 1 185 ? -20.306 -3.216  0.038   1.00 66.46 ? 185 GLU A CA  1 
ATOM   1411 C C   . GLU A 1 185 ? -20.717 -1.855  -0.506  1.00 65.50 ? 185 GLU A C   1 
ATOM   1412 O O   . GLU A 1 185 ? -21.615 -1.205  0.043   1.00 68.51 ? 185 GLU A O   1 
ATOM   1413 C CB  . GLU A 1 185 ? -19.121 -3.077  0.993   1.00 64.11 ? 185 GLU A CB  1 
ATOM   1414 C CG  . GLU A 1 185 ? -18.722 -4.373  1.676   1.00 64.24 ? 185 GLU A CG  1 
ATOM   1415 C CD  . GLU A 1 185 ? -19.581 -4.678  2.887   1.00 62.48 ? 185 GLU A CD  1 
ATOM   1416 O OE1 . GLU A 1 185 ? -19.901 -3.736  3.643   1.00 64.15 ? 185 GLU A OE1 1 
ATOM   1417 O OE2 . GLU A 1 185 ? -19.935 -5.859  3.083   1.00 56.50 ? 185 GLU A OE2 1 
ATOM   1418 N N   . ALA A 1 186 ? -20.068 -1.403  -1.581  1.00 66.68 ? 186 ALA A N   1 
ATOM   1419 C CA  . ALA A 1 186 ? -20.476 -0.154  -2.214  1.00 64.46 ? 186 ALA A CA  1 
ATOM   1420 C C   . ALA A 1 186 ? -21.872 -0.275  -2.810  1.00 61.04 ? 186 ALA A C   1 
ATOM   1421 O O   . ALA A 1 186 ? -22.662 0.675   -2.758  1.00 55.53 ? 186 ALA A O   1 
ATOM   1422 C CB  . ALA A 1 186 ? -19.466 0.246   -3.289  1.00 56.57 ? 186 ALA A CB  1 
ATOM   1423 N N   . GLU A 1 187 ? -22.195 -1.440  -3.375  1.00 63.38 ? 187 GLU A N   1 
ATOM   1424 C CA  . GLU A 1 187 ? -23.532 -1.664  -3.910  1.00 61.89 ? 187 GLU A CA  1 
ATOM   1425 C C   . GLU A 1 187 ? -24.580 -1.768  -2.811  1.00 63.11 ? 187 GLU A C   1 
ATOM   1426 O O   . GLU A 1 187 ? -25.768 -1.562  -3.082  1.00 70.65 ? 187 GLU A O   1 
ATOM   1427 C CB  . GLU A 1 187 ? -23.543 -2.924  -4.777  1.00 58.89 ? 187 GLU A CB  1 
ATOM   1428 C CG  . GLU A 1 187 ? -22.970 -2.710  -6.170  1.00 55.72 ? 187 GLU A CG  1 
ATOM   1429 C CD  . GLU A 1 187 ? -22.328 -3.960  -6.742  1.00 54.87 ? 187 GLU A CD  1 
ATOM   1430 O OE1 . GLU A 1 187 ? -22.267 -4.982  -6.028  1.00 57.06 ? 187 GLU A OE1 1 
ATOM   1431 O OE2 . GLU A 1 187 ? -21.882 -3.918  -7.909  1.00 57.40 ? 187 GLU A OE2 1 
ATOM   1432 N N   . ALA A 1 188 ? -24.172 -2.082  -1.585  1.00 61.09 ? 188 ALA A N   1 
ATOM   1433 C CA  . ALA A 1 188 ? -25.070 -2.076  -0.440  1.00 67.10 ? 188 ALA A CA  1 
ATOM   1434 C C   . ALA A 1 188 ? -25.177 -0.706  0.214   1.00 66.55 ? 188 ALA A C   1 
ATOM   1435 O O   . ALA A 1 188 ? -25.943 -0.548  1.171   1.00 70.89 ? 188 ALA A O   1 
ATOM   1436 C CB  . ALA A 1 188 ? -24.617 -3.108  0.598   1.00 68.07 ? 188 ALA A CB  1 
ATOM   1437 N N   . GLY A 1 189 ? -24.432 0.283   -0.275  1.00 65.02 ? 189 GLY A N   1 
ATOM   1438 C CA  . GLY A 1 189 ? -24.479 1.608   0.304   1.00 62.34 ? 189 GLY A CA  1 
ATOM   1439 C C   . GLY A 1 189 ? -23.734 1.763   1.608   1.00 64.54 ? 189 GLY A C   1 
ATOM   1440 O O   . GLY A 1 189 ? -24.012 2.704   2.356   1.00 73.48 ? 189 GLY A O   1 
ATOM   1441 N N   . ASN A 1 190 ? -22.798 0.864   1.913   1.00 69.05 ? 190 ASN A N   1 
ATOM   1442 C CA  . ASN A 1 190 ? -21.986 0.986   3.116   1.00 65.14 ? 190 ASN A CA  1 
ATOM   1443 C C   . ASN A 1 190 ? -20.711 1.780   2.885   1.00 69.32 ? 190 ASN A C   1 
ATOM   1444 O O   . ASN A 1 190 ? -20.083 2.218   3.856   1.00 65.53 ? 190 ASN A O   1 
ATOM   1445 C CB  . ASN A 1 190 ? -21.629 -0.402  3.658   1.00 64.46 ? 190 ASN A CB  1 
ATOM   1446 C CG  . ASN A 1 190 ? -22.828 -1.326  3.729   1.00 66.42 ? 190 ASN A CG  1 
ATOM   1447 O OD1 . ASN A 1 190 ? -22.770 -2.472  3.285   1.00 68.15 ? 190 ASN A OD1 1 
ATOM   1448 N ND2 . ASN A 1 190 ? -23.926 -0.829  4.290   1.00 60.32 ? 190 ASN A ND2 1 
ATOM   1449 N N   . THR A 1 191 ? -20.316 1.972   1.630   1.00 73.02 ? 191 THR A N   1 
ATOM   1450 C CA  . THR A 1 191 ? -19.147 2.766   1.280   1.00 63.43 ? 191 THR A CA  1 
ATOM   1451 C C   . THR A 1 191 ? -19.316 3.233   -0.160  1.00 68.97 ? 191 THR A C   1 
ATOM   1452 O O   . THR A 1 191 ? -20.303 2.909   -0.825  1.00 74.88 ? 191 THR A O   1 
ATOM   1453 C CB  . THR A 1 191 ? -17.851 1.970   1.465   1.00 64.36 ? 191 THR A CB  1 
ATOM   1454 O OG1 . THR A 1 191 ? -16.728 2.857   1.388   1.00 67.02 ? 191 THR A OG1 1 
ATOM   1455 C CG2 . THR A 1 191 ? -17.725 0.903   0.386   1.00 59.12 ? 191 THR A CG2 1 
ATOM   1456 N N   . LYS A 1 192 ? -18.341 4.000   -0.640  1.00 69.58 ? 192 LYS A N   1 
ATOM   1457 C CA  . LYS A 1 192 ? -18.373 4.564   -1.983  1.00 66.57 ? 192 LYS A CA  1 
ATOM   1458 C C   . LYS A 1 192 ? -17.139 4.103   -2.746  1.00 68.16 ? 192 LYS A C   1 
ATOM   1459 O O   . LYS A 1 192 ? -16.013 4.460   -2.387  1.00 70.50 ? 192 LYS A O   1 
ATOM   1460 C CB  . LYS A 1 192 ? -18.450 6.092   -1.930  1.00 73.27 ? 192 LYS A CB  1 
ATOM   1461 C CG  . LYS A 1 192 ? -19.567 6.607   -1.030  1.00 74.48 ? 192 LYS A CG  1 
ATOM   1462 C CD  . LYS A 1 192 ? -19.903 8.061   -1.318  1.00 78.32 ? 192 LYS A CD  1 
ATOM   1463 C CE  . LYS A 1 192 ? -18.898 9.001   -0.672  1.00 78.67 ? 192 LYS A CE  1 
ATOM   1464 N NZ  . LYS A 1 192 ? -19.254 10.429  -0.900  1.00 84.34 ? 192 LYS A NZ  1 
ATOM   1465 N N   . TYR A 1 193 ? -17.356 3.313   -3.794  1.00 64.43 ? 193 TYR A N   1 
ATOM   1466 C CA  . TYR A 1 193 ? -16.272 2.749   -4.581  1.00 58.34 ? 193 TYR A CA  1 
ATOM   1467 C C   . TYR A 1 193 ? -15.802 3.738   -5.644  1.00 59.15 ? 193 TYR A C   1 
ATOM   1468 O O   . TYR A 1 193 ? -16.519 4.667   -6.030  1.00 65.89 ? 193 TYR A O   1 
ATOM   1469 C CB  . TYR A 1 193 ? -16.725 1.449   -5.244  1.00 56.10 ? 193 TYR A CB  1 
ATOM   1470 C CG  . TYR A 1 193 ? -15.609 0.490   -5.590  1.00 54.42 ? 193 TYR A CG  1 
ATOM   1471 C CD1 . TYR A 1 193 ? -15.115 -0.401  -4.647  1.00 58.00 ? 193 TYR A CD1 1 
ATOM   1472 C CD2 . TYR A 1 193 ? -15.062 0.463   -6.866  1.00 54.34 ? 193 TYR A CD2 1 
ATOM   1473 C CE1 . TYR A 1 193 ? -14.102 -1.284  -4.962  1.00 55.82 ? 193 TYR A CE1 1 
ATOM   1474 C CE2 . TYR A 1 193 ? -14.049 -0.416  -7.191  1.00 58.06 ? 193 TYR A CE2 1 
ATOM   1475 C CZ  . TYR A 1 193 ? -13.573 -1.287  -6.234  1.00 56.39 ? 193 TYR A CZ  1 
ATOM   1476 O OH  . TYR A 1 193 ? -12.565 -2.166  -6.552  1.00 60.00 ? 193 TYR A OH  1 
ATOM   1477 N N   . ALA A 1 194 ? -14.577 3.522   -6.124  1.00 58.09 ? 194 ALA A N   1 
ATOM   1478 C CA  . ALA A 1 194 ? -14.018 4.338   -7.200  1.00 57.75 ? 194 ALA A CA  1 
ATOM   1479 C C   . ALA A 1 194 ? -12.842 3.597   -7.814  1.00 58.20 ? 194 ALA A C   1 
ATOM   1480 O O   . ALA A 1 194 ? -11.901 3.232   -7.103  1.00 54.43 ? 194 ALA A O   1 
ATOM   1481 C CB  . ALA A 1 194 ? -13.583 5.707   -6.685  1.00 61.28 ? 194 ALA A CB  1 
ATOM   1482 N N   . LYS A 1 195 ? -12.896 3.373   -9.126  1.00 51.58 ? 195 LYS A N   1 
ATOM   1483 C CA  . LYS A 1 195 ? -11.797 2.763   -9.860  1.00 46.65 ? 195 LYS A CA  1 
ATOM   1484 C C   . LYS A 1 195 ? -10.918 3.855   -10.456 1.00 52.25 ? 195 LYS A C   1 
ATOM   1485 O O   . LYS A 1 195 ? -11.419 4.861   -10.968 1.00 58.47 ? 195 LYS A O   1 
ATOM   1486 C CB  . LYS A 1 195 ? -12.336 1.853   -10.964 1.00 51.45 ? 195 LYS A CB  1 
ATOM   1487 C CG  . LYS A 1 195 ? -11.455 0.663   -11.304 1.00 48.67 ? 195 LYS A CG  1 
ATOM   1488 C CD  . LYS A 1 195 ? -12.247 -0.382  -12.078 1.00 51.33 ? 195 LYS A CD  1 
ATOM   1489 C CE  . LYS A 1 195 ? -11.345 -1.431  -12.703 1.00 58.77 ? 195 LYS A CE  1 
ATOM   1490 N NZ  . LYS A 1 195 ? -12.011 -2.117  -13.848 1.00 61.73 ? 195 LYS A NZ  1 
ATOM   1491 N N   . VAL A 1 196 ? -9.605  3.654   -10.388 1.00 49.67 ? 196 VAL A N   1 
ATOM   1492 C CA  . VAL A 1 196 ? -8.630  4.635   -10.852 1.00 48.58 ? 196 VAL A CA  1 
ATOM   1493 C C   . VAL A 1 196 ? -7.725  3.976   -11.883 1.00 51.93 ? 196 VAL A C   1 
ATOM   1494 O O   . VAL A 1 196 ? -7.229  2.865   -11.663 1.00 56.89 ? 196 VAL A O   1 
ATOM   1495 C CB  . VAL A 1 196 ? -7.805  5.210   -9.684  1.00 53.80 ? 196 VAL A CB  1 
ATOM   1496 C CG1 . VAL A 1 196 ? -6.578  5.949   -10.202 1.00 51.62 ? 196 VAL A CG1 1 
ATOM   1497 C CG2 . VAL A 1 196 ? -8.666  6.134   -8.836  1.00 53.90 ? 196 VAL A CG2 1 
ATOM   1498 N N   . ASP A 1 197 ? -7.514  4.661   -13.006 1.00 51.42 ? 197 ASP A N   1 
ATOM   1499 C CA  . ASP A 1 197 ? -6.618  4.188   -14.060 1.00 50.70 ? 197 ASP A CA  1 
ATOM   1500 C C   . ASP A 1 197 ? -5.181  4.394   -13.594 1.00 50.12 ? 197 ASP A C   1 
ATOM   1501 O O   . ASP A 1 197 ? -4.640  5.499   -13.675 1.00 51.43 ? 197 ASP A O   1 
ATOM   1502 C CB  . ASP A 1 197 ? -6.892  4.928   -15.365 1.00 44.50 ? 197 ASP A CB  1 
ATOM   1503 C CG  . ASP A 1 197 ? -6.127  4.348   -16.543 1.00 47.15 ? 197 ASP A CG  1 
ATOM   1504 O OD1 . ASP A 1 197 ? -5.302  3.432   -16.340 1.00 43.26 ? 197 ASP A OD1 1 
ATOM   1505 O OD2 . ASP A 1 197 ? -6.353  4.812   -17.679 1.00 61.64 ? 197 ASP A OD2 1 
ATOM   1506 N N   . GLY A 1 198 ? -4.557  3.323   -13.111 1.00 41.01 ? 198 GLY A N   1 
ATOM   1507 C CA  . GLY A 1 198 ? -3.189  3.387   -12.644 1.00 43.36 ? 198 GLY A CA  1 
ATOM   1508 C C   . GLY A 1 198 ? -2.128  3.356   -13.718 1.00 50.11 ? 198 GLY A C   1 
ATOM   1509 O O   . GLY A 1 198 ? -0.936  3.356   -13.398 1.00 53.70 ? 198 GLY A O   1 
ATOM   1510 N N   . THR A 1 199 ? -2.523  3.327   -14.991 1.00 52.24 ? 199 THR A N   1 
ATOM   1511 C CA  . THR A 1 199 ? -1.573  3.317   -16.094 1.00 51.47 ? 199 THR A CA  1 
ATOM   1512 C C   . THR A 1 199 ? -1.144  4.711   -16.525 1.00 53.69 ? 199 THR A C   1 
ATOM   1513 O O   . THR A 1 199 ? -0.122  4.847   -17.206 1.00 47.82 ? 199 THR A O   1 
ATOM   1514 C CB  . THR A 1 199 ? -2.171  2.590   -17.302 1.00 48.56 ? 199 THR A CB  1 
ATOM   1515 O OG1 . THR A 1 199 ? -3.430  3.183   -17.641 1.00 54.59 ? 199 THR A OG1 1 
ATOM   1516 C CG2 . THR A 1 199 ? -2.386  1.135   -16.981 1.00 50.11 ? 199 THR A CG2 1 
ATOM   1517 N N   . LYS A 1 200 ? -1.898  5.738   -16.150 1.00 51.89 ? 200 LYS A N   1 
ATOM   1518 C CA  . LYS A 1 200 ? -1.597  7.124   -16.486 1.00 51.97 ? 200 LYS A CA  1 
ATOM   1519 C C   . LYS A 1 200 ? -0.291  7.551   -15.826 1.00 53.77 ? 200 LYS A C   1 
ATOM   1520 O O   . LYS A 1 200 ? 0.213   6.842   -14.947 1.00 61.24 ? 200 LYS A O   1 
ATOM   1521 C CB  . LYS A 1 200 ? -2.745  8.031   -16.035 1.00 52.56 ? 200 LYS A CB  1 
ATOM   1522 C CG  . LYS A 1 200 ? -4.062  7.791   -16.754 1.00 48.19 ? 200 LYS A CG  1 
ATOM   1523 C CD  . LYS A 1 200 ? -5.111  8.797   -16.308 1.00 45.65 ? 200 LYS A CD  1 
ATOM   1524 C CE  . LYS A 1 200 ? -6.439  8.572   -17.009 1.00 43.44 ? 200 LYS A CE  1 
ATOM   1525 N NZ  . LYS A 1 200 ? -7.487  9.495   -16.494 1.00 43.81 ? 200 LYS A NZ  1 
ATOM   1526 N N   . PRO A 1 201 ? 0.293   8.686   -16.211 1.00 59.46 ? 201 PRO A N   1 
ATOM   1527 C CA  . PRO A 1 201 ? 1.396   9.241   -15.422 1.00 61.11 ? 201 PRO A CA  1 
ATOM   1528 C C   . PRO A 1 201 ? 0.899   9.666   -14.049 1.00 55.91 ? 201 PRO A C   1 
ATOM   1529 O O   . PRO A 1 201 ? -0.295  9.862   -13.821 1.00 54.99 ? 201 PRO A O   1 
ATOM   1530 C CB  . PRO A 1 201 ? 1.861   10.450  -16.241 1.00 59.06 ? 201 PRO A CB  1 
ATOM   1531 C CG  . PRO A 1 201 ? 1.303   10.220  -17.626 1.00 49.01 ? 201 PRO A CG  1 
ATOM   1532 C CD  . PRO A 1 201 ? 0.013   9.504   -17.403 1.00 51.50 ? 201 PRO A CD  1 
ATOM   1533 N N   . VAL A 1 202 ? 1.843   9.793   -13.114 1.00 57.65 ? 202 VAL A N   1 
ATOM   1534 C CA  . VAL A 1 202 ? 1.477   10.115  -11.733 1.00 62.62 ? 202 VAL A CA  1 
ATOM   1535 C C   . VAL A 1 202 ? 0.769   11.458  -11.642 1.00 63.36 ? 202 VAL A C   1 
ATOM   1536 O O   . VAL A 1 202 ? -0.034  11.680  -10.718 1.00 63.69 ? 202 VAL A O   1 
ATOM   1537 C CB  . VAL A 1 202 ? 2.716   10.072  -10.807 1.00 50.84 ? 202 VAL A CB  1 
ATOM   1538 C CG1 . VAL A 1 202 ? 3.580   8.848   -11.125 1.00 54.32 ? 202 VAL A CG1 1 
ATOM   1539 C CG2 . VAL A 1 202 ? 3.527   11.339  -10.913 1.00 64.56 ? 202 VAL A CG2 1 
ATOM   1540 N N   . CYS A 1 203 ? 1.057   12.372  -12.581 1.00 58.31 ? 203 CYS A N   1 
ATOM   1541 C CA  . CYS A 1 203 ? 0.394   13.665  -12.568 1.00 55.44 ? 203 CYS A CA  1 
ATOM   1542 C C   . CYS A 1 203 ? -1.107  13.508  -12.776 1.00 58.46 ? 203 CYS A C   1 
ATOM   1543 O O   . CYS A 1 203 ? -1.909  14.164  -12.101 1.00 56.77 ? 203 CYS A O   1 
ATOM   1544 C CB  . CYS A 1 203 ? 0.993   14.562  -13.641 1.00 64.03 ? 203 CYS A CB  1 
ATOM   1545 S SG  . CYS A 1 203 ? -0.113  15.848  -14.246 1.00 86.31 ? 203 CYS A SG  1 
ATOM   1546 N N   . GLU A 1 204 ? -1.511  12.652  -13.718 1.00 60.47 ? 204 GLU A N   1 
ATOM   1547 C CA  . GLU A 1 204 ? -2.930  12.493  -14.017 1.00 59.28 ? 204 GLU A CA  1 
ATOM   1548 C C   . GLU A 1 204 ? -3.631  11.616  -12.986 1.00 63.76 ? 204 GLU A C   1 
ATOM   1549 O O   . GLU A 1 204 ? -4.798  11.856  -12.654 1.00 61.97 ? 204 GLU A O   1 
ATOM   1550 C CB  . GLU A 1 204 ? -3.102  11.917  -15.423 1.00 59.82 ? 204 GLU A CB  1 
ATOM   1551 C CG  . GLU A 1 204 ? -2.115  12.476  -16.435 1.00 62.47 ? 204 GLU A CG  1 
ATOM   1552 C CD  . GLU A 1 204 ? -2.446  12.064  -17.855 1.00 67.26 ? 204 GLU A CD  1 
ATOM   1553 O OE1 . GLU A 1 204 ? -3.600  11.649  -18.105 1.00 63.52 ? 204 GLU A OE1 1 
ATOM   1554 O OE2 . GLU A 1 204 ? -1.552  12.156  -18.722 1.00 67.63 ? 204 GLU A OE2 1 
ATOM   1555 N N   . VAL A 1 205 ? -2.938  10.597  -12.474 1.00 63.68 ? 205 VAL A N   1 
ATOM   1556 C CA  . VAL A 1 205 ? -3.510  9.771   -11.415 1.00 57.21 ? 205 VAL A CA  1 
ATOM   1557 C C   . VAL A 1 205 ? -3.804  10.624  -10.188 1.00 62.34 ? 205 VAL A C   1 
ATOM   1558 O O   . VAL A 1 205 ? -4.852  10.479  -9.545  1.00 62.89 ? 205 VAL A O   1 
ATOM   1559 C CB  . VAL A 1 205 ? -2.568  8.601   -11.077 1.00 60.25 ? 205 VAL A CB  1 
ATOM   1560 C CG1 . VAL A 1 205 ? -3.160  7.739   -9.966  1.00 63.45 ? 205 VAL A CG1 1 
ATOM   1561 C CG2 . VAL A 1 205 ? -2.296  7.758   -12.313 1.00 54.46 ? 205 VAL A CG2 1 
ATOM   1562 N N   . ARG A 1 206 ? -2.885  11.530  -9.847  1.00 59.18 ? 206 ARG A N   1 
ATOM   1563 C CA  . ARG A 1 206 ? -3.129  12.449  -8.741  1.00 60.67 ? 206 ARG A CA  1 
ATOM   1564 C C   . ARG A 1 206 ? -4.249  13.429  -9.071  1.00 62.00 ? 206 ARG A C   1 
ATOM   1565 O O   . ARG A 1 206 ? -4.943  13.906  -8.165  1.00 64.83 ? 206 ARG A O   1 
ATOM   1566 C CB  . ARG A 1 206 ? -1.823  13.183  -8.396  1.00 61.07 ? 206 ARG A CB  1 
ATOM   1567 C CG  . ARG A 1 206 ? -1.976  14.623  -7.941  1.00 66.48 ? 206 ARG A CG  1 
ATOM   1568 C CD  . ARG A 1 206 ? -0.667  15.390  -8.080  1.00 79.90 ? 206 ARG A CD  1 
ATOM   1569 N NE  . ARG A 1 206 ? 0.409   14.791  -7.295  1.00 79.28 ? 206 ARG A NE  1 
ATOM   1570 C CZ  . ARG A 1 206 ? 1.668   14.692  -7.709  1.00 85.42 ? 206 ARG A CZ  1 
ATOM   1571 N NH1 . ARG A 1 206 ? 2.015   15.155  -8.903  1.00 74.63 ? 206 ARG A NH1 1 
ATOM   1572 N NH2 . ARG A 1 206 ? 2.583   14.132  -6.930  1.00 93.06 ? 206 ARG A NH2 1 
ATOM   1573 N N   . ALA A 1 207 ? -4.459  13.715  -10.359 1.00 65.19 ? 207 ALA A N   1 
ATOM   1574 C CA  . ALA A 1 207 ? -5.577  14.568  -10.747 1.00 65.44 ? 207 ALA A CA  1 
ATOM   1575 C C   . ALA A 1 207 ? -6.903  13.822  -10.645 1.00 61.17 ? 207 ALA A C   1 
ATOM   1576 O O   . ALA A 1 207 ? -7.901  14.380  -10.173 1.00 59.62 ? 207 ALA A O   1 
ATOM   1577 C CB  . ALA A 1 207 ? -5.372  15.103  -12.162 1.00 56.86 ? 207 ALA A CB  1 
ATOM   1578 N N   . ASP A 1 208 ? -6.931  12.559  -11.083 1.00 61.51 ? 208 ASP A N   1 
ATOM   1579 C CA  . ASP A 1 208 ? -8.152  11.765  -10.982 1.00 65.31 ? 208 ASP A CA  1 
ATOM   1580 C C   . ASP A 1 208 ? -8.578  11.592  -9.529  1.00 60.28 ? 208 ASP A C   1 
ATOM   1581 O O   . ASP A 1 208 ? -9.775  11.618  -9.217  1.00 60.59 ? 208 ASP A O   1 
ATOM   1582 C CB  . ASP A 1 208 ? -7.947  10.404  -11.649 1.00 65.45 ? 208 ASP A CB  1 
ATOM   1583 C CG  . ASP A 1 208 ? -8.049  10.473  -13.160 1.00 64.30 ? 208 ASP A CG  1 
ATOM   1584 O OD1 . ASP A 1 208 ? -9.077  10.970  -13.667 1.00 65.63 ? 208 ASP A OD1 1 
ATOM   1585 O OD2 . ASP A 1 208 ? -7.106  10.022  -13.841 1.00 64.94 ? 208 ASP A OD2 1 
ATOM   1586 N N   . LEU A 1 209 ? -7.610  11.422  -8.626  1.00 55.10 ? 209 LEU A N   1 
ATOM   1587 C CA  . LEU A 1 209 ? -7.936  11.298  -7.209  1.00 62.80 ? 209 LEU A CA  1 
ATOM   1588 C C   . LEU A 1 209 ? -8.543  12.585  -6.668  1.00 58.72 ? 209 LEU A C   1 
ATOM   1589 O O   . LEU A 1 209 ? -9.469  12.548  -5.848  1.00 62.72 ? 209 LEU A O   1 
ATOM   1590 C CB  . LEU A 1 209 ? -6.689  10.922  -6.413  1.00 68.48 ? 209 LEU A CB  1 
ATOM   1591 C CG  . LEU A 1 209 ? -6.151  9.505   -6.613  1.00 63.22 ? 209 LEU A CG  1 
ATOM   1592 C CD1 . LEU A 1 209 ? -4.733  9.406   -6.083  1.00 55.91 ? 209 LEU A CD1 1 
ATOM   1593 C CD2 . LEU A 1 209 ? -7.050  8.489   -5.933  1.00 48.30 ? 209 LEU A CD2 1 
ATOM   1594 N N   . GLU A 1 210 ? -8.033  13.736  -7.115  1.00 63.76 ? 210 GLU A N   1 
ATOM   1595 C CA  . GLU A 1 210 ? -8.568  15.017  -6.661  1.00 66.08 ? 210 GLU A CA  1 
ATOM   1596 C C   . GLU A 1 210 ? -10.041 15.161  -7.023  1.00 67.52 ? 210 GLU A C   1 
ATOM   1597 O O   . GLU A 1 210 ? -10.843 15.643  -6.215  1.00 64.88 ? 210 GLU A O   1 
ATOM   1598 C CB  . GLU A 1 210 ? -7.755  16.165  -7.259  1.00 66.69 ? 210 GLU A CB  1 
ATOM   1599 C CG  . GLU A 1 210 ? -6.625  16.664  -6.376  1.00 68.47 ? 210 GLU A CG  1 
ATOM   1600 C CD  . GLU A 1 210 ? -5.709  17.635  -7.096  1.00 73.51 ? 210 GLU A CD  1 
ATOM   1601 O OE1 . GLU A 1 210 ? -6.075  18.091  -8.201  1.00 81.03 ? 210 GLU A OE1 1 
ATOM   1602 O OE2 . GLU A 1 210 ? -4.625  17.943  -6.559  1.00 73.19 ? 210 GLU A OE2 1 
ATOM   1603 N N   . LYS A 1 211 ? -10.415 14.748  -8.236  1.00 69.07 ? 211 LYS A N   1 
ATOM   1604 C CA  . LYS A 1 211 ? -11.808 14.852  -8.654  1.00 65.82 ? 211 LYS A CA  1 
ATOM   1605 C C   . LYS A 1 211 ? -12.704 13.901  -7.872  1.00 66.52 ? 211 LYS A C   1 
ATOM   1606 O O   . LYS A 1 211 ? -13.876 14.214  -7.631  1.00 68.30 ? 211 LYS A O   1 
ATOM   1607 C CB  . LYS A 1 211 ? -11.928 14.583  -10.155 1.00 55.41 ? 211 LYS A CB  1 
ATOM   1608 N N   . ILE A 1 212 ? -12.177 12.745  -7.465  1.00 62.46 ? 212 ILE A N   1 
ATOM   1609 C CA  . ILE A 1 212 ? -12.985 11.784  -6.721  1.00 65.60 ? 212 ILE A CA  1 
ATOM   1610 C C   . ILE A 1 212 ? -13.215 12.267  -5.293  1.00 68.92 ? 212 ILE A C   1 
ATOM   1611 O O   . ILE A 1 212 ? -14.324 12.161  -4.758  1.00 73.41 ? 212 ILE A O   1 
ATOM   1612 C CB  . ILE A 1 212 ? -12.321 10.396  -6.745  1.00 66.74 ? 212 ILE A CB  1 
ATOM   1613 C CG1 . ILE A 1 212 ? -12.236 9.863   -8.175  1.00 65.02 ? 212 ILE A CG1 1 
ATOM   1614 C CG2 . ILE A 1 212 ? -13.081 9.420   -5.858  1.00 67.40 ? 212 ILE A CG2 1 
ATOM   1615 C CD1 . ILE A 1 212 ? -11.326 8.664   -8.323  1.00 60.39 ? 212 ILE A CD1 1 
ATOM   1616 N N   . LEU A 1 213 ? -12.177 12.814  -4.660  1.00 67.49 ? 213 LEU A N   1 
ATOM   1617 C CA  . LEU A 1 213 ? -12.232 13.142  -3.238  1.00 71.95 ? 213 LEU A CA  1 
ATOM   1618 C C   . LEU A 1 213 ? -12.709 14.573  -2.996  1.00 81.25 ? 213 LEU A C   1 
ATOM   1619 O O   . LEU A 1 213 ? -13.714 14.790  -2.312  1.00 89.15 ? 213 LEU A O   1 
ATOM   1620 C CB  . LEU A 1 213 ? -10.855 12.909  -2.606  1.00 65.87 ? 213 LEU A CB  1 
ATOM   1621 C CG  . LEU A 1 213 ? -10.308 11.495  -2.816  1.00 57.86 ? 213 LEU A CG  1 
ATOM   1622 C CD1 . LEU A 1 213 ? -8.881  11.377  -2.304  1.00 48.60 ? 213 LEU A CD1 1 
ATOM   1623 C CD2 . LEU A 1 213 ? -11.211 10.465  -2.154  1.00 59.19 ? 213 LEU A CD2 1 
ATOM   1624 N N   . GLY A 1 214 ? -11.997 15.553  -3.541  1.00 78.33 ? 214 GLY A N   1 
ATOM   1625 C CA  . GLY A 1 214 ? -12.368 16.944  -3.356  1.00 79.10 ? 214 GLY A CA  1 
ATOM   1626 C C   . GLY A 1 214 ? -11.264 17.933  -3.673  1.00 79.75 ? 214 GLY A C   1 
ATOM   1627 O O   . GLY A 1 214 ? -11.396 19.131  -3.423  1.00 82.86 ? 214 GLY A O   1 
HETATM 1628 P PA  . AP5 B 2 .   ? 4.411   2.133   -5.633  1.00 52.17 ? 301 AP5 A PA  1 
HETATM 1629 O O1A . AP5 B 2 .   ? 4.070   3.711   -5.466  1.00 55.54 ? 301 AP5 A O1A 1 
HETATM 1630 O O2A . AP5 B 2 .   ? 5.393   1.650   -4.625  1.00 49.90 ? 301 AP5 A O2A 1 
HETATM 1631 O O3A . AP5 B 2 .   ? 3.024   1.390   -5.702  1.00 62.23 ? 301 AP5 A O3A 1 
HETATM 1632 P PB  . AP5 B 2 .   ? 2.587   0.467   -4.524  1.00 50.19 ? 301 AP5 A PB  1 
HETATM 1633 O O1B . AP5 B 2 .   ? 1.100   0.165   -5.083  1.00 51.09 ? 301 AP5 A O1B 1 
HETATM 1634 O O2B . AP5 B 2 .   ? 2.510   1.213   -3.252  1.00 68.59 ? 301 AP5 A O2B 1 
HETATM 1635 O O3B . AP5 B 2 .   ? 3.050   -1.056  -4.467  1.00 59.29 ? 301 AP5 A O3B 1 
HETATM 1636 P PG  . AP5 B 2 .   ? 2.134   -1.749  -3.280  1.00 92.52 ? 301 AP5 A PG  1 
HETATM 1637 O O1G . AP5 B 2 .   ? 1.778   -3.336  -3.433  1.00 70.16 ? 301 AP5 A O1G 1 
HETATM 1638 O O2G . AP5 B 2 .   ? 2.226   -1.122  -1.922  1.00 63.95 ? 301 AP5 A O2G 1 
HETATM 1639 O O3G . AP5 B 2 .   ? 3.511   -2.539  -2.879  1.00 65.73 ? 301 AP5 A O3G 1 
HETATM 1640 P PD  . AP5 B 2 .   ? 4.714   -2.263  -1.772  1.00 78.91 ? 301 AP5 A PD  1 
HETATM 1641 O O1D . AP5 B 2 .   ? 4.417   -1.127  -0.607  1.00 69.27 ? 301 AP5 A O1D 1 
HETATM 1642 O O2D . AP5 B 2 .   ? 5.591   -3.441  -1.436  1.00 68.85 ? 301 AP5 A O2D 1 
HETATM 1643 O O3D . AP5 B 2 .   ? 3.612   -3.121  -0.909  1.00 71.34 ? 301 AP5 A O3D 1 
HETATM 1644 P PE  . AP5 B 2 .   ? 3.806   -3.602  0.652   1.00 51.85 ? 301 AP5 A PE  1 
HETATM 1645 O O1E . AP5 B 2 .   ? 4.702   -2.539  1.501   1.00 49.36 ? 301 AP5 A O1E 1 
HETATM 1646 O O2E . AP5 B 2 .   ? 2.469   -3.769  1.283   1.00 49.60 ? 301 AP5 A O2E 1 
HETATM 1647 O O5F . AP5 B 2 .   ? 4.946   1.938   -7.108  1.00 60.93 ? 301 AP5 A O5F 1 
HETATM 1648 C C5F . AP5 B 2 .   ? 5.691   0.908   -7.745  1.00 59.55 ? 301 AP5 A C5F 1 
HETATM 1649 C C4F . AP5 B 2 .   ? 6.936   1.555   -8.394  1.00 56.57 ? 301 AP5 A C4F 1 
HETATM 1650 O O4F . AP5 B 2 .   ? 5.812   2.363   -8.963  1.00 59.08 ? 301 AP5 A O4F 1 
HETATM 1651 C C3F . AP5 B 2 .   ? 7.732   2.861   -8.126  1.00 55.24 ? 301 AP5 A C3F 1 
HETATM 1652 O O3F . AP5 B 2 .   ? 8.745   2.967   -9.094  1.00 62.39 ? 301 AP5 A O3F 1 
HETATM 1653 C C2F . AP5 B 2 .   ? 6.639   3.827   -8.364  1.00 59.20 ? 301 AP5 A C2F 1 
HETATM 1654 O O2F . AP5 B 2 .   ? 7.196   5.151   -8.366  1.00 59.61 ? 301 AP5 A O2F 1 
HETATM 1655 C C1F . AP5 B 2 .   ? 6.392   3.380   -9.774  1.00 54.33 ? 301 AP5 A C1F 1 
HETATM 1656 N N9A . AP5 B 2 .   ? 5.288   4.182   -10.333 1.00 52.47 ? 301 AP5 A N9A 1 
HETATM 1657 C C8A . AP5 B 2 .   ? 4.439   4.721   -9.458  1.00 52.50 ? 301 AP5 A C8A 1 
HETATM 1658 N N7A . AP5 B 2 .   ? 3.474   5.341   -10.122 1.00 50.98 ? 301 AP5 A N7A 1 
HETATM 1659 C C5A . AP5 B 2 .   ? 3.693   5.149   -11.417 1.00 60.05 ? 301 AP5 A C5A 1 
HETATM 1660 C C6A . AP5 B 2 .   ? 3.012   5.565   -12.483 1.00 47.52 ? 301 AP5 A C6A 1 
HETATM 1661 N N6A . AP5 B 2 .   ? 1.924   6.293   -12.246 1.00 51.79 ? 301 AP5 A N6A 1 
HETATM 1662 N N1A . AP5 B 2 .   ? 3.401   5.261   -13.726 1.00 49.27 ? 301 AP5 A N1A 1 
HETATM 1663 C C2A . AP5 B 2 .   ? 4.551   4.493   -13.901 1.00 49.01 ? 301 AP5 A C2A 1 
HETATM 1664 N N3A . AP5 B 2 .   ? 5.245   4.067   -12.766 1.00 55.39 ? 301 AP5 A N3A 1 
HETATM 1665 C C4A . AP5 B 2 .   ? 4.788   4.389   -11.549 1.00 61.07 ? 301 AP5 A C4A 1 
HETATM 1666 O O5J . AP5 B 2 .   ? 4.616   -4.984  0.658   1.00 56.86 ? 301 AP5 A O5J 1 
HETATM 1667 C C5J . AP5 B 2 .   ? 3.893   -6.175  0.881   1.00 53.93 ? 301 AP5 A C5J 1 
HETATM 1668 C C4J . AP5 B 2 .   ? 4.701   -6.964  1.921   1.00 50.45 ? 301 AP5 A C4J 1 
HETATM 1669 O O4J . AP5 B 2 .   ? 4.980   -7.330  3.342   1.00 52.04 ? 301 AP5 A O4J 1 
HETATM 1670 C C3J . AP5 B 2 .   ? 3.517   -8.002  1.901   1.00 54.16 ? 301 AP5 A C3J 1 
HETATM 1671 O O3J . AP5 B 2 .   ? 3.431   -8.604  0.601   1.00 53.23 ? 301 AP5 A O3J 1 
HETATM 1672 C C2J . AP5 B 2 .   ? 3.853   -9.053  2.868   1.00 52.66 ? 301 AP5 A C2J 1 
HETATM 1673 O O2J . AP5 B 2 .   ? 5.170   -9.533  2.624   1.00 62.68 ? 301 AP5 A O2J 1 
HETATM 1674 C C1J . AP5 B 2 .   ? 3.878   -7.949  3.965   1.00 53.42 ? 301 AP5 A C1J 1 
HETATM 1675 N N9B . AP5 B 2 .   ? 2.557   -7.220  4.118   1.00 47.34 ? 301 AP5 A N9B 1 
HETATM 1676 C C8B . AP5 B 2 .   ? 2.311   -5.913  3.969   1.00 45.93 ? 301 AP5 A C8B 1 
HETATM 1677 N N7B . AP5 B 2 .   ? 1.033   -5.688  4.250   1.00 47.00 ? 301 AP5 A N7B 1 
HETATM 1678 C C5B . AP5 B 2 .   ? 0.487   -6.841  4.624   1.00 46.10 ? 301 AP5 A C5B 1 
HETATM 1679 C C6B . AP5 B 2 .   ? -0.751  -7.144  5.011   1.00 43.06 ? 301 AP5 A C6B 1 
HETATM 1680 N N6B . AP5 B 2 .   ? -1.625  -6.142  5.042   1.00 45.24 ? 301 AP5 A N6B 1 
HETATM 1681 N N1B . AP5 B 2 .   ? -1.098  -8.392  5.351   1.00 42.65 ? 301 AP5 A N1B 1 
HETATM 1682 C C2B . AP5 B 2 .   ? -0.135  -9.398  5.299   1.00 46.12 ? 301 AP5 A C2B 1 
HETATM 1683 N N3B . AP5 B 2 .   ? 1.154   -9.054  4.890   1.00 47.08 ? 301 AP5 A N3B 1 
HETATM 1684 C C4B . AP5 B 2 .   ? 1.438   -7.780  4.573   1.00 47.40 ? 301 AP5 A C4B 1 
# 
